data_7LUW
#
_entry.id   7LUW
#
_entity_poly.entity_id   1
_entity_poly.type   'polypeptide(L)'
_entity_poly.pdbx_seq_one_letter_code
;MRGSHHHHHHGSIEGRMICYNQQSSQPPTTKTCSETSCYKKTWRDHRGTIIERGCGCPKVKPGIKLHCCRTDKCNN
;
_entity_poly.pdbx_strand_id   A
#
# COMPACT_ATOMS: atom_id res chain seq x y z
N MET A 1 -6.72 6.79 -20.45
CA MET A 1 -5.55 7.56 -20.94
C MET A 1 -4.75 8.09 -19.75
N ARG A 2 -3.42 8.01 -19.82
CA ARG A 2 -2.45 8.33 -18.74
C ARG A 2 -2.65 7.52 -17.45
N GLY A 3 -3.23 6.31 -17.54
CA GLY A 3 -3.43 5.41 -16.39
C GLY A 3 -2.14 4.74 -15.88
N SER A 4 -1.17 4.49 -16.77
CA SER A 4 0.15 3.91 -16.43
C SER A 4 1.06 4.91 -15.68
N HIS A 5 1.89 4.40 -14.78
CA HIS A 5 2.87 5.20 -14.02
C HIS A 5 4.09 5.64 -14.87
N HIS A 6 4.83 6.64 -14.39
CA HIS A 6 6.13 7.03 -14.95
C HIS A 6 7.25 6.10 -14.47
N HIS A 7 8.12 5.64 -15.38
CA HIS A 7 9.30 4.82 -15.07
C HIS A 7 10.46 5.08 -16.04
N HIS A 8 11.70 4.90 -15.58
CA HIS A 8 12.93 5.33 -16.28
C HIS A 8 13.99 4.23 -16.39
N HIS A 9 15.05 4.49 -17.18
CA HIS A 9 16.22 3.61 -17.32
C HIS A 9 16.98 3.41 -16.00
N HIS A 10 17.49 2.20 -15.75
CA HIS A 10 18.09 1.79 -14.48
C HIS A 10 19.48 1.16 -14.65
N GLY A 11 20.29 1.19 -13.59
CA GLY A 11 21.64 0.61 -13.52
C GLY A 11 22.30 0.60 -12.13
N SER A 12 21.55 0.91 -11.06
CA SER A 12 22.00 0.89 -9.65
C SER A 12 21.45 -0.34 -8.90
N ILE A 13 21.89 -0.54 -7.65
CA ILE A 13 21.52 -1.70 -6.81
C ILE A 13 19.99 -1.89 -6.67
N GLU A 14 19.51 -3.15 -6.66
CA GLU A 14 18.09 -3.47 -6.44
C GLU A 14 17.70 -3.33 -4.95
N GLY A 15 17.53 -2.08 -4.49
CA GLY A 15 16.93 -1.78 -3.19
C GLY A 15 15.42 -2.08 -3.18
N ARG A 16 14.81 -2.19 -1.98
CA ARG A 16 13.36 -2.44 -1.86
C ARG A 16 12.51 -1.32 -2.46
N MET A 17 11.35 -1.72 -2.97
CA MET A 17 10.33 -0.81 -3.51
C MET A 17 9.71 0.02 -2.37
N ILE A 18 9.47 1.32 -2.61
CA ILE A 18 8.86 2.20 -1.61
C ILE A 18 7.34 2.21 -1.75
N CYS A 19 6.66 1.58 -0.80
CA CYS A 19 5.23 1.75 -0.65
C CYS A 19 4.97 3.05 0.14
N TYR A 20 3.71 3.35 0.34
CA TYR A 20 3.27 4.37 1.25
C TYR A 20 2.01 3.89 1.99
N ASN A 21 1.64 4.67 2.99
CA ASN A 21 0.76 4.25 4.10
C ASN A 21 -0.17 5.36 4.64
N GLN A 22 -0.48 6.35 3.81
CA GLN A 22 -1.19 7.56 4.26
C GLN A 22 -2.58 7.28 4.87
N GLN A 23 -3.05 8.17 5.75
CA GLN A 23 -4.23 7.93 6.58
C GLN A 23 -5.03 9.24 6.79
N SER A 24 -6.34 9.15 7.08
CA SER A 24 -7.25 10.31 7.24
C SER A 24 -6.88 11.40 8.26
N SER A 25 -5.79 11.26 9.02
CA SER A 25 -5.15 12.29 9.87
C SER A 25 -3.63 12.49 9.59
N GLN A 26 -3.02 11.66 8.74
CA GLN A 26 -1.56 11.58 8.55
C GLN A 26 -1.14 11.82 7.07
N PRO A 27 -0.06 12.59 6.80
CA PRO A 27 0.40 12.94 5.44
C PRO A 27 0.71 11.76 4.50
N PRO A 28 0.84 12.00 3.17
CA PRO A 28 1.37 11.04 2.19
C PRO A 28 2.75 10.54 2.61
N THR A 29 2.79 9.38 3.28
CA THR A 29 3.96 8.87 4.02
C THR A 29 4.52 7.54 3.54
N THR A 30 5.78 7.56 3.16
CA THR A 30 6.55 6.52 2.43
C THR A 30 7.34 5.57 3.32
N LYS A 31 7.58 4.34 2.83
CA LYS A 31 8.45 3.32 3.45
C LYS A 31 8.75 2.16 2.49
N THR A 32 9.90 1.53 2.67
CA THR A 32 10.26 0.27 2.00
C THR A 32 9.47 -0.92 2.54
N CYS A 33 8.91 -1.72 1.64
CA CYS A 33 8.19 -2.96 1.93
C CYS A 33 8.40 -4.00 0.82
N SER A 34 8.26 -5.28 1.16
CA SER A 34 8.17 -6.40 0.22
C SER A 34 7.13 -7.43 0.68
N GLU A 35 5.98 -6.93 1.13
CA GLU A 35 4.79 -7.76 1.38
C GLU A 35 4.27 -8.36 0.06
N THR A 36 3.30 -9.27 0.11
CA THR A 36 2.71 -9.85 -1.12
C THR A 36 1.92 -8.83 -1.92
N SER A 37 1.53 -7.69 -1.32
CA SER A 37 0.85 -6.54 -1.96
C SER A 37 0.86 -5.29 -1.06
N CYS A 38 0.78 -4.11 -1.66
CA CYS A 38 0.48 -2.82 -1.03
C CYS A 38 -0.98 -2.48 -1.36
N TYR A 39 -1.69 -1.76 -0.49
CA TYR A 39 -3.16 -1.78 -0.57
C TYR A 39 -3.91 -0.43 -0.35
N LYS A 40 -5.25 -0.44 -0.42
CA LYS A 40 -6.20 0.64 -0.05
C LYS A 40 -7.47 0.03 0.59
N LYS A 41 -8.00 0.62 1.67
CA LYS A 41 -9.31 0.26 2.26
C LYS A 41 -9.93 1.38 3.10
N THR A 42 -11.23 1.27 3.35
CA THR A 42 -12.09 2.32 3.94
C THR A 42 -13.29 1.67 4.63
N TRP A 43 -13.69 2.18 5.80
CA TRP A 43 -14.87 1.72 6.54
C TRP A 43 -15.41 2.79 7.51
N ARG A 44 -16.50 2.48 8.20
CA ARG A 44 -17.06 3.30 9.29
C ARG A 44 -16.71 2.72 10.66
N ASP A 45 -16.20 3.55 11.55
CA ASP A 45 -15.70 3.17 12.88
C ASP A 45 -15.98 4.30 13.91
N HIS A 46 -15.49 4.20 15.14
CA HIS A 46 -15.74 5.23 16.18
C HIS A 46 -15.33 6.65 15.74
N ARG A 47 -14.19 6.78 15.04
CA ARG A 47 -13.70 8.05 14.47
C ARG A 47 -14.56 8.62 13.31
N GLY A 48 -15.49 7.85 12.76
CA GLY A 48 -16.28 8.19 11.57
C GLY A 48 -15.91 7.31 10.37
N THR A 49 -16.01 7.83 9.15
CA THR A 49 -15.48 7.19 7.94
C THR A 49 -13.98 7.48 7.86
N ILE A 50 -13.16 6.46 8.10
CA ILE A 50 -11.69 6.55 8.19
C ILE A 50 -11.04 6.01 6.89
N ILE A 51 -9.88 6.53 6.50
CA ILE A 51 -9.22 6.16 5.23
C ILE A 51 -7.84 5.55 5.48
N GLU A 52 -7.60 4.38 4.89
CA GLU A 52 -6.45 3.53 5.21
C GLU A 52 -5.70 2.93 4.00
N ARG A 53 -4.38 2.81 4.15
CA ARG A 53 -3.48 2.04 3.29
C ARG A 53 -2.19 1.66 4.03
N GLY A 54 -1.62 0.51 3.67
CA GLY A 54 -0.28 0.10 4.08
C GLY A 54 0.29 -1.03 3.21
N CYS A 55 1.34 -1.68 3.71
CA CYS A 55 1.93 -2.88 3.10
C CYS A 55 1.25 -4.13 3.71
N GLY A 56 0.77 -5.08 2.89
CA GLY A 56 0.12 -6.32 3.32
C GLY A 56 -1.35 -6.41 2.90
N CYS A 57 -1.89 -7.63 2.83
CA CYS A 57 -3.26 -7.90 2.39
C CYS A 57 -3.94 -9.12 3.09
N PRO A 58 -3.85 -9.28 4.43
CA PRO A 58 -4.58 -10.33 5.15
C PRO A 58 -6.11 -10.10 5.10
N LYS A 59 -6.88 -11.17 5.37
CA LYS A 59 -8.35 -11.10 5.46
C LYS A 59 -8.86 -10.06 6.47
N VAL A 60 -10.02 -9.46 6.20
CA VAL A 60 -10.58 -8.31 6.91
C VAL A 60 -11.97 -8.60 7.50
N LYS A 61 -12.46 -7.70 8.36
CA LYS A 61 -13.84 -7.71 8.88
C LYS A 61 -14.85 -7.27 7.78
N PRO A 62 -16.10 -7.78 7.79
CA PRO A 62 -17.07 -7.51 6.73
C PRO A 62 -17.53 -6.05 6.69
N GLY A 63 -17.80 -5.55 5.49
CA GLY A 63 -18.18 -4.16 5.20
C GLY A 63 -16.98 -3.22 4.94
N ILE A 64 -15.74 -3.65 5.19
CA ILE A 64 -14.56 -2.90 4.75
C ILE A 64 -14.31 -3.13 3.25
N LYS A 65 -14.04 -2.06 2.50
CA LYS A 65 -13.85 -2.08 1.04
C LYS A 65 -12.36 -2.25 0.68
N LEU A 66 -11.85 -3.47 0.72
CA LEU A 66 -10.43 -3.81 0.52
C LEU A 66 -10.02 -3.85 -0.96
N HIS A 67 -8.80 -3.39 -1.29
CA HIS A 67 -8.15 -3.64 -2.59
C HIS A 67 -6.63 -3.62 -2.42
N CYS A 68 -5.89 -4.49 -3.12
CA CYS A 68 -4.45 -4.62 -2.89
C CYS A 68 -3.65 -5.03 -4.16
N CYS A 69 -2.73 -4.16 -4.60
CA CYS A 69 -1.84 -4.30 -5.78
C CYS A 69 -0.43 -4.77 -5.38
N ARG A 70 0.37 -5.30 -6.31
CA ARG A 70 1.61 -6.01 -5.97
C ARG A 70 2.76 -5.21 -5.30
N THR A 71 3.05 -3.96 -5.67
CA THR A 71 4.27 -3.24 -5.22
C THR A 71 4.10 -1.73 -5.03
N ASP A 72 5.02 -1.10 -4.29
CA ASP A 72 5.20 0.34 -4.18
C ASP A 72 3.89 1.18 -4.06
N LYS A 73 3.77 2.26 -4.83
CA LYS A 73 2.61 3.09 -5.09
C LYS A 73 1.62 2.45 -6.09
N CYS A 74 1.74 1.18 -6.47
CA CYS A 74 0.89 0.63 -7.54
C CYS A 74 -0.59 0.49 -7.13
N ASN A 75 -0.91 0.57 -5.83
CA ASN A 75 -2.29 0.66 -5.38
C ASN A 75 -2.79 2.12 -5.35
N ASN A 76 -2.01 3.00 -4.72
CA ASN A 76 -2.23 4.43 -4.58
C ASN A 76 -3.65 4.82 -4.13
N MET A 1 46.00 -14.31 15.79
CA MET A 1 46.30 -14.51 14.36
C MET A 1 46.30 -13.18 13.61
N ARG A 2 47.01 -13.11 12.47
CA ARG A 2 47.08 -11.92 11.62
C ARG A 2 45.69 -11.41 11.19
N GLY A 3 45.50 -10.10 11.33
CA GLY A 3 44.24 -9.41 11.08
C GLY A 3 44.00 -9.06 9.61
N SER A 4 42.82 -8.49 9.35
CA SER A 4 42.38 -7.98 8.05
C SER A 4 41.38 -6.84 8.22
N HIS A 5 41.42 -5.81 7.36
CA HIS A 5 40.45 -4.72 7.41
C HIS A 5 39.04 -5.19 7.00
N HIS A 6 37.98 -4.56 7.55
CA HIS A 6 36.60 -5.03 7.39
C HIS A 6 36.01 -4.78 5.99
N HIS A 7 35.08 -5.64 5.58
CA HIS A 7 34.39 -5.60 4.29
C HIS A 7 33.09 -4.78 4.34
N HIS A 8 32.61 -4.34 3.18
CA HIS A 8 31.28 -3.72 2.98
C HIS A 8 30.85 -3.83 1.52
N HIS A 9 29.56 -3.62 1.23
CA HIS A 9 29.02 -3.54 -0.13
C HIS A 9 27.87 -2.53 -0.27
N HIS A 10 27.88 -1.74 -1.34
CA HIS A 10 26.89 -0.68 -1.63
C HIS A 10 25.58 -1.19 -2.26
N GLY A 11 25.49 -2.47 -2.61
CA GLY A 11 24.28 -3.07 -3.21
C GLY A 11 23.22 -3.51 -2.21
N SER A 12 22.03 -3.84 -2.72
CA SER A 12 20.84 -4.28 -1.95
C SER A 12 19.89 -5.12 -2.80
N ILE A 13 18.90 -5.77 -2.19
CA ILE A 13 17.86 -6.57 -2.86
C ILE A 13 16.98 -5.73 -3.80
N GLU A 14 16.46 -6.31 -4.87
CA GLU A 14 15.42 -5.73 -5.72
C GLU A 14 14.06 -6.39 -5.45
N GLY A 15 13.04 -5.61 -5.07
CA GLY A 15 11.68 -6.06 -4.78
C GLY A 15 11.05 -5.52 -3.48
N ARG A 16 11.70 -4.56 -2.82
CA ARG A 16 11.29 -3.97 -1.54
C ARG A 16 10.35 -2.78 -1.74
N MET A 17 9.11 -2.89 -1.28
CA MET A 17 8.13 -1.79 -1.29
C MET A 17 8.59 -0.66 -0.35
N ILE A 18 8.32 0.60 -0.70
CA ILE A 18 8.45 1.78 0.20
C ILE A 18 7.05 2.19 0.67
N CYS A 19 6.24 1.18 0.98
CA CYS A 19 4.82 1.24 1.21
C CYS A 19 4.38 2.33 2.19
N TYR A 20 3.55 3.23 1.67
CA TYR A 20 2.82 4.25 2.40
C TYR A 20 1.68 3.60 3.21
N ASN A 21 0.82 4.45 3.75
CA ASN A 21 -0.26 4.10 4.69
C ASN A 21 -1.12 5.34 5.04
N GLN A 22 -1.13 6.34 4.16
CA GLN A 22 -1.69 7.66 4.49
C GLN A 22 -3.15 7.61 4.98
N GLN A 23 -3.46 8.45 5.94
CA GLN A 23 -4.85 8.73 6.36
C GLN A 23 -5.46 9.82 5.46
N SER A 24 -6.79 9.94 5.42
CA SER A 24 -7.55 10.81 4.49
C SER A 24 -7.35 12.33 4.65
N SER A 25 -6.56 12.76 5.64
CA SER A 25 -6.30 14.16 6.00
C SER A 25 -4.88 14.37 6.55
N GLN A 26 -3.88 13.79 5.86
CA GLN A 26 -2.44 13.96 6.17
C GLN A 26 -1.56 13.78 4.92
N PRO A 27 -0.29 14.24 4.92
CA PRO A 27 0.67 13.99 3.85
C PRO A 27 0.93 12.50 3.55
N PRO A 28 1.38 12.14 2.35
CA PRO A 28 1.77 10.77 2.02
C PRO A 28 3.00 10.31 2.83
N THR A 29 2.81 9.25 3.62
CA THR A 29 3.85 8.48 4.34
C THR A 29 4.70 7.57 3.42
N THR A 30 5.79 6.96 3.91
CA THR A 30 6.57 5.88 3.24
C THR A 30 7.26 4.95 4.23
N LYS A 31 7.46 3.68 3.85
CA LYS A 31 8.04 2.62 4.74
C LYS A 31 8.46 1.35 4.03
N THR A 32 9.61 0.78 4.42
CA THR A 32 10.16 -0.41 3.77
C THR A 32 9.55 -1.74 4.20
N CYS A 33 9.05 -2.49 3.22
CA CYS A 33 8.39 -3.78 3.40
C CYS A 33 8.81 -4.80 2.32
N SER A 34 8.98 -6.06 2.74
CA SER A 34 9.30 -7.22 1.90
C SER A 34 8.07 -7.81 1.17
N GLU A 35 6.87 -7.34 1.52
CA GLU A 35 5.58 -7.81 0.99
C GLU A 35 5.36 -7.51 -0.51
N THR A 36 4.30 -8.11 -1.09
CA THR A 36 3.97 -8.01 -2.52
C THR A 36 3.04 -6.83 -2.91
N SER A 37 2.53 -6.04 -1.95
CA SER A 37 1.57 -4.94 -2.21
C SER A 37 1.48 -3.95 -1.04
N CYS A 38 0.71 -2.86 -1.21
CA CYS A 38 0.48 -1.80 -0.21
C CYS A 38 -1.00 -1.45 0.05
N TYR A 39 -1.92 -2.19 -0.57
CA TYR A 39 -3.37 -2.22 -0.33
C TYR A 39 -4.14 -0.87 -0.38
N LYS A 40 -5.45 -0.98 -0.15
CA LYS A 40 -6.42 0.09 0.10
C LYS A 40 -7.62 -0.51 0.83
N LYS A 41 -8.01 0.02 1.99
CA LYS A 41 -9.20 -0.43 2.73
C LYS A 41 -9.96 0.72 3.43
N THR A 42 -11.26 0.53 3.69
CA THR A 42 -12.12 1.56 4.31
C THR A 42 -13.22 0.96 5.19
N TRP A 43 -13.46 1.56 6.36
CA TRP A 43 -14.60 1.28 7.24
C TRP A 43 -14.99 2.53 8.03
N ARG A 44 -15.91 2.40 9.00
CA ARG A 44 -16.34 3.47 9.92
C ARG A 44 -16.03 3.22 11.41
N ASP A 45 -15.69 4.30 12.11
CA ASP A 45 -15.50 4.40 13.57
C ASP A 45 -16.12 5.71 14.11
N HIS A 46 -15.82 6.10 15.35
CA HIS A 46 -16.46 7.25 16.02
C HIS A 46 -16.36 8.62 15.33
N ARG A 47 -15.34 8.89 14.49
CA ARG A 47 -15.29 10.11 13.63
C ARG A 47 -16.04 9.97 12.29
N GLY A 48 -16.41 8.76 11.88
CA GLY A 48 -16.91 8.44 10.54
C GLY A 48 -15.92 7.54 9.80
N THR A 49 -15.74 7.76 8.49
CA THR A 49 -14.84 6.96 7.65
C THR A 49 -13.37 7.23 7.95
N ILE A 50 -12.57 6.17 7.97
CA ILE A 50 -11.11 6.17 8.01
C ILE A 50 -10.60 5.47 6.74
N ILE A 51 -9.57 6.00 6.07
CA ILE A 51 -9.10 5.48 4.77
C ILE A 51 -7.68 4.96 4.89
N GLU A 52 -7.58 3.63 4.94
CA GLU A 52 -6.37 2.88 5.26
C GLU A 52 -5.70 2.19 4.07
N ARG A 53 -4.43 1.84 4.26
CA ARG A 53 -3.50 1.26 3.27
C ARG A 53 -2.29 0.65 4.00
N GLY A 54 -1.76 -0.50 3.60
CA GLY A 54 -0.56 -1.06 4.26
C GLY A 54 -0.02 -2.37 3.66
N CYS A 55 1.21 -2.74 4.05
CA CYS A 55 2.01 -3.81 3.43
C CYS A 55 1.32 -5.20 3.42
N GLY A 56 1.21 -5.81 2.24
CA GLY A 56 0.56 -7.11 2.00
C GLY A 56 -0.69 -7.05 1.11
N CYS A 57 -1.31 -8.22 0.88
CA CYS A 57 -2.55 -8.40 0.11
C CYS A 57 -3.56 -9.37 0.76
N PRO A 58 -3.81 -9.31 2.10
CA PRO A 58 -4.59 -10.32 2.82
C PRO A 58 -6.11 -10.12 2.68
N LYS A 59 -6.91 -10.91 3.42
CA LYS A 59 -8.34 -10.66 3.67
C LYS A 59 -8.52 -9.44 4.60
N VAL A 60 -9.76 -8.98 4.79
CA VAL A 60 -10.11 -7.93 5.76
C VAL A 60 -11.10 -8.42 6.81
N LYS A 61 -11.08 -7.78 7.99
CA LYS A 61 -12.04 -8.01 9.08
C LYS A 61 -13.48 -7.66 8.67
N PRO A 62 -14.51 -8.14 9.41
CA PRO A 62 -15.91 -7.77 9.16
C PRO A 62 -16.14 -6.25 9.22
N GLY A 63 -16.92 -5.72 8.27
CA GLY A 63 -17.25 -4.30 8.16
C GLY A 63 -16.36 -3.48 7.22
N ILE A 64 -15.30 -4.07 6.65
CA ILE A 64 -14.30 -3.34 5.85
C ILE A 64 -14.41 -3.61 4.32
N LYS A 65 -14.27 -2.54 3.52
CA LYS A 65 -14.15 -2.52 2.05
C LYS A 65 -12.68 -2.63 1.62
N LEU A 66 -12.36 -3.24 0.48
CA LEU A 66 -10.98 -3.64 0.13
C LEU A 66 -10.55 -3.51 -1.36
N HIS A 67 -9.26 -3.27 -1.59
CA HIS A 67 -8.59 -3.34 -2.89
C HIS A 67 -7.07 -3.59 -2.72
N CYS A 68 -6.44 -4.23 -3.72
CA CYS A 68 -5.01 -4.58 -3.75
C CYS A 68 -4.43 -4.40 -5.17
N CYS A 69 -3.10 -4.24 -5.30
CA CYS A 69 -2.43 -3.93 -6.58
C CYS A 69 -1.05 -4.62 -6.69
N ARG A 70 -0.49 -4.72 -7.90
CA ARG A 70 0.70 -5.57 -8.18
C ARG A 70 2.03 -5.08 -7.60
N THR A 71 2.33 -3.78 -7.65
CA THR A 71 3.62 -3.18 -7.22
C THR A 71 3.46 -2.23 -6.03
N ASP A 72 4.53 -1.54 -5.61
CA ASP A 72 4.63 -0.62 -4.47
C ASP A 72 3.57 0.51 -4.39
N LYS A 73 3.80 1.73 -4.90
CA LYS A 73 2.82 2.84 -4.96
C LYS A 73 1.61 2.54 -5.89
N CYS A 74 1.52 1.33 -6.47
CA CYS A 74 0.49 0.90 -7.43
C CYS A 74 -0.94 1.28 -7.01
N ASN A 75 -1.24 1.14 -5.72
CA ASN A 75 -2.56 1.37 -5.12
C ASN A 75 -2.82 2.82 -4.65
N ASN A 76 -1.86 3.74 -4.83
CA ASN A 76 -1.89 5.10 -4.29
C ASN A 76 -3.13 5.92 -4.67
N MET A 1 -6.43 3.39 -29.66
CA MET A 1 -5.56 4.58 -29.50
C MET A 1 -4.13 4.25 -29.94
N ARG A 2 -3.32 5.29 -30.21
CA ARG A 2 -1.90 5.20 -30.57
C ARG A 2 -1.03 4.93 -29.34
N GLY A 3 -0.09 3.98 -29.46
CA GLY A 3 0.84 3.62 -28.38
C GLY A 3 0.19 2.76 -27.29
N SER A 4 0.78 2.74 -26.10
CA SER A 4 0.34 1.92 -24.96
C SER A 4 0.48 2.67 -23.64
N HIS A 5 -0.52 2.56 -22.76
CA HIS A 5 -0.53 3.16 -21.43
C HIS A 5 0.32 2.38 -20.40
N HIS A 6 1.44 1.83 -20.86
CA HIS A 6 2.40 1.09 -20.03
C HIS A 6 3.24 2.03 -19.15
N HIS A 7 3.60 1.58 -17.96
CA HIS A 7 4.46 2.34 -17.04
C HIS A 7 5.92 2.31 -17.50
N HIS A 8 6.63 3.44 -17.42
CA HIS A 8 8.02 3.58 -17.91
C HIS A 8 9.08 3.19 -16.87
N HIS A 9 8.79 2.19 -16.02
CA HIS A 9 9.78 1.62 -15.09
C HIS A 9 10.92 0.92 -15.84
N HIS A 10 12.11 0.83 -15.26
CA HIS A 10 13.20 0.00 -15.80
C HIS A 10 12.83 -1.48 -15.70
N GLY A 11 13.26 -2.30 -16.67
CA GLY A 11 12.88 -3.72 -16.77
C GLY A 11 13.25 -4.56 -15.54
N SER A 12 14.35 -4.22 -14.84
CA SER A 12 14.82 -4.95 -13.65
C SER A 12 14.35 -4.34 -12.33
N ILE A 13 14.10 -5.16 -11.31
CA ILE A 13 13.60 -4.76 -9.98
C ILE A 13 14.51 -3.78 -9.24
N GLU A 14 13.91 -2.85 -8.48
CA GLU A 14 14.61 -1.95 -7.54
C GLU A 14 14.39 -2.38 -6.08
N GLY A 15 15.06 -3.48 -5.67
CA GLY A 15 15.06 -3.97 -4.29
C GLY A 15 13.68 -4.29 -3.69
N ARG A 16 13.46 -3.89 -2.44
CA ARG A 16 12.16 -3.95 -1.76
C ARG A 16 11.28 -2.73 -2.06
N MET A 17 9.98 -2.94 -2.22
CA MET A 17 9.00 -1.92 -2.57
C MET A 17 8.85 -0.83 -1.50
N ILE A 18 8.54 0.40 -1.96
CA ILE A 18 8.12 1.50 -1.07
C ILE A 18 6.58 1.58 -1.05
N CYS A 19 5.93 0.70 -0.30
CA CYS A 19 4.46 0.65 -0.21
C CYS A 19 4.02 1.77 0.72
N TYR A 20 3.14 2.64 0.23
CA TYR A 20 2.69 3.81 0.96
C TYR A 20 1.50 3.41 1.82
N ASN A 21 1.14 4.32 2.69
CA ASN A 21 0.30 4.01 3.86
C ASN A 21 -0.48 5.22 4.39
N GLN A 22 -0.67 6.24 3.55
CA GLN A 22 -1.26 7.50 4.00
C GLN A 22 -2.69 7.33 4.57
N GLN A 23 -3.11 8.24 5.46
CA GLN A 23 -4.35 8.12 6.24
C GLN A 23 -5.17 9.43 6.17
N SER A 24 -6.50 9.33 6.18
CA SER A 24 -7.44 10.44 5.91
C SER A 24 -7.38 11.68 6.82
N SER A 25 -6.54 11.71 7.86
CA SER A 25 -6.46 12.82 8.83
C SER A 25 -5.02 13.34 9.06
N GLN A 26 -4.08 13.03 8.16
CA GLN A 26 -2.67 13.42 8.27
C GLN A 26 -1.95 13.57 6.90
N PRO A 27 -0.75 14.19 6.85
CA PRO A 27 0.10 14.27 5.64
C PRO A 27 0.49 12.91 5.04
N PRO A 28 0.84 12.82 3.73
CA PRO A 28 1.16 11.56 3.05
C PRO A 28 2.40 10.85 3.62
N THR A 29 2.34 9.51 3.70
CA THR A 29 3.35 8.66 4.36
C THR A 29 3.75 7.46 3.51
N THR A 30 5.05 7.16 3.54
CA THR A 30 5.73 6.10 2.78
C THR A 30 6.56 5.19 3.68
N LYS A 31 6.89 3.98 3.21
CA LYS A 31 7.63 2.96 3.97
C LYS A 31 8.21 1.90 3.05
N THR A 32 9.37 1.39 3.44
CA THR A 32 10.02 0.22 2.83
C THR A 32 9.48 -1.08 3.41
N CYS A 33 8.99 -1.96 2.54
CA CYS A 33 8.32 -3.20 2.91
C CYS A 33 8.72 -4.35 1.97
N SER A 34 9.18 -5.46 2.56
CA SER A 34 9.49 -6.74 1.91
C SER A 34 8.23 -7.55 1.52
N GLU A 35 7.04 -6.95 1.57
CA GLU A 35 5.75 -7.58 1.31
C GLU A 35 5.39 -7.67 -0.19
N THR A 36 4.72 -8.75 -0.58
CA THR A 36 4.27 -9.04 -1.95
C THR A 36 2.99 -8.29 -2.38
N SER A 37 2.54 -7.30 -1.61
CA SER A 37 1.35 -6.49 -1.90
C SER A 37 1.30 -5.21 -1.04
N CYS A 38 0.40 -4.29 -1.39
CA CYS A 38 0.05 -3.07 -0.65
C CYS A 38 -1.47 -2.91 -0.66
N TYR A 39 -2.07 -2.58 0.48
CA TYR A 39 -3.51 -2.47 0.69
C TYR A 39 -4.06 -1.05 0.47
N LYS A 40 -5.38 -1.03 0.23
CA LYS A 40 -6.25 0.14 0.24
C LYS A 40 -7.59 -0.30 0.84
N LYS A 41 -7.99 0.39 1.91
CA LYS A 41 -9.18 0.10 2.72
C LYS A 41 -9.93 1.39 3.11
N THR A 42 -11.24 1.27 3.32
CA THR A 42 -12.13 2.38 3.75
C THR A 42 -13.32 1.85 4.56
N TRP A 43 -13.59 2.44 5.73
CA TRP A 43 -14.72 2.06 6.60
C TRP A 43 -15.14 3.21 7.55
N ARG A 44 -15.96 2.90 8.57
CA ARG A 44 -16.44 3.82 9.62
C ARG A 44 -16.23 3.23 11.03
N ASP A 45 -15.67 3.99 11.97
CA ASP A 45 -15.44 3.58 13.38
C ASP A 45 -15.41 4.80 14.33
N HIS A 46 -14.90 4.66 15.57
CA HIS A 46 -14.74 5.75 16.56
C HIS A 46 -13.89 6.93 16.06
N ARG A 47 -12.85 6.67 15.25
CA ARG A 47 -12.06 7.68 14.53
C ARG A 47 -12.85 8.46 13.46
N GLY A 48 -14.07 8.02 13.16
CA GLY A 48 -14.95 8.53 12.12
C GLY A 48 -14.92 7.65 10.87
N THR A 49 -15.28 8.24 9.72
CA THR A 49 -15.05 7.65 8.41
C THR A 49 -13.55 7.82 8.09
N ILE A 50 -12.86 6.74 7.72
CA ILE A 50 -11.39 6.72 7.58
C ILE A 50 -10.97 6.09 6.24
N ILE A 51 -9.82 6.54 5.72
CA ILE A 51 -9.14 5.95 4.55
C ILE A 51 -7.77 5.42 4.97
N GLU A 52 -7.50 4.16 4.66
CA GLU A 52 -6.36 3.39 5.18
C GLU A 52 -5.59 2.59 4.13
N ARG A 53 -4.26 2.49 4.28
CA ARG A 53 -3.32 1.77 3.41
C ARG A 53 -2.20 1.08 4.23
N GLY A 54 -1.72 -0.10 3.82
CA GLY A 54 -0.63 -0.80 4.55
C GLY A 54 0.08 -1.92 3.77
N CYS A 55 1.23 -2.39 4.28
CA CYS A 55 2.07 -3.40 3.60
C CYS A 55 1.55 -4.84 3.77
N GLY A 56 1.42 -5.59 2.67
CA GLY A 56 0.86 -6.94 2.61
C GLY A 56 -0.67 -6.99 2.51
N CYS A 57 -1.22 -8.12 2.04
CA CYS A 57 -2.67 -8.32 1.81
C CYS A 57 -3.25 -9.55 2.56
N PRO A 58 -3.14 -9.60 3.91
CA PRO A 58 -3.70 -10.67 4.76
C PRO A 58 -5.24 -10.69 4.74
N LYS A 59 -5.85 -11.68 5.41
CA LYS A 59 -7.30 -12.00 5.37
C LYS A 59 -8.26 -10.82 5.47
N VAL A 60 -9.34 -10.87 4.68
CA VAL A 60 -10.33 -9.80 4.53
C VAL A 60 -11.46 -9.86 5.55
N LYS A 61 -11.96 -8.69 5.88
CA LYS A 61 -13.19 -8.43 6.65
C LYS A 61 -14.27 -7.79 5.75
N PRO A 62 -15.54 -8.24 5.79
CA PRO A 62 -16.65 -7.60 5.08
C PRO A 62 -16.94 -6.18 5.61
N GLY A 63 -17.75 -5.41 4.89
CA GLY A 63 -18.15 -4.02 5.24
C GLY A 63 -17.07 -2.97 4.98
N ILE A 64 -15.80 -3.34 5.14
CA ILE A 64 -14.67 -2.53 4.69
C ILE A 64 -14.63 -2.58 3.16
N LYS A 65 -14.61 -1.42 2.50
CA LYS A 65 -14.38 -1.28 1.05
C LYS A 65 -12.89 -1.54 0.87
N LEU A 66 -12.51 -2.59 0.13
CA LEU A 66 -11.15 -3.15 0.19
C LEU A 66 -10.58 -3.64 -1.15
N HIS A 67 -9.30 -3.36 -1.40
CA HIS A 67 -8.52 -3.84 -2.55
C HIS A 67 -7.01 -3.79 -2.26
N CYS A 68 -6.19 -4.62 -2.93
CA CYS A 68 -4.73 -4.63 -2.81
C CYS A 68 -3.99 -4.81 -4.15
N CYS A 69 -2.74 -4.35 -4.23
CA CYS A 69 -1.98 -4.23 -5.48
C CYS A 69 -0.50 -4.58 -5.27
N ARG A 70 0.13 -5.09 -6.32
CA ARG A 70 1.48 -5.73 -6.26
C ARG A 70 2.68 -4.80 -6.08
N THR A 71 2.79 -3.72 -6.85
CA THR A 71 3.99 -2.83 -6.85
C THR A 71 3.88 -1.71 -5.80
N ASP A 72 4.87 -0.82 -5.71
CA ASP A 72 5.03 0.18 -4.63
C ASP A 72 3.82 1.11 -4.37
N LYS A 73 3.57 2.11 -5.22
CA LYS A 73 2.41 3.00 -5.24
C LYS A 73 1.28 2.44 -6.12
N CYS A 74 1.31 1.16 -6.45
CA CYS A 74 0.38 0.44 -7.33
C CYS A 74 -1.09 0.79 -7.05
N ASN A 75 -1.46 0.85 -5.76
CA ASN A 75 -2.82 1.07 -5.30
C ASN A 75 -3.17 2.58 -5.16
N ASN A 76 -2.38 3.49 -5.71
CA ASN A 76 -2.63 4.95 -5.69
C ASN A 76 -3.85 5.41 -6.51
N MET A 1 -5.23 21.66 -18.80
CA MET A 1 -5.95 21.41 -17.54
C MET A 1 -6.31 19.93 -17.36
N ARG A 2 -7.04 19.32 -18.30
CA ARG A 2 -7.50 17.90 -18.24
C ARG A 2 -6.34 16.88 -18.26
N GLY A 3 -6.62 15.65 -17.81
CA GLY A 3 -5.71 14.50 -17.86
C GLY A 3 -4.74 14.38 -16.68
N SER A 4 -4.43 13.15 -16.26
CA SER A 4 -3.52 12.87 -15.13
C SER A 4 -2.03 13.03 -15.50
N HIS A 5 -1.22 13.50 -14.56
CA HIS A 5 0.24 13.59 -14.70
C HIS A 5 0.98 12.27 -14.48
N HIS A 6 0.34 11.26 -13.86
CA HIS A 6 0.97 9.98 -13.52
C HIS A 6 1.06 9.05 -14.74
N HIS A 7 1.95 9.37 -15.67
CA HIS A 7 2.35 8.54 -16.83
C HIS A 7 3.19 7.31 -16.42
N HIS A 8 3.67 6.53 -17.39
CA HIS A 8 4.36 5.26 -17.20
C HIS A 8 5.57 5.33 -16.25
N HIS A 9 5.79 4.26 -15.48
CA HIS A 9 6.79 4.22 -14.40
C HIS A 9 8.08 3.48 -14.77
N HIS A 10 9.23 4.04 -14.39
CA HIS A 10 10.58 3.54 -14.68
C HIS A 10 11.03 2.35 -13.83
N GLY A 11 10.31 2.05 -12.73
CA GLY A 11 10.67 1.04 -11.73
C GLY A 11 10.57 -0.42 -12.20
N SER A 12 10.74 -1.35 -11.26
CA SER A 12 10.67 -2.81 -11.47
C SER A 12 10.20 -3.51 -10.19
N ILE A 13 9.36 -4.54 -10.31
CA ILE A 13 8.67 -5.17 -9.16
C ILE A 13 9.56 -6.06 -8.28
N GLU A 14 10.71 -6.52 -8.78
CA GLU A 14 11.62 -7.41 -8.04
C GLU A 14 12.45 -6.63 -7.01
N GLY A 15 11.91 -6.45 -5.80
CA GLY A 15 12.60 -5.72 -4.74
C GLY A 15 11.78 -5.46 -3.48
N ARG A 16 11.85 -4.23 -2.98
CA ARG A 16 11.33 -3.80 -1.68
C ARG A 16 10.62 -2.46 -1.86
N MET A 17 9.37 -2.56 -2.30
CA MET A 17 8.48 -1.45 -2.65
C MET A 17 8.35 -0.44 -1.51
N ILE A 18 8.17 0.85 -1.84
CA ILE A 18 7.96 1.93 -0.85
C ILE A 18 6.47 2.08 -0.51
N CYS A 19 5.85 0.96 -0.14
CA CYS A 19 4.41 0.78 0.07
C CYS A 19 3.99 1.51 1.34
N TYR A 20 3.51 2.73 1.14
CA TYR A 20 3.25 3.71 2.17
C TYR A 20 2.03 3.39 3.04
N ASN A 21 1.66 4.37 3.86
CA ASN A 21 0.76 4.19 4.99
C ASN A 21 0.05 5.51 5.35
N GLN A 22 -0.33 6.31 4.34
CA GLN A 22 -1.04 7.56 4.63
C GLN A 22 -2.44 7.27 5.20
N GLN A 23 -2.80 8.03 6.23
CA GLN A 23 -4.13 8.00 6.84
C GLN A 23 -4.88 9.30 6.49
N SER A 24 -6.21 9.26 6.37
CA SER A 24 -7.03 10.38 5.84
C SER A 24 -7.01 11.71 6.63
N SER A 25 -6.24 11.83 7.71
CA SER A 25 -6.09 13.05 8.51
C SER A 25 -4.65 13.40 8.91
N GLN A 26 -3.64 12.86 8.20
CA GLN A 26 -2.22 13.17 8.41
C GLN A 26 -1.42 13.10 7.07
N PRO A 27 -0.12 13.46 7.02
CA PRO A 27 0.64 13.57 5.78
C PRO A 27 0.86 12.27 4.98
N PRO A 28 1.29 12.37 3.70
CA PRO A 28 1.69 11.23 2.88
C PRO A 28 3.04 10.68 3.36
N THR A 29 3.04 9.44 3.82
CA THR A 29 4.24 8.70 4.25
C THR A 29 4.90 7.93 3.09
N THR A 30 5.98 7.21 3.35
CA THR A 30 6.59 6.17 2.48
C THR A 30 7.22 5.11 3.38
N LYS A 31 7.24 3.85 2.93
CA LYS A 31 7.62 2.72 3.81
C LYS A 31 8.10 1.51 3.06
N THR A 32 9.18 0.92 3.53
CA THR A 32 9.84 -0.21 2.85
C THR A 32 9.28 -1.57 3.25
N CYS A 33 8.73 -2.30 2.28
CA CYS A 33 8.12 -3.61 2.46
C CYS A 33 8.54 -4.60 1.38
N SER A 34 8.94 -5.81 1.78
CA SER A 34 9.32 -6.95 0.95
C SER A 34 8.13 -7.86 0.59
N GLU A 35 6.96 -7.61 1.17
CA GLU A 35 5.67 -8.22 0.83
C GLU A 35 5.36 -8.09 -0.67
N THR A 36 4.89 -9.17 -1.31
CA THR A 36 4.73 -9.25 -2.79
C THR A 36 3.42 -8.64 -3.32
N SER A 37 2.67 -7.97 -2.46
CA SER A 37 1.47 -7.16 -2.74
C SER A 37 1.36 -6.04 -1.69
N CYS A 38 0.56 -4.99 -1.96
CA CYS A 38 0.30 -3.89 -1.05
C CYS A 38 -1.19 -3.44 -1.10
N TYR A 39 -1.74 -3.07 0.05
CA TYR A 39 -3.15 -2.87 0.34
C TYR A 39 -3.74 -1.46 0.09
N LYS A 40 -5.07 -1.35 0.20
CA LYS A 40 -5.88 -0.11 0.24
C LYS A 40 -7.25 -0.48 0.83
N LYS A 41 -7.71 0.25 1.84
CA LYS A 41 -8.92 -0.07 2.61
C LYS A 41 -9.60 1.15 3.23
N THR A 42 -10.87 0.99 3.58
CA THR A 42 -11.76 2.03 4.12
C THR A 42 -12.86 1.39 4.97
N TRP A 43 -13.23 2.03 6.08
CA TRP A 43 -14.40 1.67 6.89
C TRP A 43 -14.91 2.88 7.68
N ARG A 44 -15.85 2.65 8.60
CA ARG A 44 -16.49 3.67 9.44
C ARG A 44 -16.38 3.36 10.93
N ASP A 45 -16.11 4.38 11.75
CA ASP A 45 -15.97 4.31 13.22
C ASP A 45 -16.31 5.66 13.88
N HIS A 46 -15.76 5.96 15.06
CA HIS A 46 -16.04 7.17 15.87
C HIS A 46 -15.84 8.52 15.15
N ARG A 47 -14.83 8.66 14.29
CA ARG A 47 -14.61 9.88 13.45
C ARG A 47 -15.46 9.92 12.18
N GLY A 48 -16.28 8.89 11.93
CA GLY A 48 -16.93 8.64 10.65
C GLY A 48 -16.03 7.73 9.79
N THR A 49 -15.99 7.99 8.49
CA THR A 49 -15.18 7.25 7.51
C THR A 49 -13.70 7.60 7.66
N ILE A 50 -12.82 6.61 7.54
CA ILE A 50 -11.35 6.75 7.58
C ILE A 50 -10.70 5.99 6.41
N ILE A 51 -9.55 6.46 5.90
CA ILE A 51 -8.83 5.78 4.81
C ILE A 51 -7.47 5.27 5.27
N GLU A 52 -7.21 4.00 4.97
CA GLU A 52 -6.02 3.25 5.38
C GLU A 52 -5.38 2.50 4.20
N ARG A 53 -4.06 2.28 4.27
CA ARG A 53 -3.31 1.49 3.28
C ARG A 53 -2.00 0.93 3.86
N GLY A 54 -1.55 -0.26 3.42
CA GLY A 54 -0.40 -0.95 4.02
C GLY A 54 0.25 -2.04 3.13
N CYS A 55 1.10 -2.91 3.70
CA CYS A 55 1.85 -3.95 2.96
C CYS A 55 1.26 -5.36 3.15
N GLY A 56 1.31 -6.18 2.10
CA GLY A 56 0.72 -7.54 2.03
C GLY A 56 -0.62 -7.59 1.31
N CYS A 57 -1.30 -8.75 1.33
CA CYS A 57 -2.67 -8.91 0.87
C CYS A 57 -3.51 -9.91 1.72
N PRO A 58 -3.70 -9.66 3.03
CA PRO A 58 -4.50 -10.51 3.92
C PRO A 58 -6.02 -10.25 3.86
N LYS A 59 -6.80 -11.11 4.52
CA LYS A 59 -8.23 -10.91 4.81
C LYS A 59 -8.46 -9.71 5.73
N VAL A 60 -9.68 -9.19 5.74
CA VAL A 60 -10.14 -8.12 6.65
C VAL A 60 -11.57 -8.35 7.13
N LYS A 61 -11.94 -7.71 8.24
CA LYS A 61 -13.23 -7.89 8.92
C LYS A 61 -14.43 -7.52 8.01
N PRO A 62 -15.63 -8.12 8.18
CA PRO A 62 -16.75 -8.01 7.22
C PRO A 62 -17.25 -6.60 6.86
N GLY A 63 -17.04 -5.59 7.71
CA GLY A 63 -17.43 -4.20 7.46
C GLY A 63 -16.41 -3.35 6.68
N ILE A 64 -15.19 -3.83 6.47
CA ILE A 64 -14.10 -3.09 5.82
C ILE A 64 -14.05 -3.35 4.30
N LYS A 65 -13.70 -2.33 3.49
CA LYS A 65 -13.48 -2.41 2.04
C LYS A 65 -12.02 -2.74 1.74
N LEU A 66 -11.71 -3.44 0.64
CA LEU A 66 -10.37 -3.96 0.37
C LEU A 66 -9.95 -3.97 -1.11
N HIS A 67 -8.64 -3.77 -1.35
CA HIS A 67 -7.94 -3.94 -2.63
C HIS A 67 -6.44 -4.26 -2.42
N CYS A 68 -5.83 -4.98 -3.36
CA CYS A 68 -4.39 -5.29 -3.37
C CYS A 68 -3.73 -4.99 -4.73
N CYS A 69 -2.79 -4.03 -4.74
CA CYS A 69 -1.88 -3.73 -5.85
C CYS A 69 -0.57 -4.53 -5.74
N ARG A 70 0.21 -4.59 -6.83
CA ARG A 70 1.60 -5.09 -6.86
C ARG A 70 2.59 -3.98 -6.48
N THR A 71 2.26 -2.72 -6.71
CA THR A 71 3.18 -1.58 -6.59
C THR A 71 2.73 -0.55 -5.55
N ASP A 72 3.70 0.19 -5.01
CA ASP A 72 3.56 1.09 -3.86
C ASP A 72 2.55 2.23 -4.03
N LYS A 73 2.77 3.13 -4.98
CA LYS A 73 1.89 4.27 -5.23
C LYS A 73 0.60 3.89 -5.97
N CYS A 74 0.40 2.62 -6.30
CA CYS A 74 -0.89 2.05 -6.73
C CYS A 74 -1.77 1.79 -5.50
N ASN A 75 -1.13 1.42 -4.39
CA ASN A 75 -1.67 1.14 -3.04
C ASN A 75 -2.24 2.43 -2.38
N ASN A 76 -2.09 3.58 -3.05
CA ASN A 76 -2.66 4.88 -2.70
C ASN A 76 -4.20 4.92 -2.63
N MET A 1 29.31 19.55 -14.52
CA MET A 1 28.99 18.28 -13.85
C MET A 1 27.53 17.92 -14.04
N ARG A 2 27.24 16.80 -14.71
CA ARG A 2 25.90 16.22 -14.87
C ARG A 2 25.26 15.83 -13.54
N GLY A 3 23.93 15.87 -13.47
CA GLY A 3 23.14 15.58 -12.26
C GLY A 3 21.73 16.19 -12.24
N SER A 4 21.20 16.65 -13.37
CA SER A 4 19.89 17.31 -13.49
C SER A 4 18.88 16.52 -14.36
N HIS A 5 19.34 15.47 -15.03
CA HIS A 5 18.56 14.56 -15.87
C HIS A 5 17.57 13.70 -15.08
N HIS A 6 16.33 13.57 -15.56
CA HIS A 6 15.26 12.80 -14.88
C HIS A 6 15.52 11.29 -14.89
N HIS A 7 14.95 10.58 -13.91
CA HIS A 7 15.21 9.15 -13.68
C HIS A 7 14.24 8.24 -14.46
N HIS A 8 14.76 7.12 -14.96
CA HIS A 8 14.03 6.18 -15.82
C HIS A 8 13.67 4.88 -15.08
N HIS A 9 12.81 4.05 -15.67
CA HIS A 9 12.24 2.83 -15.05
C HIS A 9 12.80 1.54 -15.66
N HIS A 10 12.77 0.44 -14.90
CA HIS A 10 13.23 -0.89 -15.33
C HIS A 10 12.11 -1.73 -15.96
N GLY A 11 12.48 -2.69 -16.80
CA GLY A 11 11.56 -3.71 -17.31
C GLY A 11 11.16 -4.72 -16.22
N SER A 12 12.15 -5.39 -15.65
CA SER A 12 12.06 -6.27 -14.48
C SER A 12 12.04 -5.47 -13.16
N ILE A 13 11.84 -6.14 -12.02
CA ILE A 13 11.68 -5.49 -10.71
C ILE A 13 13.03 -5.15 -10.03
N GLU A 14 13.16 -3.93 -9.50
CA GLU A 14 14.35 -3.39 -8.81
C GLU A 14 14.03 -2.87 -7.39
N GLY A 15 14.62 -3.52 -6.38
CA GLY A 15 14.51 -3.14 -4.97
C GLY A 15 13.14 -3.38 -4.34
N ARG A 16 13.02 -3.10 -3.04
CA ARG A 16 11.77 -3.19 -2.28
C ARG A 16 10.77 -2.09 -2.67
N MET A 17 9.50 -2.47 -2.76
CA MET A 17 8.37 -1.55 -2.99
C MET A 17 8.20 -0.55 -1.86
N ILE A 18 8.01 0.72 -2.21
CA ILE A 18 7.59 1.75 -1.25
C ILE A 18 6.06 1.77 -1.08
N CYS A 19 5.63 2.10 0.13
CA CYS A 19 4.25 2.19 0.56
C CYS A 19 3.97 3.57 1.14
N TYR A 20 2.83 4.16 0.75
CA TYR A 20 2.39 5.49 1.20
C TYR A 20 2.03 5.59 2.67
N ASN A 21 1.61 4.49 3.32
CA ASN A 21 1.31 4.35 4.75
C ASN A 21 0.34 5.40 5.37
N GLN A 22 -0.16 6.36 4.59
CA GLN A 22 -0.85 7.55 5.04
C GLN A 22 -2.28 7.29 5.52
N GLN A 23 -2.67 8.05 6.54
CA GLN A 23 -4.01 8.03 7.13
C GLN A 23 -4.85 9.27 6.75
N SER A 24 -6.13 9.32 7.13
CA SER A 24 -7.11 10.29 6.59
C SER A 24 -6.75 11.78 6.65
N SER A 25 -5.93 12.20 7.63
CA SER A 25 -5.49 13.60 7.79
C SER A 25 -3.97 13.78 7.56
N GLN A 26 -3.35 12.89 6.79
CA GLN A 26 -1.90 12.84 6.56
C GLN A 26 -1.50 12.94 5.08
N PRO A 27 -0.39 13.64 4.75
CA PRO A 27 0.23 13.56 3.43
C PRO A 27 0.79 12.14 3.16
N PRO A 28 1.24 11.82 1.93
CA PRO A 28 1.90 10.55 1.62
C PRO A 28 3.12 10.28 2.51
N THR A 29 3.03 9.33 3.45
CA THR A 29 4.19 8.92 4.28
C THR A 29 4.89 7.67 3.79
N THR A 30 5.91 7.93 2.99
CA THR A 30 6.57 6.90 2.15
C THR A 30 7.69 6.14 2.85
N LYS A 31 7.72 4.80 2.66
CA LYS A 31 8.72 3.87 3.20
C LYS A 31 8.73 2.53 2.46
N THR A 32 9.86 1.83 2.44
CA THR A 32 10.01 0.46 1.92
C THR A 32 9.45 -0.62 2.85
N CYS A 33 8.80 -1.62 2.26
CA CYS A 33 8.35 -2.86 2.89
C CYS A 33 8.98 -4.10 2.26
N SER A 34 9.03 -5.23 2.98
CA SER A 34 9.47 -6.54 2.43
C SER A 34 8.40 -7.16 1.53
N GLU A 35 7.12 -6.93 1.84
CA GLU A 35 5.99 -7.29 0.97
C GLU A 35 5.82 -6.31 -0.21
N THR A 36 5.24 -6.78 -1.31
CA THR A 36 4.98 -5.99 -2.54
C THR A 36 3.71 -5.14 -2.48
N SER A 37 2.67 -5.61 -1.77
CA SER A 37 1.40 -4.89 -1.62
C SER A 37 1.41 -3.98 -0.40
N CYS A 38 0.89 -2.74 -0.50
CA CYS A 38 0.80 -1.74 0.59
C CYS A 38 -0.55 -1.71 1.33
N TYR A 39 -1.55 -2.27 0.68
CA TYR A 39 -2.99 -2.29 0.95
C TYR A 39 -3.67 -0.91 1.09
N LYS A 40 -4.99 -0.90 0.93
CA LYS A 40 -5.92 0.22 1.19
C LYS A 40 -7.21 -0.40 1.71
N LYS A 41 -7.77 0.16 2.78
CA LYS A 41 -8.87 -0.43 3.54
C LYS A 41 -9.66 0.66 4.27
N THR A 42 -10.99 0.65 4.16
CA THR A 42 -11.82 1.78 4.63
C THR A 42 -13.19 1.32 5.14
N TRP A 43 -13.61 1.87 6.29
CA TRP A 43 -14.92 1.65 6.89
C TRP A 43 -15.30 2.80 7.83
N ARG A 44 -16.53 2.76 8.37
CA ARG A 44 -17.08 3.75 9.29
C ARG A 44 -16.94 3.33 10.76
N ASP A 45 -16.54 4.27 11.61
CA ASP A 45 -16.34 4.07 13.05
C ASP A 45 -16.57 5.36 13.84
N HIS A 46 -16.53 5.32 15.18
CA HIS A 46 -16.75 6.48 16.05
C HIS A 46 -15.93 7.71 15.64
N ARG A 47 -14.65 7.46 15.32
CA ARG A 47 -13.66 8.45 14.87
C ARG A 47 -13.99 9.13 13.54
N GLY A 48 -14.76 8.47 12.66
CA GLY A 48 -15.07 8.89 11.29
C GLY A 48 -15.03 7.71 10.30
N THR A 49 -14.94 8.03 9.01
CA THR A 49 -14.67 7.09 7.92
C THR A 49 -13.16 7.02 7.79
N ILE A 50 -12.57 5.99 8.39
CA ILE A 50 -11.11 5.90 8.63
C ILE A 50 -10.37 5.27 7.44
N ILE A 51 -9.07 5.57 7.33
CA ILE A 51 -8.17 4.99 6.33
C ILE A 51 -7.15 4.07 6.99
N GLU A 52 -7.20 2.82 6.56
CA GLU A 52 -6.22 1.80 6.85
C GLU A 52 -5.47 1.34 5.59
N ARG A 53 -4.27 0.85 5.84
CA ARG A 53 -3.24 0.50 4.88
C ARG A 53 -2.19 -0.32 5.61
N GLY A 54 -1.68 -1.39 5.02
CA GLY A 54 -0.57 -2.11 5.66
C GLY A 54 0.07 -3.15 4.77
N CYS A 55 1.40 -3.19 4.72
CA CYS A 55 2.13 -4.01 3.77
C CYS A 55 1.80 -5.52 3.93
N GLY A 56 1.50 -6.16 2.80
CA GLY A 56 0.91 -7.50 2.66
C GLY A 56 -0.46 -7.45 1.97
N CYS A 57 -1.09 -8.61 1.77
CA CYS A 57 -2.43 -8.74 1.14
C CYS A 57 -3.48 -9.60 1.91
N PRO A 58 -3.53 -9.63 3.26
CA PRO A 58 -4.47 -10.46 4.02
C PRO A 58 -5.94 -10.02 3.85
N LYS A 59 -6.88 -10.97 3.92
CA LYS A 59 -8.33 -10.75 3.71
C LYS A 59 -9.02 -9.93 4.80
N VAL A 60 -10.18 -9.32 4.48
CA VAL A 60 -10.95 -8.43 5.39
C VAL A 60 -12.38 -8.92 5.66
N LYS A 61 -12.99 -8.40 6.73
CA LYS A 61 -14.38 -8.67 7.14
C LYS A 61 -15.46 -7.94 6.31
N PRO A 62 -16.74 -8.40 6.32
CA PRO A 62 -17.85 -7.77 5.60
C PRO A 62 -18.13 -6.33 6.03
N GLY A 63 -18.45 -5.47 5.06
CA GLY A 63 -18.75 -4.04 5.26
C GLY A 63 -17.52 -3.12 5.22
N ILE A 64 -16.30 -3.67 5.22
CA ILE A 64 -15.06 -2.93 4.96
C ILE A 64 -14.75 -2.95 3.46
N LYS A 65 -14.30 -1.83 2.90
CA LYS A 65 -13.84 -1.67 1.50
C LYS A 65 -12.34 -1.96 1.43
N LEU A 66 -11.82 -2.44 0.29
CA LEU A 66 -10.46 -2.98 0.20
C LEU A 66 -9.77 -2.80 -1.18
N HIS A 67 -8.43 -2.73 -1.21
CA HIS A 67 -7.63 -2.81 -2.44
C HIS A 67 -6.20 -3.31 -2.20
N CYS A 68 -5.69 -4.15 -3.09
CA CYS A 68 -4.36 -4.76 -3.07
C CYS A 68 -3.71 -4.74 -4.47
N CYS A 69 -2.39 -4.51 -4.56
CA CYS A 69 -1.63 -4.36 -5.81
C CYS A 69 -0.28 -5.13 -5.85
N ARG A 70 0.23 -5.32 -7.07
CA ARG A 70 1.49 -5.99 -7.45
C ARG A 70 2.75 -5.14 -7.24
N THR A 71 2.65 -3.81 -7.32
CA THR A 71 3.76 -2.85 -7.24
C THR A 71 3.42 -1.71 -6.29
N ASP A 72 4.36 -0.80 -6.04
CA ASP A 72 4.30 0.29 -5.05
C ASP A 72 3.00 1.16 -5.07
N LYS A 73 3.05 2.40 -5.57
CA LYS A 73 1.92 3.36 -5.59
C LYS A 73 0.71 2.89 -6.40
N CYS A 74 0.77 1.74 -7.09
CA CYS A 74 -0.40 1.07 -7.70
C CYS A 74 -1.55 0.96 -6.69
N ASN A 75 -1.23 0.68 -5.42
CA ASN A 75 -2.22 0.44 -4.38
C ASN A 75 -2.97 1.72 -3.96
N ASN A 76 -2.41 2.92 -4.24
CA ASN A 76 -2.96 4.19 -3.78
C ASN A 76 -4.24 4.64 -4.52
N MET A 1 24.63 -17.76 8.99
CA MET A 1 24.75 -16.59 9.89
C MET A 1 23.41 -15.85 9.98
N ARG A 2 22.45 -16.35 10.76
CA ARG A 2 21.18 -15.64 11.04
C ARG A 2 21.28 -14.77 12.29
N GLY A 3 20.51 -13.68 12.32
CA GLY A 3 20.61 -12.59 13.30
C GLY A 3 19.81 -12.76 14.59
N SER A 4 19.76 -11.69 15.38
CA SER A 4 18.87 -11.56 16.54
C SER A 4 17.40 -11.64 16.13
N HIS A 5 16.54 -12.15 17.01
CA HIS A 5 15.09 -12.20 16.80
C HIS A 5 14.40 -10.83 16.95
N HIS A 6 15.12 -9.79 17.41
CA HIS A 6 14.69 -8.38 17.41
C HIS A 6 14.75 -7.75 16.00
N HIS A 7 14.14 -6.58 15.84
CA HIS A 7 14.04 -5.83 14.57
C HIS A 7 15.15 -4.76 14.39
N HIS A 8 15.60 -4.55 13.15
CA HIS A 8 16.72 -3.64 12.79
C HIS A 8 16.44 -2.81 11.52
N HIS A 9 17.08 -1.65 11.39
CA HIS A 9 16.93 -0.74 10.24
C HIS A 9 17.47 -1.35 8.92
N HIS A 10 16.71 -1.22 7.83
CA HIS A 10 16.95 -1.91 6.54
C HIS A 10 18.24 -1.49 5.80
N GLY A 11 18.81 -2.43 5.04
CA GLY A 11 19.87 -2.18 4.06
C GLY A 11 19.34 -1.53 2.78
N SER A 12 20.15 -0.73 2.07
CA SER A 12 19.69 0.00 0.88
C SER A 12 19.84 -0.82 -0.40
N ILE A 13 18.70 -1.08 -1.05
CA ILE A 13 18.56 -1.75 -2.35
C ILE A 13 17.21 -1.38 -2.96
N GLU A 14 17.15 -1.12 -4.26
CA GLU A 14 15.86 -1.03 -4.96
C GLU A 14 15.24 -2.43 -5.13
N GLY A 15 14.11 -2.68 -4.46
CA GLY A 15 13.39 -3.94 -4.58
C GLY A 15 12.24 -4.13 -3.59
N ARG A 16 12.36 -3.60 -2.36
CA ARG A 16 11.25 -3.54 -1.40
C ARG A 16 10.10 -2.66 -1.90
N MET A 17 8.86 -3.04 -1.58
CA MET A 17 7.66 -2.24 -1.77
C MET A 17 7.75 -0.97 -0.91
N ILE A 18 7.60 0.19 -1.53
CA ILE A 18 7.61 1.50 -0.86
C ILE A 18 6.19 2.08 -0.91
N CYS A 19 5.45 1.84 0.16
CA CYS A 19 4.02 2.14 0.24
C CYS A 19 3.82 3.50 0.95
N TYR A 20 2.72 4.16 0.61
CA TYR A 20 2.42 5.55 0.97
C TYR A 20 2.26 5.82 2.47
N ASN A 21 1.90 4.82 3.26
CA ASN A 21 1.72 4.86 4.73
C ASN A 21 0.64 5.86 5.23
N GLN A 22 0.09 6.69 4.34
CA GLN A 22 -0.74 7.86 4.62
C GLN A 22 -2.12 7.53 5.22
N GLN A 23 -2.50 8.34 6.20
CA GLN A 23 -3.85 8.34 6.83
C GLN A 23 -4.68 9.59 6.48
N SER A 24 -5.94 9.65 6.93
CA SER A 24 -6.96 10.63 6.50
C SER A 24 -6.55 12.11 6.54
N SER A 25 -5.75 12.54 7.51
CA SER A 25 -5.33 13.94 7.66
C SER A 25 -3.88 14.19 7.20
N GLN A 26 -3.22 13.17 6.67
CA GLN A 26 -1.78 13.16 6.32
C GLN A 26 -1.52 13.41 4.83
N PRO A 27 -0.35 13.97 4.45
CA PRO A 27 0.12 13.98 3.07
C PRO A 27 0.51 12.55 2.63
N PRO A 28 0.80 12.30 1.34
CA PRO A 28 1.37 11.02 0.89
C PRO A 28 2.78 10.81 1.48
N THR A 29 2.90 10.05 2.57
CA THR A 29 4.19 9.70 3.18
C THR A 29 4.85 8.55 2.40
N THR A 30 5.98 7.96 2.84
CA THR A 30 6.51 6.70 2.28
C THR A 30 7.15 5.81 3.35
N LYS A 31 7.11 4.49 3.12
CA LYS A 31 7.51 3.44 4.09
C LYS A 31 7.76 2.11 3.39
N THR A 32 8.72 1.35 3.88
CA THR A 32 9.18 0.08 3.30
C THR A 32 8.63 -1.15 4.02
N CYS A 33 7.88 -1.99 3.29
CA CYS A 33 7.39 -3.30 3.74
C CYS A 33 8.37 -4.43 3.39
N SER A 34 8.34 -5.53 4.15
CA SER A 34 9.05 -6.79 3.83
C SER A 34 8.38 -7.58 2.70
N GLU A 35 7.05 -7.57 2.65
CA GLU A 35 6.22 -8.33 1.70
C GLU A 35 6.24 -7.78 0.26
N THR A 36 5.97 -8.63 -0.74
CA THR A 36 5.97 -8.30 -2.19
C THR A 36 4.66 -7.67 -2.72
N SER A 37 3.77 -7.25 -1.82
CA SER A 37 2.52 -6.52 -2.11
C SER A 37 2.17 -5.57 -0.95
N CYS A 38 1.18 -4.69 -1.17
CA CYS A 38 0.60 -3.75 -0.20
C CYS A 38 -0.93 -3.71 -0.31
N TYR A 39 -1.57 -2.89 0.55
CA TYR A 39 -3.02 -2.83 0.70
C TYR A 39 -3.55 -1.41 1.03
N LYS A 40 -4.85 -1.23 0.79
CA LYS A 40 -5.67 -0.07 1.20
C LYS A 40 -7.00 -0.59 1.77
N LYS A 41 -7.45 -0.03 2.90
CA LYS A 41 -8.75 -0.27 3.51
C LYS A 41 -9.35 1.02 4.08
N THR A 42 -10.67 1.10 4.08
CA THR A 42 -11.45 2.26 4.56
C THR A 42 -12.78 1.79 5.16
N TRP A 43 -13.16 2.33 6.32
CA TRP A 43 -14.43 2.06 7.01
C TRP A 43 -14.78 3.20 7.98
N ARG A 44 -15.90 3.09 8.72
CA ARG A 44 -16.28 4.02 9.78
C ARG A 44 -16.01 3.49 11.20
N ASP A 45 -15.64 4.40 12.09
CA ASP A 45 -15.47 4.16 13.52
C ASP A 45 -16.23 5.24 14.32
N HIS A 46 -15.68 5.75 15.43
CA HIS A 46 -16.27 6.66 16.37
C HIS A 46 -16.73 8.00 15.76
N ARG A 47 -15.80 8.80 15.26
CA ARG A 47 -15.98 10.21 14.84
C ARG A 47 -16.43 10.32 13.38
N GLY A 48 -16.17 9.28 12.58
CA GLY A 48 -16.41 9.21 11.14
C GLY A 48 -15.59 8.10 10.49
N THR A 49 -15.26 8.25 9.20
CA THR A 49 -14.33 7.41 8.46
C THR A 49 -12.88 7.51 8.96
N ILE A 50 -12.15 6.41 8.77
CA ILE A 50 -10.69 6.28 9.01
C ILE A 50 -10.01 5.70 7.76
N ILE A 51 -8.69 5.82 7.67
CA ILE A 51 -7.87 5.27 6.57
C ILE A 51 -6.84 4.30 7.11
N GLU A 52 -6.83 3.08 6.55
CA GLU A 52 -5.87 2.05 6.96
C GLU A 52 -5.13 1.39 5.79
N ARG A 53 -3.85 1.09 5.99
CA ARG A 53 -2.92 0.71 4.92
C ARG A 53 -1.96 -0.40 5.36
N GLY A 54 -1.99 -1.55 4.68
CA GLY A 54 -1.27 -2.76 5.10
C GLY A 54 -0.15 -3.20 4.16
N CYS A 55 0.76 -4.04 4.65
CA CYS A 55 1.74 -4.77 3.85
C CYS A 55 1.20 -6.19 3.54
N GLY A 56 1.66 -6.79 2.44
CA GLY A 56 1.14 -8.05 1.91
C GLY A 56 -0.24 -7.90 1.23
N CYS A 57 -0.87 -9.02 0.86
CA CYS A 57 -2.17 -9.06 0.19
C CYS A 57 -3.15 -10.10 0.80
N PRO A 58 -3.42 -10.04 2.12
CA PRO A 58 -4.23 -11.04 2.84
C PRO A 58 -5.74 -10.93 2.55
N LYS A 59 -6.51 -11.89 3.07
CA LYS A 59 -8.00 -11.86 3.13
C LYS A 59 -8.49 -10.80 4.13
N VAL A 60 -9.74 -10.34 4.01
CA VAL A 60 -10.26 -9.16 4.76
C VAL A 60 -11.66 -9.35 5.34
N LYS A 61 -12.02 -8.53 6.33
CA LYS A 61 -13.29 -8.61 7.07
C LYS A 61 -14.49 -7.98 6.30
N PRO A 62 -15.75 -8.39 6.60
CA PRO A 62 -16.95 -7.80 6.00
C PRO A 62 -17.15 -6.31 6.29
N GLY A 63 -17.86 -5.60 5.41
CA GLY A 63 -18.27 -4.19 5.54
C GLY A 63 -17.15 -3.16 5.30
N ILE A 64 -15.89 -3.55 5.43
CA ILE A 64 -14.73 -2.71 5.13
C ILE A 64 -14.47 -2.68 3.62
N LYS A 65 -14.17 -1.49 3.07
CA LYS A 65 -13.79 -1.26 1.67
C LYS A 65 -12.32 -1.66 1.50
N LEU A 66 -11.96 -2.20 0.34
CA LEU A 66 -10.66 -2.87 0.13
C LEU A 66 -10.02 -2.66 -1.25
N HIS A 67 -8.69 -2.72 -1.32
CA HIS A 67 -7.94 -2.81 -2.59
C HIS A 67 -6.52 -3.35 -2.40
N CYS A 68 -6.13 -4.30 -3.25
CA CYS A 68 -4.75 -4.79 -3.42
C CYS A 68 -4.36 -4.72 -4.91
N CYS A 69 -3.38 -3.86 -5.26
CA CYS A 69 -2.77 -3.81 -6.59
C CYS A 69 -1.52 -4.71 -6.70
N ARG A 70 -1.00 -4.92 -7.91
CA ARG A 70 0.27 -5.62 -8.18
C ARG A 70 1.51 -4.86 -7.68
N THR A 71 1.46 -3.52 -7.62
CA THR A 71 2.61 -2.66 -7.27
C THR A 71 2.25 -1.65 -6.17
N ASP A 72 3.28 -1.22 -5.44
CA ASP A 72 3.18 -0.41 -4.21
C ASP A 72 2.37 0.89 -4.35
N LYS A 73 2.86 1.85 -5.14
CA LYS A 73 2.23 3.15 -5.36
C LYS A 73 1.01 3.08 -6.29
N CYS A 74 0.73 1.94 -6.93
CA CYS A 74 -0.54 1.72 -7.62
C CYS A 74 -1.68 1.55 -6.60
N ASN A 75 -1.39 1.00 -5.42
CA ASN A 75 -2.40 0.70 -4.39
C ASN A 75 -3.02 1.95 -3.73
N ASN A 76 -2.38 3.11 -3.92
CA ASN A 76 -2.60 4.42 -3.28
C ASN A 76 -4.07 4.89 -3.25
N MET A 1 15.17 9.81 -24.64
CA MET A 1 16.36 9.02 -24.26
C MET A 1 16.81 9.30 -22.83
N ARG A 2 16.99 10.58 -22.48
CA ARG A 2 17.52 11.05 -21.19
C ARG A 2 16.68 10.60 -20.00
N GLY A 3 17.29 10.65 -18.81
CA GLY A 3 16.63 10.35 -17.54
C GLY A 3 16.30 8.86 -17.37
N SER A 4 15.37 8.55 -16.47
CA SER A 4 15.05 7.18 -16.07
C SER A 4 14.50 6.30 -17.20
N HIS A 5 14.76 5.00 -17.14
CA HIS A 5 14.15 3.97 -18.01
C HIS A 5 14.32 2.57 -17.41
N HIS A 6 13.60 1.58 -17.94
CA HIS A 6 13.66 0.17 -17.47
C HIS A 6 14.94 -0.57 -17.91
N HIS A 7 16.13 -0.11 -17.49
CA HIS A 7 17.45 -0.68 -17.81
C HIS A 7 17.86 -1.88 -16.93
N HIS A 8 16.92 -2.51 -16.22
CA HIS A 8 17.16 -3.71 -15.41
C HIS A 8 17.56 -4.92 -16.28
N HIS A 9 18.46 -5.78 -15.80
CA HIS A 9 18.92 -6.99 -16.52
C HIS A 9 18.14 -8.24 -16.11
N HIS A 10 18.18 -9.29 -16.92
CA HIS A 10 17.50 -10.56 -16.68
C HIS A 10 18.00 -11.25 -15.39
N GLY A 11 17.07 -11.78 -14.59
CA GLY A 11 17.35 -12.41 -13.29
C GLY A 11 17.77 -11.45 -12.16
N SER A 12 17.84 -10.14 -12.41
CA SER A 12 18.20 -9.13 -11.40
C SER A 12 17.15 -9.02 -10.30
N ILE A 13 17.59 -9.06 -9.04
CA ILE A 13 16.70 -8.96 -7.88
C ILE A 13 16.15 -7.53 -7.69
N GLU A 14 14.85 -7.42 -7.47
CA GLU A 14 14.16 -6.20 -7.03
C GLU A 14 14.01 -6.22 -5.49
N GLY A 15 14.34 -5.09 -4.85
CA GLY A 15 14.24 -4.85 -3.41
C GLY A 15 12.81 -4.74 -2.83
N ARG A 16 12.74 -4.17 -1.62
CA ARG A 16 11.47 -3.79 -0.98
C ARG A 16 10.75 -2.64 -1.70
N MET A 17 9.46 -2.82 -1.99
CA MET A 17 8.58 -1.77 -2.51
C MET A 17 8.46 -0.62 -1.51
N ILE A 18 8.41 0.63 -2.00
CA ILE A 18 8.26 1.84 -1.15
C ILE A 18 6.79 2.31 -1.16
N CYS A 19 5.95 1.72 -0.32
CA CYS A 19 4.52 2.05 -0.28
C CYS A 19 4.25 3.27 0.62
N TYR A 20 3.22 4.03 0.28
CA TYR A 20 2.83 5.32 0.89
C TYR A 20 2.48 5.20 2.38
N ASN A 21 1.85 4.10 2.76
CA ASN A 21 1.39 3.72 4.12
C ASN A 21 0.71 4.86 4.90
N GLN A 22 0.02 5.77 4.19
CA GLN A 22 -0.63 6.96 4.76
C GLN A 22 -2.02 6.67 5.36
N GLN A 23 -2.67 7.72 5.85
CA GLN A 23 -4.00 7.64 6.47
C GLN A 23 -4.80 8.95 6.25
N SER A 24 -6.15 8.92 6.19
CA SER A 24 -7.01 10.07 5.83
C SER A 24 -6.99 11.32 6.74
N SER A 25 -6.44 11.24 7.96
CA SER A 25 -6.22 12.37 8.86
C SER A 25 -4.76 12.83 8.86
N GLN A 26 -3.84 11.87 8.88
CA GLN A 26 -2.38 12.06 8.86
C GLN A 26 -1.87 12.63 7.51
N PRO A 27 -0.62 13.11 7.45
CA PRO A 27 0.02 13.46 6.18
C PRO A 27 0.52 12.25 5.38
N PRO A 28 0.80 12.43 4.07
CA PRO A 28 1.46 11.47 3.19
C PRO A 28 2.80 10.93 3.74
N THR A 29 3.00 9.61 3.60
CA THR A 29 4.23 8.92 4.06
C THR A 29 4.88 8.06 2.98
N THR A 30 5.99 7.38 3.30
CA THR A 30 6.69 6.37 2.48
C THR A 30 7.42 5.33 3.33
N LYS A 31 7.36 4.04 2.96
CA LYS A 31 7.83 2.90 3.79
C LYS A 31 8.20 1.68 2.95
N THR A 32 9.27 1.02 3.34
CA THR A 32 9.81 -0.18 2.66
C THR A 32 9.19 -1.47 3.19
N CYS A 33 8.51 -2.20 2.31
CA CYS A 33 7.80 -3.44 2.62
C CYS A 33 8.47 -4.68 2.01
N SER A 34 8.69 -5.72 2.83
CA SER A 34 9.11 -7.06 2.40
C SER A 34 8.05 -7.77 1.55
N GLU A 35 6.78 -7.49 1.86
CA GLU A 35 5.62 -8.05 1.17
C GLU A 35 5.58 -7.67 -0.32
N THR A 36 4.96 -8.51 -1.14
CA THR A 36 4.96 -8.38 -2.61
C THR A 36 3.65 -7.81 -3.17
N SER A 37 2.88 -7.09 -2.35
CA SER A 37 1.71 -6.31 -2.71
C SER A 37 1.39 -5.25 -1.64
N CYS A 38 0.59 -4.25 -2.01
CA CYS A 38 0.18 -3.11 -1.18
C CYS A 38 -1.33 -2.89 -1.23
N TYR A 39 -1.88 -2.39 -0.12
CA TYR A 39 -3.31 -2.40 0.20
C TYR A 39 -4.00 -1.02 0.25
N LYS A 40 -5.34 -1.06 0.16
CA LYS A 40 -6.26 0.07 0.27
C LYS A 40 -7.52 -0.39 1.02
N LYS A 41 -7.67 0.08 2.25
CA LYS A 41 -8.67 -0.39 3.23
C LYS A 41 -9.57 0.77 3.68
N THR A 42 -10.88 0.57 3.78
CA THR A 42 -11.83 1.67 3.98
C THR A 42 -13.04 1.25 4.82
N TRP A 43 -13.43 2.05 5.80
CA TRP A 43 -14.66 1.86 6.59
C TRP A 43 -15.21 3.20 7.10
N ARG A 44 -16.17 3.16 8.04
CA ARG A 44 -16.75 4.33 8.71
C ARG A 44 -16.81 4.12 10.22
N ASP A 45 -16.34 5.11 10.99
CA ASP A 45 -16.45 5.15 12.46
C ASP A 45 -17.55 6.11 12.93
N HIS A 46 -17.62 6.30 14.26
CA HIS A 46 -18.55 7.18 14.98
C HIS A 46 -18.59 8.64 14.51
N ARG A 47 -17.63 9.10 13.70
CA ARG A 47 -17.55 10.47 13.16
C ARG A 47 -17.59 10.53 11.64
N GLY A 48 -17.10 9.51 10.93
CA GLY A 48 -17.23 9.43 9.47
C GLY A 48 -16.32 8.39 8.78
N THR A 49 -16.21 8.47 7.46
CA THR A 49 -15.32 7.60 6.67
C THR A 49 -13.85 7.94 6.92
N ILE A 50 -13.02 6.90 6.92
CA ILE A 50 -11.57 6.94 7.14
C ILE A 50 -10.89 6.05 6.09
N ILE A 51 -9.68 6.41 5.66
CA ILE A 51 -8.95 5.72 4.58
C ILE A 51 -7.62 5.20 5.09
N GLU A 52 -7.38 3.92 4.86
CA GLU A 52 -6.22 3.18 5.36
C GLU A 52 -5.55 2.30 4.31
N ARG A 53 -4.40 1.73 4.70
CA ARG A 53 -3.51 0.94 3.86
C ARG A 53 -2.88 -0.19 4.68
N GLY A 54 -2.02 -0.92 4.00
CA GLY A 54 -1.07 -1.90 4.53
C GLY A 54 -0.15 -2.47 3.44
N CYS A 55 0.77 -3.34 3.82
CA CYS A 55 1.60 -4.16 2.93
C CYS A 55 1.28 -5.65 3.13
N GLY A 56 1.18 -6.40 2.03
CA GLY A 56 0.62 -7.76 1.96
C GLY A 56 -0.90 -7.71 1.77
N CYS A 57 -1.50 -8.76 1.20
CA CYS A 57 -2.90 -8.79 0.75
C CYS A 57 -3.77 -9.91 1.40
N PRO A 58 -4.05 -9.82 2.72
CA PRO A 58 -5.00 -10.67 3.44
C PRO A 58 -6.46 -10.21 3.32
N LYS A 59 -7.41 -10.95 3.91
CA LYS A 59 -8.81 -10.54 4.12
C LYS A 59 -8.97 -9.62 5.35
N VAL A 60 -10.15 -9.05 5.58
CA VAL A 60 -10.42 -8.02 6.61
C VAL A 60 -11.46 -8.46 7.66
N LYS A 61 -11.55 -7.72 8.77
CA LYS A 61 -12.63 -7.83 9.78
C LYS A 61 -13.99 -7.31 9.22
N PRO A 62 -15.14 -7.74 9.78
CA PRO A 62 -16.45 -7.41 9.22
C PRO A 62 -16.78 -5.91 9.12
N GLY A 63 -17.47 -5.53 8.04
CA GLY A 63 -17.92 -4.16 7.76
C GLY A 63 -16.90 -3.26 7.05
N ILE A 64 -15.67 -3.75 6.84
CA ILE A 64 -14.60 -3.02 6.13
C ILE A 64 -14.65 -3.35 4.61
N LYS A 65 -14.08 -2.48 3.76
CA LYS A 65 -13.86 -2.62 2.31
C LYS A 65 -12.36 -2.72 2.00
N LEU A 66 -11.97 -3.37 0.90
CA LEU A 66 -10.59 -3.80 0.61
C LEU A 66 -10.16 -3.81 -0.87
N HIS A 67 -8.89 -3.51 -1.14
CA HIS A 67 -8.26 -3.61 -2.46
C HIS A 67 -6.73 -3.76 -2.39
N CYS A 68 -6.13 -4.35 -3.43
CA CYS A 68 -4.69 -4.60 -3.53
C CYS A 68 -4.10 -4.36 -4.94
N CYS A 69 -2.80 -4.04 -5.00
CA CYS A 69 -1.97 -3.98 -6.19
C CYS A 69 -0.50 -4.39 -5.86
N ARG A 70 0.31 -4.68 -6.88
CA ARG A 70 1.65 -5.32 -6.72
C ARG A 70 2.85 -4.43 -6.37
N THR A 71 2.99 -3.21 -6.91
CA THR A 71 4.20 -2.38 -6.77
C THR A 71 4.03 -1.09 -5.95
N ASP A 72 5.13 -0.39 -5.70
CA ASP A 72 5.29 0.72 -4.74
C ASP A 72 4.11 1.73 -4.63
N LYS A 73 3.86 2.56 -5.64
CA LYS A 73 2.79 3.55 -5.63
C LYS A 73 1.50 3.06 -6.31
N CYS A 74 1.45 1.85 -6.89
CA CYS A 74 0.32 1.42 -7.73
C CYS A 74 -1.06 1.31 -7.04
N ASN A 75 -1.15 1.35 -5.70
CA ASN A 75 -2.39 1.49 -4.93
C ASN A 75 -2.55 2.80 -4.14
N ASN A 76 -1.81 3.84 -4.53
CA ASN A 76 -1.85 5.21 -3.98
C ASN A 76 -3.27 5.82 -3.91
N MET A 1 -6.33 12.00 -28.19
CA MET A 1 -7.40 11.67 -29.14
C MET A 1 -6.94 10.64 -30.19
N ARG A 2 -5.90 10.94 -30.95
CA ARG A 2 -5.32 10.10 -32.02
C ARG A 2 -4.55 8.91 -31.43
N GLY A 3 -4.50 7.80 -32.17
CA GLY A 3 -4.00 6.50 -31.72
C GLY A 3 -2.57 6.56 -31.16
N SER A 4 -2.33 5.84 -30.07
CA SER A 4 -1.06 5.87 -29.34
C SER A 4 0.07 5.14 -30.09
N HIS A 5 1.30 5.61 -29.93
CA HIS A 5 2.52 4.94 -30.39
C HIS A 5 2.88 3.72 -29.51
N HIS A 6 2.10 3.47 -28.45
CA HIS A 6 2.37 2.49 -27.40
C HIS A 6 1.21 1.51 -27.17
N HIS A 7 1.50 0.47 -26.38
CA HIS A 7 0.56 -0.52 -25.84
C HIS A 7 0.60 -0.52 -24.30
N HIS A 8 -0.23 -1.35 -23.66
CA HIS A 8 -0.35 -1.50 -22.21
C HIS A 8 1.00 -1.74 -21.51
N HIS A 9 1.11 -1.25 -20.27
CA HIS A 9 2.23 -1.48 -19.36
C HIS A 9 1.73 -1.51 -17.91
N HIS A 10 2.37 -2.30 -17.05
CA HIS A 10 2.17 -2.28 -15.60
C HIS A 10 3.46 -2.60 -14.83
N GLY A 11 3.56 -2.09 -13.61
CA GLY A 11 4.61 -2.45 -12.67
C GLY A 11 4.35 -3.83 -12.05
N SER A 12 5.39 -4.66 -11.94
CA SER A 12 5.34 -5.97 -11.26
C SER A 12 6.71 -6.34 -10.69
N ILE A 13 6.75 -7.23 -9.68
CA ILE A 13 7.97 -7.66 -8.98
C ILE A 13 7.71 -9.01 -8.27
N GLU A 14 8.78 -9.75 -7.97
CA GLU A 14 8.73 -11.08 -7.33
C GLU A 14 9.32 -11.06 -5.90
N GLY A 15 9.07 -9.99 -5.16
CA GLY A 15 9.68 -9.72 -3.86
C GLY A 15 9.11 -8.49 -3.17
N ARG A 16 9.87 -7.96 -2.19
CA ARG A 16 9.53 -6.76 -1.41
C ARG A 16 9.34 -5.52 -2.30
N MET A 17 8.47 -4.61 -1.89
CA MET A 17 8.25 -3.30 -2.55
C MET A 17 8.24 -2.14 -1.54
N ILE A 18 7.92 -0.93 -1.97
CA ILE A 18 7.64 0.18 -1.03
C ILE A 18 6.15 0.24 -0.68
N CYS A 19 5.78 1.13 0.24
CA CYS A 19 4.39 1.50 0.55
C CYS A 19 4.33 2.98 0.95
N TYR A 20 3.37 3.74 0.40
CA TYR A 20 3.11 5.14 0.83
C TYR A 20 2.93 5.31 2.35
N ASN A 21 2.10 4.47 2.94
CA ASN A 21 1.62 4.51 4.34
C ASN A 21 0.80 5.78 4.68
N GLN A 22 0.60 6.69 3.72
CA GLN A 22 0.03 8.02 3.96
C GLN A 22 -1.45 8.03 4.39
N GLN A 23 -1.80 8.94 5.31
CA GLN A 23 -3.13 9.04 5.92
C GLN A 23 -4.08 9.98 5.15
N SER A 24 -5.41 9.97 5.42
CA SER A 24 -6.44 10.63 4.60
C SER A 24 -6.22 12.11 4.24
N SER A 25 -5.54 12.89 5.09
CA SER A 25 -5.26 14.33 4.92
C SER A 25 -3.80 14.73 5.21
N GLN A 26 -3.05 13.92 5.97
CA GLN A 26 -1.60 14.11 6.19
C GLN A 26 -0.80 14.11 4.87
N PRO A 27 0.34 14.84 4.78
CA PRO A 27 1.23 14.81 3.60
C PRO A 27 1.73 13.41 3.23
N PRO A 28 2.00 13.14 1.94
CA PRO A 28 2.44 11.83 1.44
C PRO A 28 3.75 11.35 2.08
N THR A 29 3.84 10.05 2.39
CA THR A 29 5.07 9.41 2.88
C THR A 29 5.49 8.25 1.99
N THR A 30 6.68 7.67 2.20
CA THR A 30 7.18 6.46 1.51
C THR A 30 8.20 5.68 2.37
N LYS A 31 8.17 4.33 2.30
CA LYS A 31 9.21 3.43 2.87
C LYS A 31 9.08 2.01 2.30
N THR A 32 10.14 1.22 2.39
CA THR A 32 10.13 -0.24 2.14
C THR A 32 9.36 -1.03 3.21
N CYS A 33 8.96 -2.25 2.84
CA CYS A 33 8.34 -3.25 3.72
C CYS A 33 8.77 -4.70 3.41
N SER A 34 8.56 -5.61 4.38
CA SER A 34 8.82 -7.06 4.32
C SER A 34 7.83 -7.85 3.42
N GLU A 35 6.61 -7.34 3.26
CA GLU A 35 5.58 -7.93 2.39
C GLU A 35 5.78 -7.62 0.89
N THR A 36 5.17 -8.44 0.03
CA THR A 36 5.25 -8.36 -1.45
C THR A 36 4.08 -7.59 -2.10
N SER A 37 3.18 -6.99 -1.32
CA SER A 37 2.02 -6.19 -1.77
C SER A 37 1.76 -5.01 -0.84
N CYS A 38 0.93 -4.06 -1.27
CA CYS A 38 0.40 -2.99 -0.41
C CYS A 38 -1.14 -3.07 -0.30
N TYR A 39 -1.73 -2.15 0.47
CA TYR A 39 -3.17 -2.08 0.74
C TYR A 39 -3.73 -0.64 0.75
N LYS A 40 -5.04 -0.57 0.57
CA LYS A 40 -5.95 0.56 0.78
C LYS A 40 -7.24 -0.06 1.34
N LYS A 41 -7.77 0.48 2.44
CA LYS A 41 -9.02 0.06 3.06
C LYS A 41 -9.82 1.26 3.55
N THR A 42 -11.15 1.12 3.54
CA THR A 42 -12.10 2.15 3.99
C THR A 42 -13.38 1.51 4.52
N TRP A 43 -13.82 1.97 5.68
CA TRP A 43 -15.05 1.57 6.36
C TRP A 43 -15.49 2.67 7.34
N ARG A 44 -16.55 2.43 8.09
CA ARG A 44 -17.07 3.36 9.11
C ARG A 44 -16.88 2.80 10.52
N ASP A 45 -16.17 3.57 11.35
CA ASP A 45 -15.94 3.26 12.75
C ASP A 45 -17.12 3.75 13.63
N HIS A 46 -16.93 3.78 14.96
CA HIS A 46 -17.87 4.41 15.90
C HIS A 46 -18.13 5.88 15.51
N ARG A 47 -17.07 6.65 15.24
CA ARG A 47 -17.15 8.09 14.87
C ARG A 47 -17.56 8.35 13.42
N GLY A 48 -17.18 7.49 12.48
CA GLY A 48 -17.41 7.68 11.04
C GLY A 48 -16.29 7.10 10.15
N THR A 49 -16.29 7.46 8.87
CA THR A 49 -15.39 7.02 7.79
C THR A 49 -13.92 7.27 8.09
N ILE A 50 -13.09 6.25 7.85
CA ILE A 50 -11.63 6.30 8.02
C ILE A 50 -10.88 5.76 6.79
N ILE A 51 -9.63 6.16 6.61
CA ILE A 51 -8.69 5.54 5.66
C ILE A 51 -7.70 4.69 6.42
N GLU A 52 -7.43 3.51 5.87
CA GLU A 52 -6.37 2.62 6.30
C GLU A 52 -5.53 2.13 5.11
N ARG A 53 -4.26 1.85 5.39
CA ARG A 53 -3.22 1.59 4.40
C ARG A 53 -2.08 0.82 5.05
N GLY A 54 -1.68 -0.32 4.49
CA GLY A 54 -0.64 -1.16 5.09
C GLY A 54 0.16 -1.98 4.10
N CYS A 55 1.22 -2.61 4.61
CA CYS A 55 2.07 -3.53 3.84
C CYS A 55 1.52 -4.96 3.93
N GLY A 56 1.40 -5.65 2.80
CA GLY A 56 0.73 -6.96 2.67
C GLY A 56 -0.78 -6.86 2.51
N CYS A 57 -1.41 -7.99 2.17
CA CYS A 57 -2.84 -8.10 1.84
C CYS A 57 -3.63 -9.07 2.76
N PRO A 58 -3.66 -8.87 4.09
CA PRO A 58 -4.39 -9.72 5.05
C PRO A 58 -5.93 -9.62 4.94
N LYS A 59 -6.64 -10.53 5.62
CA LYS A 59 -8.10 -10.68 5.62
C LYS A 59 -8.87 -9.43 6.11
N VAL A 60 -10.15 -9.32 5.78
CA VAL A 60 -11.06 -8.25 6.23
C VAL A 60 -12.37 -8.77 6.83
N LYS A 61 -12.96 -7.96 7.72
CA LYS A 61 -14.32 -8.13 8.27
C LYS A 61 -15.39 -7.82 7.19
N PRO A 62 -16.58 -8.45 7.25
CA PRO A 62 -17.73 -8.06 6.41
C PRO A 62 -18.07 -6.58 6.60
N GLY A 63 -18.35 -5.87 5.50
CA GLY A 63 -18.67 -4.44 5.47
C GLY A 63 -17.50 -3.49 5.20
N ILE A 64 -16.26 -3.98 5.09
CA ILE A 64 -15.09 -3.15 4.72
C ILE A 64 -14.87 -3.14 3.18
N LYS A 65 -14.50 -1.97 2.64
CA LYS A 65 -14.07 -1.74 1.25
C LYS A 65 -12.54 -1.78 1.20
N LEU A 66 -11.97 -2.29 0.12
CA LEU A 66 -10.54 -2.63 0.05
C LEU A 66 -9.94 -2.65 -1.37
N HIS A 67 -8.61 -2.54 -1.47
CA HIS A 67 -7.84 -2.80 -2.70
C HIS A 67 -6.38 -3.10 -2.39
N CYS A 68 -5.87 -4.21 -2.94
CA CYS A 68 -4.44 -4.60 -2.93
C CYS A 68 -3.83 -4.56 -4.34
N CYS A 69 -2.53 -4.29 -4.41
CA CYS A 69 -1.69 -4.41 -5.62
C CYS A 69 -0.35 -5.09 -5.32
N ARG A 70 0.27 -5.71 -6.34
CA ARG A 70 1.66 -6.22 -6.33
C ARG A 70 2.74 -5.14 -6.41
N THR A 71 2.36 -3.88 -6.59
CA THR A 71 3.25 -2.70 -6.48
C THR A 71 2.56 -1.58 -5.72
N ASP A 72 3.34 -0.72 -5.07
CA ASP A 72 2.87 0.35 -4.19
C ASP A 72 1.94 1.33 -4.92
N LYS A 73 2.55 2.04 -5.88
CA LYS A 73 1.91 3.16 -6.61
C LYS A 73 0.82 2.71 -7.60
N CYS A 74 0.52 1.41 -7.67
CA CYS A 74 -0.70 0.86 -8.30
C CYS A 74 -1.90 1.10 -7.37
N ASN A 75 -1.66 1.03 -6.06
CA ASN A 75 -2.68 0.98 -5.01
C ASN A 75 -3.15 2.37 -4.52
N ASN A 76 -2.27 3.38 -4.58
CA ASN A 76 -2.55 4.76 -4.15
C ASN A 76 -3.72 5.42 -4.89
N MET A 1 12.78 -34.82 1.48
CA MET A 1 13.45 -34.26 2.67
C MET A 1 13.01 -32.83 2.93
N ARG A 2 12.96 -32.39 4.20
CA ARG A 2 12.59 -31.01 4.58
C ARG A 2 13.66 -29.97 4.22
N GLY A 3 13.24 -28.73 3.99
CA GLY A 3 14.10 -27.55 3.83
C GLY A 3 15.04 -27.57 2.61
N SER A 4 15.88 -26.55 2.49
CA SER A 4 16.90 -26.40 1.43
C SER A 4 18.12 -25.59 1.90
N HIS A 5 19.26 -25.70 1.20
CA HIS A 5 20.50 -25.04 1.60
C HIS A 5 20.42 -23.49 1.59
N HIS A 6 21.12 -22.82 2.51
CA HIS A 6 21.13 -21.36 2.70
C HIS A 6 22.44 -20.85 3.34
N HIS A 7 22.83 -19.60 3.05
CA HIS A 7 24.06 -18.96 3.57
C HIS A 7 23.87 -17.48 3.97
N HIS A 8 24.58 -17.03 5.01
CA HIS A 8 24.41 -15.74 5.69
C HIS A 8 25.30 -14.59 5.18
N HIS A 9 25.27 -14.35 3.86
CA HIS A 9 25.92 -13.16 3.26
C HIS A 9 25.19 -11.85 3.62
N HIS A 10 25.87 -10.70 3.51
CA HIS A 10 25.36 -9.38 3.89
C HIS A 10 24.45 -8.70 2.82
N GLY A 11 23.94 -9.45 1.84
CA GLY A 11 23.16 -8.97 0.70
C GLY A 11 21.75 -8.46 0.98
N SER A 12 21.02 -8.13 -0.09
CA SER A 12 19.68 -7.53 -0.09
C SER A 12 18.85 -7.96 -1.31
N ILE A 13 17.53 -8.05 -1.14
CA ILE A 13 16.57 -8.34 -2.22
C ILE A 13 16.55 -7.22 -3.27
N GLU A 14 16.28 -7.58 -4.53
CA GLU A 14 16.24 -6.67 -5.69
C GLU A 14 15.01 -5.74 -5.69
N GLY A 15 14.99 -4.79 -4.75
CA GLY A 15 13.99 -3.73 -4.60
C GLY A 15 12.70 -4.19 -3.92
N ARG A 16 12.58 -3.94 -2.61
CA ARG A 16 11.34 -4.08 -1.83
C ARG A 16 10.21 -3.18 -2.35
N MET A 17 8.97 -3.55 -2.04
CA MET A 17 7.82 -2.67 -2.20
C MET A 17 7.96 -1.46 -1.26
N ILE A 18 7.78 -0.25 -1.79
CA ILE A 18 7.66 0.96 -0.95
C ILE A 18 6.22 1.48 -0.98
N CYS A 19 5.47 1.24 0.09
CA CYS A 19 4.08 1.67 0.19
C CYS A 19 3.98 3.12 0.69
N TYR A 20 3.02 3.87 0.15
CA TYR A 20 2.76 5.28 0.47
C TYR A 20 2.37 5.50 1.94
N ASN A 21 1.60 4.60 2.52
CA ASN A 21 1.05 4.65 3.90
C ASN A 21 0.30 5.96 4.26
N GLN A 22 0.01 6.84 3.29
CA GLN A 22 -0.52 8.18 3.49
C GLN A 22 -1.98 8.19 3.98
N GLN A 23 -2.32 9.17 4.81
CA GLN A 23 -3.69 9.33 5.34
C GLN A 23 -4.64 10.10 4.38
N SER A 24 -5.92 10.23 4.74
CA SER A 24 -6.99 10.79 3.90
C SER A 24 -6.74 12.23 3.42
N SER A 25 -6.41 13.16 4.33
CA SER A 25 -6.33 14.61 4.13
C SER A 25 -4.89 15.14 4.17
N GLN A 26 -4.01 14.43 4.86
CA GLN A 26 -2.55 14.64 4.89
C GLN A 26 -1.87 14.44 3.52
N PRO A 27 -0.68 15.03 3.30
CA PRO A 27 0.15 14.76 2.13
C PRO A 27 0.77 13.34 2.17
N PRO A 28 1.41 12.88 1.08
CA PRO A 28 2.02 11.55 1.01
C PRO A 28 3.09 11.25 2.06
N THR A 29 3.25 9.96 2.33
CA THR A 29 4.41 9.36 3.03
C THR A 29 5.01 8.25 2.17
N THR A 30 6.06 7.56 2.64
CA THR A 30 6.58 6.30 2.08
C THR A 30 7.17 5.39 3.17
N LYS A 31 7.12 4.08 2.94
CA LYS A 31 7.48 3.02 3.91
C LYS A 31 7.91 1.74 3.21
N THR A 32 8.96 1.12 3.72
CA THR A 32 9.53 -0.12 3.17
C THR A 32 8.84 -1.36 3.71
N CYS A 33 8.38 -2.23 2.80
CA CYS A 33 7.69 -3.48 3.12
C CYS A 33 8.42 -4.72 2.58
N SER A 34 8.55 -5.77 3.39
CA SER A 34 9.00 -7.11 3.02
C SER A 34 7.92 -7.89 2.23
N GLU A 35 6.67 -7.43 2.29
CA GLU A 35 5.51 -7.98 1.59
C GLU A 35 5.55 -7.79 0.06
N THR A 36 4.79 -8.64 -0.65
CA THR A 36 4.69 -8.67 -2.13
C THR A 36 3.59 -7.76 -2.73
N SER A 37 2.89 -6.98 -1.91
CA SER A 37 1.82 -6.05 -2.33
C SER A 37 1.73 -4.82 -1.40
N CYS A 38 1.00 -3.79 -1.83
CA CYS A 38 0.58 -2.64 -1.03
C CYS A 38 -0.95 -2.63 -0.93
N TYR A 39 -1.51 -2.07 0.16
CA TYR A 39 -2.93 -2.11 0.48
C TYR A 39 -3.57 -0.72 0.65
N LYS A 40 -4.89 -0.67 0.48
CA LYS A 40 -5.81 0.45 0.72
C LYS A 40 -7.13 -0.15 1.22
N LYS A 41 -7.73 0.47 2.24
CA LYS A 41 -9.01 0.08 2.84
C LYS A 41 -9.81 1.29 3.31
N THR A 42 -11.12 1.15 3.47
CA THR A 42 -12.02 2.23 3.94
C THR A 42 -13.29 1.66 4.59
N TRP A 43 -13.66 2.20 5.75
CA TRP A 43 -14.93 1.92 6.47
C TRP A 43 -15.25 3.07 7.43
N ARG A 44 -16.22 2.89 8.35
CA ARG A 44 -16.52 3.86 9.40
C ARG A 44 -16.77 3.28 10.80
N ASP A 45 -16.56 4.09 11.83
CA ASP A 45 -16.60 3.71 13.25
C ASP A 45 -17.01 4.89 14.16
N HIS A 46 -16.88 4.78 15.49
CA HIS A 46 -17.32 5.80 16.47
C HIS A 46 -16.75 7.21 16.20
N ARG A 47 -15.49 7.35 15.76
CA ARG A 47 -14.88 8.61 15.26
C ARG A 47 -15.58 9.17 14.02
N GLY A 48 -15.80 8.29 13.04
CA GLY A 48 -16.31 8.59 11.70
C GLY A 48 -15.74 7.62 10.66
N THR A 49 -15.74 8.04 9.40
CA THR A 49 -15.12 7.33 8.28
C THR A 49 -13.59 7.46 8.35
N ILE A 50 -12.86 6.38 8.07
CA ILE A 50 -11.39 6.33 8.12
C ILE A 50 -10.82 5.70 6.85
N ILE A 51 -9.59 6.10 6.48
CA ILE A 51 -8.78 5.41 5.47
C ILE A 51 -7.74 4.58 6.19
N GLU A 52 -7.64 3.31 5.80
CA GLU A 52 -6.55 2.43 6.24
C GLU A 52 -5.69 2.00 5.05
N ARG A 53 -4.41 1.78 5.31
CA ARG A 53 -3.37 1.61 4.29
C ARG A 53 -2.11 1.00 4.92
N GLY A 54 -1.60 -0.07 4.32
CA GLY A 54 -0.35 -0.69 4.77
C GLY A 54 0.34 -1.54 3.71
N CYS A 55 1.24 -2.41 4.16
CA CYS A 55 1.87 -3.45 3.35
C CYS A 55 0.91 -4.65 3.16
N GLY A 56 1.19 -5.50 2.17
CA GLY A 56 0.53 -6.80 1.99
C GLY A 56 -0.89 -6.76 1.42
N CYS A 57 -1.64 -7.84 1.66
CA CYS A 57 -3.05 -7.98 1.30
C CYS A 57 -3.87 -8.97 2.19
N PRO A 58 -3.68 -9.02 3.54
CA PRO A 58 -4.33 -10.01 4.42
C PRO A 58 -5.86 -9.82 4.56
N LYS A 59 -6.55 -10.84 5.08
CA LYS A 59 -8.02 -10.89 5.27
C LYS A 59 -8.56 -9.81 6.21
N VAL A 60 -9.80 -9.36 5.99
CA VAL A 60 -10.43 -8.20 6.64
C VAL A 60 -11.64 -8.58 7.50
N LYS A 61 -12.10 -7.65 8.34
CA LYS A 61 -13.39 -7.78 9.05
C LYS A 61 -14.56 -7.65 8.04
N PRO A 62 -15.73 -8.28 8.27
CA PRO A 62 -16.87 -8.24 7.34
C PRO A 62 -17.33 -6.82 6.97
N GLY A 63 -17.61 -6.58 5.69
CA GLY A 63 -18.23 -5.35 5.17
C GLY A 63 -17.30 -4.17 4.86
N ILE A 64 -15.99 -4.27 5.15
CA ILE A 64 -14.99 -3.23 4.85
C ILE A 64 -14.70 -3.21 3.34
N LYS A 65 -14.42 -2.02 2.79
CA LYS A 65 -13.93 -1.82 1.41
C LYS A 65 -12.41 -1.93 1.38
N LEU A 66 -11.85 -2.55 0.33
CA LEU A 66 -10.41 -2.87 0.24
C LEU A 66 -9.89 -2.83 -1.22
N HIS A 67 -8.57 -2.70 -1.40
CA HIS A 67 -7.90 -2.82 -2.71
C HIS A 67 -6.39 -3.02 -2.53
N CYS A 68 -5.81 -4.05 -3.15
CA CYS A 68 -4.36 -4.32 -3.16
C CYS A 68 -3.85 -4.60 -4.58
N CYS A 69 -2.53 -4.44 -4.83
CA CYS A 69 -1.94 -4.58 -6.18
C CYS A 69 -0.63 -5.39 -6.22
N ARG A 70 -0.31 -5.87 -7.43
CA ARG A 70 0.90 -6.63 -7.83
C ARG A 70 2.23 -5.88 -7.65
N THR A 71 2.22 -4.55 -7.66
CA THR A 71 3.39 -3.68 -7.46
C THR A 71 3.06 -2.53 -6.52
N ASP A 72 4.09 -1.85 -6.01
CA ASP A 72 3.95 -0.88 -4.91
C ASP A 72 3.09 0.36 -5.21
N LYS A 73 3.62 1.33 -5.96
CA LYS A 73 2.93 2.60 -6.29
C LYS A 73 1.80 2.43 -7.31
N CYS A 74 1.50 1.21 -7.75
CA CYS A 74 0.26 0.91 -8.49
C CYS A 74 -0.96 1.30 -7.65
N ASN A 75 -0.90 1.01 -6.35
CA ASN A 75 -2.06 1.09 -5.45
C ASN A 75 -2.31 2.49 -4.85
N ASN A 76 -1.38 3.43 -5.03
CA ASN A 76 -1.44 4.76 -4.40
C ASN A 76 -2.64 5.61 -4.84
N MET A 1 9.02 1.98 -34.47
CA MET A 1 8.52 1.16 -33.35
C MET A 1 7.30 0.35 -33.79
N ARG A 2 7.19 -0.91 -33.34
CA ARG A 2 6.04 -1.80 -33.62
C ARG A 2 4.72 -1.39 -32.94
N GLY A 3 3.61 -1.87 -33.49
CA GLY A 3 2.26 -1.79 -32.93
C GLY A 3 2.03 -2.67 -31.69
N SER A 4 0.79 -2.67 -31.15
CA SER A 4 0.42 -3.44 -29.94
C SER A 4 0.27 -4.95 -30.17
N HIS A 5 0.24 -5.41 -31.43
CA HIS A 5 -0.03 -6.77 -31.89
C HIS A 5 1.04 -7.83 -31.53
N HIS A 6 2.08 -7.41 -30.81
CA HIS A 6 3.24 -8.22 -30.39
C HIS A 6 2.99 -8.95 -29.07
N HIS A 7 3.85 -9.93 -28.74
CA HIS A 7 3.69 -10.78 -27.56
C HIS A 7 3.76 -10.04 -26.21
N HIS A 8 2.94 -10.49 -25.26
CA HIS A 8 2.94 -10.01 -23.87
C HIS A 8 4.11 -10.56 -23.05
N HIS A 9 4.46 -9.82 -22.00
CA HIS A 9 5.48 -10.16 -20.99
C HIS A 9 4.99 -9.90 -19.58
N HIS A 10 5.77 -10.34 -18.59
CA HIS A 10 5.55 -10.11 -17.15
C HIS A 10 6.88 -10.08 -16.38
N GLY A 11 6.87 -9.51 -15.18
CA GLY A 11 8.06 -9.37 -14.34
C GLY A 11 7.81 -8.71 -12.98
N SER A 12 8.89 -8.37 -12.28
CA SER A 12 8.89 -7.62 -11.02
C SER A 12 10.24 -6.90 -10.80
N ILE A 13 10.23 -5.77 -10.10
CA ILE A 13 11.37 -4.89 -9.89
C ILE A 13 12.53 -5.53 -9.08
N GLU A 14 13.76 -5.06 -9.30
CA GLU A 14 14.94 -5.34 -8.47
C GLU A 14 14.91 -4.43 -7.22
N GLY A 15 14.05 -4.77 -6.25
CA GLY A 15 13.86 -4.02 -5.01
C GLY A 15 12.59 -4.38 -4.25
N ARG A 16 12.43 -3.80 -3.06
CA ARG A 16 11.24 -3.89 -2.20
C ARG A 16 10.15 -2.89 -2.59
N MET A 17 8.91 -3.24 -2.28
CA MET A 17 7.76 -2.34 -2.34
C MET A 17 7.92 -1.19 -1.32
N ILE A 18 7.62 0.05 -1.73
CA ILE A 18 7.48 1.20 -0.82
C ILE A 18 6.01 1.60 -0.72
N CYS A 19 5.41 1.43 0.46
CA CYS A 19 4.01 1.75 0.71
C CYS A 19 3.88 3.10 1.42
N TYR A 20 2.87 3.89 1.05
CA TYR A 20 2.70 5.27 1.47
C TYR A 20 2.42 5.43 2.99
N ASN A 21 1.67 4.51 3.56
CA ASN A 21 1.18 4.50 4.96
C ASN A 21 0.46 5.79 5.41
N GLN A 22 0.10 6.68 4.48
CA GLN A 22 -0.51 7.98 4.78
C GLN A 22 -1.90 7.84 5.40
N GLN A 23 -2.20 8.69 6.38
CA GLN A 23 -3.52 8.71 7.06
C GLN A 23 -4.53 9.61 6.33
N SER A 24 -5.83 9.32 6.46
CA SER A 24 -6.93 10.01 5.76
C SER A 24 -6.97 11.55 5.88
N SER A 25 -6.44 12.13 6.96
CA SER A 25 -6.44 13.58 7.22
C SER A 25 -5.05 14.23 7.17
N GLN A 26 -4.01 13.46 6.82
CA GLN A 26 -2.58 13.81 6.83
C GLN A 26 -1.93 13.70 5.43
N PRO A 27 -0.81 14.38 5.14
CA PRO A 27 -0.14 14.33 3.83
C PRO A 27 0.55 12.98 3.53
N PRO A 28 0.96 12.72 2.28
CA PRO A 28 1.64 11.49 1.87
C PRO A 28 2.96 11.20 2.62
N THR A 29 3.10 9.99 3.13
CA THR A 29 4.38 9.46 3.67
C THR A 29 4.86 8.28 2.81
N THR A 30 5.95 7.59 3.17
CA THR A 30 6.42 6.31 2.58
C THR A 30 7.17 5.46 3.61
N LYS A 31 7.33 4.15 3.33
CA LYS A 31 8.05 3.17 4.18
C LYS A 31 8.29 1.91 3.34
N THR A 32 9.34 1.18 3.64
CA THR A 32 9.80 0.06 2.80
C THR A 32 9.47 -1.29 3.43
N CYS A 33 8.92 -2.21 2.63
CA CYS A 33 8.32 -3.47 3.08
C CYS A 33 8.75 -4.72 2.28
N SER A 34 8.84 -5.89 2.92
CA SER A 34 9.20 -7.17 2.28
C SER A 34 8.04 -7.88 1.55
N GLU A 35 6.80 -7.51 1.85
CA GLU A 35 5.61 -8.03 1.16
C GLU A 35 5.51 -7.67 -0.33
N THR A 36 4.71 -8.44 -1.05
CA THR A 36 4.53 -8.35 -2.52
C THR A 36 3.59 -7.24 -3.00
N SER A 37 2.84 -6.59 -2.09
CA SER A 37 1.84 -5.57 -2.39
C SER A 37 1.56 -4.68 -1.17
N CYS A 38 1.04 -3.48 -1.43
CA CYS A 38 0.44 -2.59 -0.45
C CYS A 38 -1.05 -2.97 -0.23
N TYR A 39 -1.79 -2.14 0.48
CA TYR A 39 -3.24 -2.24 0.64
C TYR A 39 -3.89 -0.85 0.69
N LYS A 40 -5.17 -0.83 0.36
CA LYS A 40 -6.13 0.26 0.53
C LYS A 40 -7.38 -0.39 1.10
N LYS A 41 -7.70 -0.11 2.36
CA LYS A 41 -8.95 -0.56 2.98
C LYS A 41 -9.64 0.59 3.71
N THR A 42 -10.96 0.64 3.70
CA THR A 42 -11.72 1.82 4.13
C THR A 42 -13.03 1.43 4.81
N TRP A 43 -13.35 2.08 5.92
CA TRP A 43 -14.62 1.88 6.62
C TRP A 43 -15.09 3.14 7.37
N ARG A 44 -16.29 3.08 7.90
CA ARG A 44 -16.91 4.10 8.76
C ARG A 44 -16.98 3.62 10.21
N ASP A 45 -16.65 4.49 11.16
CA ASP A 45 -16.69 4.23 12.59
C ASP A 45 -17.14 5.49 13.35
N HIS A 46 -17.16 5.48 14.68
CA HIS A 46 -17.41 6.69 15.50
C HIS A 46 -16.33 7.76 15.24
N ARG A 47 -15.09 7.31 15.01
CA ARG A 47 -13.93 8.09 14.50
C ARG A 47 -14.08 8.55 13.03
N GLY A 48 -15.22 8.32 12.40
CA GLY A 48 -15.55 8.80 11.05
C GLY A 48 -15.21 7.82 9.93
N THR A 49 -15.11 8.33 8.70
CA THR A 49 -14.67 7.59 7.51
C THR A 49 -13.15 7.64 7.47
N ILE A 50 -12.49 6.49 7.60
CA ILE A 50 -11.03 6.39 7.79
C ILE A 50 -10.38 5.49 6.73
N ILE A 51 -9.08 5.67 6.48
CA ILE A 51 -8.30 4.82 5.57
C ILE A 51 -7.25 4.01 6.32
N GLU A 52 -7.27 2.70 6.12
CA GLU A 52 -6.19 1.82 6.56
C GLU A 52 -5.40 1.28 5.36
N ARG A 53 -4.10 1.09 5.57
CA ARG A 53 -3.11 0.99 4.49
C ARG A 53 -1.81 0.29 4.93
N GLY A 54 -1.77 -1.03 4.84
CA GLY A 54 -0.63 -1.85 5.27
C GLY A 54 0.15 -2.52 4.13
N CYS A 55 1.25 -3.18 4.47
CA CYS A 55 2.04 -4.02 3.57
C CYS A 55 1.62 -5.50 3.66
N GLY A 56 1.33 -6.12 2.52
CA GLY A 56 0.80 -7.48 2.37
C GLY A 56 -0.73 -7.54 2.31
N CYS A 57 -1.28 -8.52 1.59
CA CYS A 57 -2.72 -8.59 1.26
C CYS A 57 -3.48 -9.83 1.80
N PRO A 58 -3.55 -10.06 3.13
CA PRO A 58 -4.43 -11.07 3.74
C PRO A 58 -5.91 -10.62 3.69
N LYS A 59 -6.86 -11.52 3.98
CA LYS A 59 -8.31 -11.21 3.96
C LYS A 59 -8.71 -10.17 5.01
N VAL A 60 -9.75 -9.38 4.74
CA VAL A 60 -10.26 -8.33 5.65
C VAL A 60 -11.40 -8.82 6.54
N LYS A 61 -11.61 -8.09 7.64
CA LYS A 61 -12.79 -8.24 8.51
C LYS A 61 -14.04 -7.67 7.80
N PRO A 62 -15.26 -8.15 8.13
CA PRO A 62 -16.51 -7.69 7.51
C PRO A 62 -16.72 -6.17 7.51
N GLY A 63 -17.44 -5.66 6.50
CA GLY A 63 -17.86 -4.26 6.39
C GLY A 63 -16.81 -3.26 5.89
N ILE A 64 -15.55 -3.68 5.73
CA ILE A 64 -14.47 -2.85 5.18
C ILE A 64 -14.41 -3.01 3.64
N LYS A 65 -14.38 -1.92 2.87
CA LYS A 65 -14.12 -1.96 1.41
C LYS A 65 -12.62 -2.13 1.16
N LEU A 66 -12.21 -2.98 0.21
CA LEU A 66 -10.81 -3.42 0.07
C LEU A 66 -10.25 -3.41 -1.36
N HIS A 67 -8.96 -3.08 -1.51
CA HIS A 67 -8.20 -3.23 -2.75
C HIS A 67 -6.68 -3.32 -2.52
N CYS A 68 -6.04 -4.34 -3.11
CA CYS A 68 -4.58 -4.45 -3.19
C CYS A 68 -4.11 -4.62 -4.65
N CYS A 69 -3.18 -3.77 -5.10
CA CYS A 69 -2.65 -3.76 -6.47
C CYS A 69 -1.40 -4.65 -6.64
N ARG A 70 -1.11 -5.01 -7.89
CA ARG A 70 0.09 -5.75 -8.33
C ARG A 70 1.42 -5.03 -8.01
N THR A 71 1.45 -3.69 -7.97
CA THR A 71 2.66 -2.88 -7.70
C THR A 71 2.36 -1.83 -6.64
N ASP A 72 3.40 -1.26 -6.00
CA ASP A 72 3.27 -0.45 -4.78
C ASP A 72 2.42 0.83 -4.88
N LYS A 73 2.92 1.92 -5.45
CA LYS A 73 2.25 3.22 -5.56
C LYS A 73 1.02 3.19 -6.48
N CYS A 74 0.77 2.09 -7.21
CA CYS A 74 -0.49 1.88 -7.92
C CYS A 74 -1.68 1.88 -6.94
N ASN A 75 -1.45 1.37 -5.72
CA ASN A 75 -2.46 1.21 -4.68
C ASN A 75 -2.91 2.53 -4.02
N ASN A 76 -2.25 3.64 -4.34
CA ASN A 76 -2.42 4.95 -3.72
C ASN A 76 -3.85 5.51 -3.82
N MET A 1 5.86 15.11 -32.05
CA MET A 1 6.67 14.51 -30.97
C MET A 1 7.84 13.72 -31.55
N ARG A 2 7.55 12.68 -32.36
CA ARG A 2 8.51 11.73 -32.95
C ARG A 2 9.51 11.19 -31.90
N GLY A 3 8.97 10.62 -30.82
CA GLY A 3 9.74 10.10 -29.69
C GLY A 3 8.98 9.03 -28.88
N SER A 4 9.70 8.24 -28.08
CA SER A 4 9.12 7.15 -27.28
C SER A 4 10.01 6.76 -26.09
N HIS A 5 9.38 6.38 -24.97
CA HIS A 5 10.08 6.09 -23.73
C HIS A 5 10.97 4.84 -23.79
N HIS A 6 12.09 4.86 -23.07
CA HIS A 6 13.06 3.75 -23.01
C HIS A 6 12.71 2.68 -21.96
N HIS A 7 11.73 2.96 -21.09
CA HIS A 7 11.31 2.07 -20.01
C HIS A 7 10.78 0.71 -20.52
N HIS A 8 10.93 -0.31 -19.68
CA HIS A 8 10.51 -1.69 -19.96
C HIS A 8 9.84 -2.27 -18.71
N HIS A 9 8.52 -2.40 -18.73
CA HIS A 9 7.67 -2.66 -17.57
C HIS A 9 8.03 -3.94 -16.78
N HIS A 10 8.06 -3.82 -15.45
CA HIS A 10 8.44 -4.87 -14.48
C HIS A 10 9.82 -5.50 -14.71
N GLY A 11 10.69 -4.91 -15.54
CA GLY A 11 12.00 -5.46 -15.93
C GLY A 11 13.03 -5.52 -14.79
N SER A 12 12.90 -4.65 -13.79
CA SER A 12 13.79 -4.51 -12.61
C SER A 12 12.99 -4.32 -11.31
N ILE A 13 13.67 -4.39 -10.16
CA ILE A 13 13.08 -4.14 -8.84
C ILE A 13 14.13 -3.64 -7.83
N GLU A 14 13.78 -2.62 -7.05
CA GLU A 14 14.68 -1.88 -6.13
C GLU A 14 14.84 -2.55 -4.73
N GLY A 15 15.00 -3.88 -4.70
CA GLY A 15 15.04 -4.67 -3.47
C GLY A 15 13.69 -4.62 -2.71
N ARG A 16 13.71 -4.38 -1.39
CA ARG A 16 12.54 -4.19 -0.52
C ARG A 16 11.48 -3.23 -1.11
N MET A 17 10.21 -3.60 -0.99
CA MET A 17 9.04 -2.80 -1.42
C MET A 17 8.91 -1.51 -0.61
N ILE A 18 8.25 -0.48 -1.18
CA ILE A 18 7.89 0.75 -0.45
C ILE A 18 6.42 1.14 -0.64
N CYS A 19 5.65 1.15 0.45
CA CYS A 19 4.25 1.59 0.45
C CYS A 19 4.11 3.08 0.83
N TYR A 20 3.15 3.78 0.22
CA TYR A 20 2.88 5.22 0.44
C TYR A 20 2.30 5.52 1.83
N ASN A 21 1.42 4.65 2.33
CA ASN A 21 0.79 4.70 3.66
C ASN A 21 0.14 6.06 4.05
N GLN A 22 -0.28 6.90 3.10
CA GLN A 22 -0.84 8.24 3.40
C GLN A 22 -2.23 8.17 4.04
N GLN A 23 -2.41 8.91 5.13
CA GLN A 23 -3.69 9.07 5.84
C GLN A 23 -4.65 10.07 5.15
N SER A 24 -5.89 10.14 5.64
CA SER A 24 -7.03 10.84 5.01
C SER A 24 -6.85 12.34 4.71
N SER A 25 -5.99 13.06 5.44
CA SER A 25 -5.89 14.53 5.43
C SER A 25 -4.45 15.05 5.25
N GLN A 26 -3.59 14.25 4.61
CA GLN A 26 -2.18 14.57 4.34
C GLN A 26 -1.79 14.23 2.88
N PRO A 27 -0.74 14.85 2.31
CA PRO A 27 -0.15 14.46 1.03
C PRO A 27 0.53 13.08 1.10
N PRO A 28 0.96 12.48 -0.04
CA PRO A 28 1.64 11.19 -0.07
C PRO A 28 2.83 11.08 0.91
N THR A 29 2.87 10.00 1.70
CA THR A 29 4.03 9.60 2.53
C THR A 29 4.76 8.41 1.87
N THR A 30 5.77 7.81 2.53
CA THR A 30 6.38 6.51 2.15
C THR A 30 6.89 5.74 3.38
N LYS A 31 7.04 4.41 3.24
CA LYS A 31 7.61 3.46 4.22
C LYS A 31 8.06 2.19 3.51
N THR A 32 9.06 1.52 4.04
CA THR A 32 9.55 0.21 3.61
C THR A 32 8.69 -0.96 4.11
N CYS A 33 8.60 -1.98 3.26
CA CYS A 33 7.89 -3.23 3.52
C CYS A 33 8.72 -4.49 3.19
N SER A 34 8.65 -5.51 4.05
CA SER A 34 9.16 -6.88 3.79
C SER A 34 8.15 -7.71 2.96
N GLU A 35 6.90 -7.25 2.93
CA GLU A 35 5.79 -7.70 2.09
C GLU A 35 6.00 -7.36 0.60
N THR A 36 5.14 -7.86 -0.29
CA THR A 36 5.26 -7.74 -1.76
C THR A 36 4.25 -6.80 -2.43
N SER A 37 3.21 -6.38 -1.72
CA SER A 37 2.05 -5.64 -2.22
C SER A 37 1.68 -4.46 -1.30
N CYS A 38 0.71 -3.62 -1.70
CA CYS A 38 0.21 -2.47 -0.93
C CYS A 38 -1.33 -2.42 -0.89
N TYR A 39 -1.90 -2.06 0.27
CA TYR A 39 -3.34 -1.97 0.54
C TYR A 39 -3.92 -0.55 0.51
N LYS A 40 -5.25 -0.44 0.36
CA LYS A 40 -6.08 0.78 0.37
C LYS A 40 -7.49 0.37 0.79
N LYS A 41 -7.90 0.68 2.02
CA LYS A 41 -9.13 0.19 2.67
C LYS A 41 -9.80 1.27 3.54
N THR A 42 -11.12 1.18 3.71
CA THR A 42 -11.96 2.24 4.32
C THR A 42 -13.18 1.62 4.99
N TRP A 43 -13.60 2.13 6.15
CA TRP A 43 -14.86 1.77 6.78
C TRP A 43 -15.39 2.88 7.70
N ARG A 44 -16.50 2.61 8.38
CA ARG A 44 -17.16 3.52 9.32
C ARG A 44 -17.09 2.96 10.74
N ASP A 45 -16.57 3.74 11.67
CA ASP A 45 -16.27 3.37 13.06
C ASP A 45 -16.67 4.54 14.00
N HIS A 46 -16.35 4.46 15.30
CA HIS A 46 -16.70 5.52 16.26
C HIS A 46 -16.04 6.87 15.92
N ARG A 47 -14.80 6.85 15.38
CA ARG A 47 -14.07 7.99 14.78
C ARG A 47 -14.67 8.50 13.45
N GLY A 48 -15.87 8.05 13.07
CA GLY A 48 -16.51 8.32 11.80
C GLY A 48 -15.96 7.43 10.69
N THR A 49 -15.96 7.92 9.45
CA THR A 49 -15.28 7.30 8.32
C THR A 49 -13.77 7.48 8.51
N ILE A 50 -13.00 6.40 8.38
CA ILE A 50 -11.54 6.36 8.59
C ILE A 50 -10.84 5.69 7.38
N ILE A 51 -9.58 6.02 7.16
CA ILE A 51 -8.73 5.41 6.13
C ILE A 51 -7.71 4.44 6.74
N GLU A 52 -7.48 3.32 6.05
CA GLU A 52 -6.38 2.40 6.35
C GLU A 52 -5.66 1.94 5.08
N ARG A 53 -4.36 1.69 5.22
CA ARG A 53 -3.40 1.45 4.14
C ARG A 53 -2.07 1.00 4.74
N GLY A 54 -1.61 -0.18 4.35
CA GLY A 54 -0.33 -0.71 4.85
C GLY A 54 0.39 -1.61 3.84
N CYS A 55 1.44 -2.26 4.31
CA CYS A 55 2.19 -3.27 3.58
C CYS A 55 1.43 -4.61 3.47
N GLY A 56 1.54 -5.27 2.31
CA GLY A 56 0.91 -6.56 2.05
C GLY A 56 -0.59 -6.48 1.73
N CYS A 57 -1.19 -7.64 1.50
CA CYS A 57 -2.62 -7.82 1.25
C CYS A 57 -3.20 -9.07 1.95
N PRO A 58 -3.21 -9.10 3.31
CA PRO A 58 -3.90 -10.12 4.12
C PRO A 58 -5.44 -9.98 4.09
N LYS A 59 -6.13 -10.91 4.76
CA LYS A 59 -7.60 -10.97 4.87
C LYS A 59 -8.21 -9.83 5.72
N VAL A 60 -9.53 -9.63 5.61
CA VAL A 60 -10.29 -8.54 6.26
C VAL A 60 -11.64 -8.98 6.84
N LYS A 61 -12.18 -8.19 7.77
CA LYS A 61 -13.56 -8.30 8.28
C LYS A 61 -14.60 -7.90 7.21
N PRO A 62 -15.86 -8.41 7.30
CA PRO A 62 -16.97 -7.91 6.50
C PRO A 62 -17.29 -6.44 6.81
N GLY A 63 -18.01 -5.76 5.90
CA GLY A 63 -18.43 -4.36 6.05
C GLY A 63 -17.35 -3.33 5.74
N ILE A 64 -16.06 -3.71 5.77
CA ILE A 64 -14.94 -2.87 5.28
C ILE A 64 -14.90 -2.91 3.74
N LYS A 65 -14.52 -1.79 3.13
CA LYS A 65 -14.22 -1.64 1.70
C LYS A 65 -12.70 -1.73 1.49
N LEU A 66 -12.26 -2.33 0.38
CA LEU A 66 -10.84 -2.68 0.18
C LEU A 66 -10.41 -2.74 -1.29
N HIS A 67 -9.11 -2.55 -1.52
CA HIS A 67 -8.42 -2.81 -2.78
C HIS A 67 -6.91 -2.93 -2.56
N CYS A 68 -6.22 -3.85 -3.25
CA CYS A 68 -4.77 -4.00 -3.20
C CYS A 68 -4.18 -4.40 -4.57
N CYS A 69 -2.91 -4.05 -4.83
CA CYS A 69 -2.21 -4.36 -6.07
C CYS A 69 -0.92 -5.18 -5.85
N ARG A 70 -0.55 -5.97 -6.86
CA ARG A 70 0.59 -6.91 -6.85
C ARG A 70 1.97 -6.26 -6.77
N THR A 71 2.10 -4.98 -7.12
CA THR A 71 3.36 -4.21 -6.99
C THR A 71 3.12 -2.96 -6.13
N ASP A 72 4.18 -2.43 -5.53
CA ASP A 72 4.09 -1.42 -4.47
C ASP A 72 3.41 -0.08 -4.85
N LYS A 73 4.07 0.81 -5.59
CA LYS A 73 3.54 2.12 -6.03
C LYS A 73 2.45 2.02 -7.11
N CYS A 74 1.96 0.82 -7.43
CA CYS A 74 0.78 0.63 -8.26
C CYS A 74 -0.47 1.24 -7.60
N ASN A 75 -0.58 1.14 -6.27
CA ASN A 75 -1.81 1.46 -5.56
C ASN A 75 -1.85 2.87 -4.97
N ASN A 76 -0.84 3.70 -5.28
CA ASN A 76 -0.59 4.98 -4.61
C ASN A 76 -1.56 6.11 -4.99
N MET A 1 6.98 -22.50 -32.55
CA MET A 1 7.30 -22.43 -33.98
C MET A 1 8.12 -21.19 -34.32
N ARG A 2 7.73 -19.99 -33.90
CA ARG A 2 8.34 -18.72 -34.35
C ARG A 2 9.84 -18.59 -34.05
N GLY A 3 10.23 -18.74 -32.78
CA GLY A 3 11.62 -18.58 -32.32
C GLY A 3 11.73 -17.96 -30.91
N SER A 4 12.95 -17.92 -30.38
CA SER A 4 13.25 -17.40 -29.04
C SER A 4 14.70 -16.95 -28.90
N HIS A 5 14.92 -15.78 -28.28
CA HIS A 5 16.22 -15.25 -27.85
C HIS A 5 16.11 -14.60 -26.46
N HIS A 6 17.10 -14.85 -25.60
CA HIS A 6 17.16 -14.30 -24.25
C HIS A 6 17.64 -12.83 -24.24
N HIS A 7 17.01 -11.96 -23.45
CA HIS A 7 17.37 -10.54 -23.29
C HIS A 7 18.74 -10.38 -22.58
N HIS A 8 19.41 -9.24 -22.72
CA HIS A 8 20.74 -8.95 -22.15
C HIS A 8 20.70 -8.60 -20.64
N HIS A 9 19.92 -9.36 -19.86
CA HIS A 9 19.61 -9.15 -18.43
C HIS A 9 20.83 -9.13 -17.47
N HIS A 10 20.70 -8.38 -16.37
CA HIS A 10 21.65 -8.33 -15.23
C HIS A 10 20.95 -7.73 -13.98
N GLY A 11 21.64 -7.73 -12.84
CA GLY A 11 21.14 -7.20 -11.56
C GLY A 11 20.38 -8.22 -10.71
N SER A 12 20.44 -8.07 -9.39
CA SER A 12 19.83 -8.98 -8.41
C SER A 12 18.30 -9.01 -8.50
N ILE A 13 17.68 -10.14 -8.14
CA ILE A 13 16.22 -10.23 -7.96
C ILE A 13 15.79 -9.47 -6.69
N GLU A 14 16.69 -9.34 -5.71
CA GLU A 14 16.47 -8.67 -4.42
C GLU A 14 15.96 -7.23 -4.57
N GLY A 15 14.72 -6.99 -4.11
CA GLY A 15 14.07 -5.67 -4.12
C GLY A 15 13.06 -5.54 -2.97
N ARG A 16 12.66 -4.30 -2.66
CA ARG A 16 11.82 -3.98 -1.48
C ARG A 16 10.77 -2.92 -1.78
N MET A 17 9.52 -3.23 -1.44
CA MET A 17 8.39 -2.31 -1.51
C MET A 17 8.55 -1.12 -0.55
N ILE A 18 8.28 0.10 -1.05
CA ILE A 18 8.12 1.32 -0.22
C ILE A 18 6.71 1.89 -0.43
N CYS A 19 5.77 1.50 0.44
CA CYS A 19 4.37 1.92 0.28
C CYS A 19 4.08 3.25 0.98
N TYR A 20 3.14 4.02 0.43
CA TYR A 20 2.87 5.42 0.81
C TYR A 20 1.99 5.59 2.07
N ASN A 21 1.30 4.52 2.48
CA ASN A 21 0.55 4.25 3.72
C ASN A 21 -0.28 5.38 4.37
N GLN A 22 -0.61 6.43 3.60
CA GLN A 22 -1.21 7.66 4.09
C GLN A 22 -2.59 7.47 4.75
N GLN A 23 -2.98 8.44 5.57
CA GLN A 23 -4.30 8.52 6.24
C GLN A 23 -5.27 9.48 5.53
N SER A 24 -6.56 9.47 5.90
CA SER A 24 -7.66 10.16 5.20
C SER A 24 -7.45 11.65 4.87
N SER A 25 -6.72 12.38 5.70
CA SER A 25 -6.48 13.82 5.52
C SER A 25 -5.06 14.27 5.88
N GLN A 26 -4.39 13.55 6.78
CA GLN A 26 -2.95 13.71 7.09
C GLN A 26 -2.07 13.54 5.83
N PRO A 27 -0.82 14.05 5.80
CA PRO A 27 -0.02 14.10 4.56
C PRO A 27 0.40 12.75 3.96
N PRO A 28 0.72 12.68 2.65
CA PRO A 28 1.27 11.48 2.02
C PRO A 28 2.65 11.11 2.61
N THR A 29 2.81 9.86 3.05
CA THR A 29 4.08 9.34 3.63
C THR A 29 4.72 8.28 2.74
N THR A 30 5.72 7.59 3.29
CA THR A 30 6.35 6.36 2.76
C THR A 30 6.89 5.47 3.89
N LYS A 31 6.93 4.16 3.66
CA LYS A 31 7.57 3.17 4.54
C LYS A 31 7.95 1.91 3.78
N THR A 32 9.04 1.30 4.19
CA THR A 32 9.53 0.01 3.68
C THR A 32 8.75 -1.17 4.23
N CYS A 33 8.60 -2.20 3.41
CA CYS A 33 7.84 -3.40 3.74
C CYS A 33 8.51 -4.72 3.27
N SER A 34 8.33 -5.78 4.05
CA SER A 34 8.78 -7.15 3.75
C SER A 34 7.94 -7.81 2.66
N GLU A 35 6.65 -7.46 2.62
CA GLU A 35 5.66 -7.88 1.62
C GLU A 35 5.95 -7.39 0.19
N THR A 36 5.37 -8.07 -0.80
CA THR A 36 5.54 -7.79 -2.24
C THR A 36 4.42 -6.94 -2.85
N SER A 37 3.37 -6.61 -2.10
CA SER A 37 2.17 -5.88 -2.51
C SER A 37 1.78 -4.80 -1.48
N CYS A 38 0.90 -3.87 -1.86
CA CYS A 38 0.27 -2.92 -0.96
C CYS A 38 -1.27 -2.90 -1.11
N TYR A 39 -1.95 -2.19 -0.20
CA TYR A 39 -3.40 -2.26 0.03
C TYR A 39 -4.07 -0.88 0.19
N LYS A 40 -5.39 -0.83 -0.06
CA LYS A 40 -6.31 0.30 0.19
C LYS A 40 -7.55 -0.20 0.92
N LYS A 41 -7.79 0.33 2.12
CA LYS A 41 -8.81 -0.16 3.07
C LYS A 41 -9.63 0.97 3.68
N THR A 42 -10.94 0.77 3.86
CA THR A 42 -11.86 1.83 4.34
C THR A 42 -13.06 1.26 5.10
N TRP A 43 -13.38 1.87 6.24
CA TRP A 43 -14.56 1.54 7.05
C TRP A 43 -14.94 2.72 7.97
N ARG A 44 -15.97 2.53 8.80
CA ARG A 44 -16.44 3.51 9.80
C ARG A 44 -16.12 3.10 11.24
N ASP A 45 -15.59 4.05 11.99
CA ASP A 45 -15.20 3.95 13.41
C ASP A 45 -15.75 5.18 14.18
N HIS A 46 -15.42 5.33 15.47
CA HIS A 46 -15.92 6.41 16.35
C HIS A 46 -15.73 7.83 15.80
N ARG A 47 -14.60 8.12 15.14
CA ARG A 47 -14.34 9.42 14.51
C ARG A 47 -15.12 9.61 13.20
N GLY A 48 -15.20 8.58 12.36
CA GLY A 48 -15.84 8.63 11.04
C GLY A 48 -15.30 7.56 10.08
N THR A 49 -15.34 7.87 8.77
CA THR A 49 -14.84 7.03 7.68
C THR A 49 -13.33 7.24 7.52
N ILE A 50 -12.54 6.35 8.11
CA ILE A 50 -11.06 6.37 8.09
C ILE A 50 -10.53 5.75 6.77
N ILE A 51 -9.38 6.20 6.25
CA ILE A 51 -8.80 5.70 4.98
C ILE A 51 -7.39 5.19 5.20
N GLU A 52 -7.28 3.87 5.16
CA GLU A 52 -6.11 3.10 5.56
C GLU A 52 -5.37 2.44 4.41
N ARG A 53 -4.04 2.36 4.52
CA ARG A 53 -3.15 1.69 3.55
C ARG A 53 -2.05 0.90 4.26
N GLY A 54 -1.75 -0.29 3.76
CA GLY A 54 -0.75 -1.16 4.39
C GLY A 54 -0.19 -2.22 3.44
N CYS A 55 0.90 -2.86 3.84
CA CYS A 55 1.63 -3.81 2.99
C CYS A 55 1.13 -5.26 3.14
N GLY A 56 1.21 -6.03 2.05
CA GLY A 56 0.65 -7.38 1.90
C GLY A 56 -0.69 -7.40 1.16
N CYS A 57 -1.32 -8.58 1.08
CA CYS A 57 -2.69 -8.72 0.57
C CYS A 57 -3.57 -9.70 1.40
N PRO A 58 -3.85 -9.38 2.68
CA PRO A 58 -4.67 -10.24 3.56
C PRO A 58 -6.19 -10.10 3.37
N LYS A 59 -6.93 -11.07 3.94
CA LYS A 59 -8.39 -11.04 4.15
C LYS A 59 -8.70 -10.17 5.37
N VAL A 60 -9.87 -9.54 5.41
CA VAL A 60 -10.27 -8.57 6.46
C VAL A 60 -11.74 -8.72 6.86
N LYS A 61 -12.09 -8.22 8.05
CA LYS A 61 -13.40 -8.39 8.70
C LYS A 61 -14.56 -7.80 7.87
N PRO A 62 -15.80 -8.30 8.03
CA PRO A 62 -16.96 -7.80 7.30
C PRO A 62 -17.29 -6.33 7.62
N GLY A 63 -17.85 -5.63 6.64
CA GLY A 63 -18.12 -4.19 6.65
C GLY A 63 -16.96 -3.30 6.22
N ILE A 64 -15.73 -3.85 6.10
CA ILE A 64 -14.57 -3.10 5.60
C ILE A 64 -14.41 -3.26 4.08
N LYS A 65 -14.19 -2.16 3.34
CA LYS A 65 -13.89 -2.14 1.90
C LYS A 65 -12.38 -2.39 1.69
N LEU A 66 -12.00 -3.06 0.60
CA LEU A 66 -10.63 -3.56 0.38
C LEU A 66 -10.18 -3.57 -1.09
N HIS A 67 -8.88 -3.42 -1.33
CA HIS A 67 -8.20 -3.59 -2.63
C HIS A 67 -6.69 -3.86 -2.42
N CYS A 68 -6.06 -4.63 -3.32
CA CYS A 68 -4.62 -4.89 -3.35
C CYS A 68 -4.00 -4.48 -4.70
N CYS A 69 -2.73 -4.04 -4.70
CA CYS A 69 -1.93 -3.79 -5.91
C CYS A 69 -0.63 -4.60 -5.91
N ARG A 70 -0.13 -4.91 -7.11
CA ARG A 70 0.98 -5.87 -7.34
C ARG A 70 2.37 -5.39 -6.90
N THR A 71 2.55 -4.10 -6.69
CA THR A 71 3.73 -3.45 -6.12
C THR A 71 3.29 -2.30 -5.18
N ASP A 72 4.23 -1.47 -4.75
CA ASP A 72 4.08 -0.45 -3.69
C ASP A 72 3.21 0.78 -4.05
N LYS A 73 3.79 1.81 -4.69
CA LYS A 73 3.11 3.03 -5.15
C LYS A 73 2.07 2.71 -6.24
N CYS A 74 2.04 1.50 -6.79
CA CYS A 74 1.00 0.94 -7.68
C CYS A 74 -0.42 1.32 -7.25
N ASN A 75 -0.71 1.26 -5.95
CA ASN A 75 -2.04 1.52 -5.41
C ASN A 75 -2.39 3.04 -5.35
N ASN A 76 -1.39 3.93 -5.44
CA ASN A 76 -1.54 5.37 -5.15
C ASN A 76 -2.55 6.10 -6.06
N MET A 1 -6.32 -1.15 -30.00
CA MET A 1 -4.92 -1.50 -30.35
C MET A 1 -4.53 -0.84 -31.67
N ARG A 2 -3.37 -0.16 -31.74
CA ARG A 2 -2.74 0.34 -32.99
C ARG A 2 -1.29 -0.16 -33.13
N GLY A 3 -0.67 0.09 -34.28
CA GLY A 3 0.64 -0.46 -34.67
C GLY A 3 1.81 -0.13 -33.72
N SER A 4 1.73 0.94 -32.93
CA SER A 4 2.77 1.28 -31.93
C SER A 4 2.70 0.45 -30.64
N HIS A 5 1.55 -0.16 -30.32
CA HIS A 5 1.31 -0.91 -29.07
C HIS A 5 2.08 -2.24 -29.02
N HIS A 6 2.44 -2.69 -27.82
CA HIS A 6 3.05 -4.00 -27.51
C HIS A 6 2.81 -4.37 -26.04
N HIS A 7 2.95 -5.66 -25.69
CA HIS A 7 2.85 -6.15 -24.30
C HIS A 7 4.11 -5.86 -23.47
N HIS A 8 3.93 -5.60 -22.17
CA HIS A 8 5.04 -5.46 -21.20
C HIS A 8 5.46 -6.81 -20.60
N HIS A 9 6.74 -6.96 -20.23
CA HIS A 9 7.32 -8.23 -19.76
C HIS A 9 8.27 -8.11 -18.55
N HIS A 10 8.65 -6.90 -18.12
CA HIS A 10 9.56 -6.70 -16.98
C HIS A 10 8.93 -7.15 -15.65
N GLY A 11 9.66 -7.99 -14.91
CA GLY A 11 9.25 -8.62 -13.65
C GLY A 11 9.39 -7.71 -12.42
N SER A 12 10.04 -8.23 -11.38
CA SER A 12 10.26 -7.55 -10.09
C SER A 12 11.23 -6.37 -10.24
N ILE A 13 10.85 -5.16 -9.82
CA ILE A 13 11.68 -3.94 -9.96
C ILE A 13 12.99 -4.04 -9.16
N GLU A 14 14.05 -3.35 -9.59
CA GLU A 14 15.33 -3.29 -8.85
C GLU A 14 15.25 -2.34 -7.63
N GLY A 15 14.63 -2.82 -6.56
CA GLY A 15 14.55 -2.13 -5.26
C GLY A 15 13.38 -2.64 -4.40
N ARG A 16 13.49 -2.50 -3.08
CA ARG A 16 12.43 -2.89 -2.13
C ARG A 16 11.12 -2.11 -2.37
N MET A 17 9.98 -2.77 -2.20
CA MET A 17 8.66 -2.13 -2.19
C MET A 17 8.56 -1.04 -1.11
N ILE A 18 7.92 0.08 -1.46
CA ILE A 18 7.64 1.19 -0.54
C ILE A 18 6.15 1.52 -0.47
N CYS A 19 5.56 1.34 0.72
CA CYS A 19 4.19 1.76 1.00
C CYS A 19 4.13 3.27 1.26
N TYR A 20 3.08 3.94 0.78
CA TYR A 20 2.78 5.35 1.12
C TYR A 20 2.42 5.57 2.60
N ASN A 21 1.83 4.57 3.27
CA ASN A 21 1.38 4.60 4.68
C ASN A 21 0.49 5.82 5.09
N GLN A 22 0.03 6.61 4.11
CA GLN A 22 -0.72 7.85 4.29
C GLN A 22 -2.11 7.71 4.98
N GLN A 23 -2.42 8.68 5.86
CA GLN A 23 -3.74 8.84 6.47
C GLN A 23 -4.54 9.97 5.79
N SER A 24 -5.87 9.97 5.97
CA SER A 24 -6.84 10.84 5.31
C SER A 24 -6.56 12.35 5.42
N SER A 25 -6.33 12.85 6.64
CA SER A 25 -6.19 14.24 7.02
C SER A 25 -4.76 14.76 6.94
N GLN A 26 -3.87 14.00 6.26
CA GLN A 26 -2.43 14.18 6.29
C GLN A 26 -1.79 14.15 4.88
N PRO A 27 -0.56 14.66 4.69
CA PRO A 27 0.21 14.50 3.44
C PRO A 27 0.63 13.04 3.16
N PRO A 28 0.98 12.65 1.92
CA PRO A 28 1.49 11.32 1.61
C PRO A 28 2.91 11.10 2.17
N THR A 29 3.10 9.97 2.86
CA THR A 29 4.37 9.50 3.48
C THR A 29 5.04 8.38 2.65
N THR A 30 6.15 7.79 3.11
CA THR A 30 6.75 6.55 2.55
C THR A 30 7.47 5.68 3.58
N LYS A 31 7.47 4.35 3.39
CA LYS A 31 8.29 3.36 4.14
C LYS A 31 8.52 2.08 3.35
N THR A 32 9.64 1.41 3.59
CA THR A 32 9.98 0.09 3.04
C THR A 32 9.24 -1.07 3.71
N CYS A 33 8.99 -2.13 2.95
CA CYS A 33 8.50 -3.44 3.42
C CYS A 33 9.02 -4.59 2.54
N SER A 34 9.17 -5.81 3.09
CA SER A 34 9.62 -7.00 2.35
C SER A 34 8.51 -7.63 1.48
N GLU A 35 7.24 -7.38 1.78
CA GLU A 35 6.10 -7.77 0.94
C GLU A 35 6.17 -7.18 -0.50
N THR A 36 5.41 -7.76 -1.43
CA THR A 36 5.42 -7.44 -2.87
C THR A 36 4.45 -6.33 -3.29
N SER A 37 3.56 -5.86 -2.39
CA SER A 37 2.57 -4.82 -2.70
C SER A 37 2.08 -4.06 -1.45
N CYS A 38 1.31 -2.99 -1.65
CA CYS A 38 0.63 -2.22 -0.60
C CYS A 38 -0.90 -2.26 -0.78
N TYR A 39 -1.63 -2.00 0.31
CA TYR A 39 -3.09 -2.14 0.41
C TYR A 39 -3.81 -0.79 0.64
N LYS A 40 -5.14 -0.79 0.51
CA LYS A 40 -6.04 0.35 0.82
C LYS A 40 -7.33 -0.19 1.42
N LYS A 41 -7.64 0.23 2.66
CA LYS A 41 -8.72 -0.35 3.48
C LYS A 41 -9.55 0.74 4.17
N THR A 42 -10.87 0.60 4.21
CA THR A 42 -11.77 1.70 4.62
C THR A 42 -13.09 1.22 5.22
N TRP A 43 -13.50 1.83 6.31
CA TRP A 43 -14.80 1.65 6.95
C TRP A 43 -15.16 2.92 7.75
N ARG A 44 -16.28 2.88 8.47
CA ARG A 44 -16.77 3.96 9.34
C ARG A 44 -16.62 3.60 10.82
N ASP A 45 -15.91 4.42 11.59
CA ASP A 45 -15.87 4.33 13.06
C ASP A 45 -16.92 5.28 13.68
N HIS A 46 -16.98 5.40 15.02
CA HIS A 46 -17.96 6.23 15.75
C HIS A 46 -18.18 7.62 15.12
N ARG A 47 -17.09 8.35 14.85
CA ARG A 47 -17.11 9.74 14.34
C ARG A 47 -17.08 9.88 12.81
N GLY A 48 -17.10 8.79 12.04
CA GLY A 48 -17.00 8.80 10.57
C GLY A 48 -15.88 7.92 10.01
N THR A 49 -15.61 8.02 8.71
CA THR A 49 -14.65 7.18 7.98
C THR A 49 -13.19 7.47 8.32
N ILE A 50 -12.38 6.43 8.15
CA ILE A 50 -10.94 6.35 8.44
C ILE A 50 -10.22 5.61 7.28
N ILE A 51 -8.91 5.83 7.08
CA ILE A 51 -8.13 5.12 6.04
C ILE A 51 -7.02 4.25 6.63
N GLU A 52 -7.14 2.94 6.42
CA GLU A 52 -6.08 1.96 6.69
C GLU A 52 -5.34 1.57 5.41
N ARG A 53 -4.09 1.14 5.60
CA ARG A 53 -3.10 0.91 4.54
C ARG A 53 -1.91 0.13 5.10
N GLY A 54 -1.54 -0.97 4.46
CA GLY A 54 -0.49 -1.86 4.98
C GLY A 54 0.25 -2.63 3.90
N CYS A 55 1.36 -3.25 4.29
CA CYS A 55 2.19 -4.05 3.39
C CYS A 55 1.64 -5.48 3.26
N GLY A 56 1.64 -6.02 2.05
CA GLY A 56 1.04 -7.33 1.74
C GLY A 56 -0.47 -7.27 1.45
N CYS A 57 -1.03 -8.41 1.07
CA CYS A 57 -2.39 -8.53 0.55
C CYS A 57 -3.43 -9.30 1.44
N PRO A 58 -3.43 -9.18 2.78
CA PRO A 58 -4.25 -10.03 3.64
C PRO A 58 -5.74 -9.67 3.62
N LYS A 59 -6.61 -10.68 3.83
CA LYS A 59 -8.09 -10.63 3.72
C LYS A 59 -8.74 -9.86 4.88
N VAL A 60 -9.98 -9.38 4.68
CA VAL A 60 -10.68 -8.49 5.63
C VAL A 60 -11.91 -9.13 6.29
N LYS A 61 -12.28 -8.58 7.45
CA LYS A 61 -13.55 -8.85 8.15
C LYS A 61 -14.75 -8.21 7.39
N PRO A 62 -16.00 -8.67 7.65
CA PRO A 62 -17.21 -8.07 7.08
C PRO A 62 -17.34 -6.56 7.31
N GLY A 63 -18.06 -5.88 6.42
CA GLY A 63 -18.36 -4.44 6.52
C GLY A 63 -17.20 -3.48 6.27
N ILE A 64 -16.01 -3.97 5.87
CA ILE A 64 -14.84 -3.17 5.51
C ILE A 64 -14.58 -3.25 3.99
N LYS A 65 -14.24 -2.12 3.38
CA LYS A 65 -13.88 -1.95 1.95
C LYS A 65 -12.37 -2.16 1.77
N LEU A 66 -11.96 -2.62 0.58
CA LEU A 66 -10.61 -3.12 0.33
C LEU A 66 -10.12 -2.94 -1.12
N HIS A 67 -8.80 -2.80 -1.30
CA HIS A 67 -8.11 -2.89 -2.59
C HIS A 67 -6.64 -3.30 -2.43
N CYS A 68 -6.13 -4.11 -3.37
CA CYS A 68 -4.76 -4.64 -3.40
C CYS A 68 -4.26 -4.85 -4.84
N CYS A 69 -3.36 -3.99 -5.33
CA CYS A 69 -2.71 -4.11 -6.63
C CYS A 69 -1.57 -5.16 -6.64
N ARG A 70 -1.04 -5.45 -7.83
CA ARG A 70 0.18 -6.24 -8.09
C ARG A 70 1.47 -5.62 -7.51
N THR A 71 1.55 -4.29 -7.36
CA THR A 71 2.77 -3.57 -6.92
C THR A 71 2.48 -2.41 -5.95
N ASP A 72 3.52 -1.91 -5.27
CA ASP A 72 3.48 -1.00 -4.13
C ASP A 72 2.68 0.32 -4.34
N LYS A 73 3.26 1.30 -5.04
CA LYS A 73 2.68 2.61 -5.34
C LYS A 73 1.61 2.58 -6.44
N CYS A 74 1.37 1.45 -7.10
CA CYS A 74 0.20 1.28 -7.98
C CYS A 74 -1.12 1.53 -7.20
N ASN A 75 -1.16 1.06 -5.94
CA ASN A 75 -2.35 1.12 -5.08
C ASN A 75 -2.71 2.54 -4.55
N ASN A 76 -1.87 3.54 -4.86
CA ASN A 76 -1.95 4.93 -4.37
C ASN A 76 -3.28 5.70 -4.65
N MET A 1 28.14 29.25 -3.88
CA MET A 1 28.88 27.99 -3.74
C MET A 1 28.13 27.03 -2.83
N ARG A 2 27.59 25.96 -3.41
CA ARG A 2 26.83 24.91 -2.74
C ARG A 2 27.70 24.05 -1.80
N GLY A 3 27.07 23.54 -0.75
CA GLY A 3 27.67 22.61 0.21
C GLY A 3 27.68 21.15 -0.26
N SER A 4 27.57 20.23 0.69
CA SER A 4 27.65 18.77 0.49
C SER A 4 26.65 18.20 -0.53
N HIS A 5 26.96 17.01 -1.08
CA HIS A 5 26.17 16.27 -2.08
C HIS A 5 24.70 16.05 -1.69
N HIS A 6 23.83 15.88 -2.69
CA HIS A 6 22.40 15.63 -2.51
C HIS A 6 22.13 14.24 -1.94
N HIS A 7 21.12 14.09 -1.08
CA HIS A 7 20.72 12.82 -0.45
C HIS A 7 19.22 12.54 -0.65
N HIS A 8 18.86 11.28 -0.94
CA HIS A 8 17.48 10.82 -1.09
C HIS A 8 17.20 9.58 -0.22
N HIS A 9 15.96 9.42 0.23
CA HIS A 9 15.53 8.38 1.16
C HIS A 9 14.03 8.08 1.01
N HIS A 10 13.56 6.98 1.61
CA HIS A 10 12.18 6.46 1.55
C HIS A 10 11.60 6.36 0.12
N GLY A 11 12.44 6.06 -0.86
CA GLY A 11 12.11 5.98 -2.28
C GLY A 11 12.55 4.66 -2.92
N SER A 12 12.32 4.54 -4.23
CA SER A 12 12.62 3.34 -5.05
C SER A 12 14.10 2.94 -4.99
N ILE A 13 14.36 1.64 -4.82
CA ILE A 13 15.69 1.03 -4.68
C ILE A 13 15.69 -0.45 -5.10
N GLU A 14 16.83 -0.98 -5.59
CA GLU A 14 17.02 -2.42 -5.77
C GLU A 14 17.21 -3.08 -4.38
N GLY A 15 16.10 -3.44 -3.76
CA GLY A 15 16.03 -3.89 -2.38
C GLY A 15 14.58 -4.05 -1.94
N ARG A 16 14.20 -3.44 -0.81
CA ARG A 16 12.83 -3.42 -0.28
C ARG A 16 11.88 -2.59 -1.13
N MET A 17 10.65 -3.06 -1.30
CA MET A 17 9.57 -2.26 -1.91
C MET A 17 9.13 -1.11 -0.98
N ILE A 18 8.62 -0.02 -1.56
CA ILE A 18 8.02 1.10 -0.82
C ILE A 18 6.51 1.22 -1.02
N CYS A 19 5.82 1.71 0.01
CA CYS A 19 4.41 2.14 -0.05
C CYS A 19 4.28 3.62 0.37
N TYR A 20 3.09 4.20 0.19
CA TYR A 20 2.72 5.57 0.58
C TYR A 20 2.47 5.73 2.09
N ASN A 21 1.79 4.76 2.69
CA ASN A 21 1.35 4.73 4.09
C ASN A 21 0.41 5.89 4.51
N GLN A 22 -0.01 6.74 3.56
CA GLN A 22 -0.79 7.98 3.78
C GLN A 22 -2.22 7.76 4.29
N GLN A 23 -2.69 8.71 5.10
CA GLN A 23 -4.06 8.80 5.66
C GLN A 23 -4.88 9.99 5.08
N SER A 24 -6.07 10.27 5.65
CA SER A 24 -7.09 11.20 5.11
C SER A 24 -6.71 12.69 5.03
N SER A 25 -6.02 13.24 6.03
CA SER A 25 -5.80 14.69 6.18
C SER A 25 -4.32 15.08 6.02
N GLN A 26 -3.42 14.19 6.44
CA GLN A 26 -1.98 14.31 6.19
C GLN A 26 -1.63 14.41 4.68
N PRO A 27 -0.48 15.01 4.32
CA PRO A 27 0.05 14.93 2.95
C PRO A 27 0.41 13.47 2.56
N PRO A 28 0.59 13.15 1.26
CA PRO A 28 1.11 11.86 0.83
C PRO A 28 2.49 11.60 1.43
N THR A 29 2.73 10.39 1.96
CA THR A 29 4.02 10.00 2.54
C THR A 29 4.65 8.85 1.75
N THR A 30 5.84 8.36 2.16
CA THR A 30 6.43 7.11 1.66
C THR A 30 7.26 6.40 2.73
N LYS A 31 7.33 5.06 2.67
CA LYS A 31 8.15 4.21 3.56
C LYS A 31 8.43 2.85 2.93
N THR A 32 9.52 2.21 3.34
CA THR A 32 9.86 0.81 3.00
C THR A 32 9.07 -0.22 3.81
N CYS A 33 8.88 -1.39 3.18
CA CYS A 33 8.19 -2.57 3.71
C CYS A 33 8.91 -3.89 3.41
N SER A 34 8.63 -4.93 4.20
CA SER A 34 9.14 -6.30 4.01
C SER A 34 8.31 -7.13 3.01
N GLU A 35 7.06 -6.73 2.78
CA GLU A 35 6.18 -7.29 1.76
C GLU A 35 6.23 -6.47 0.46
N THR A 36 5.85 -7.09 -0.66
CA THR A 36 6.02 -6.52 -2.00
C THR A 36 4.83 -5.69 -2.49
N SER A 37 3.67 -5.70 -1.82
CA SER A 37 2.50 -4.90 -2.21
C SER A 37 1.76 -4.28 -1.03
N CYS A 38 0.90 -3.31 -1.33
CA CYS A 38 0.20 -2.45 -0.36
C CYS A 38 -1.33 -2.46 -0.53
N TYR A 39 -2.04 -2.34 0.60
CA TYR A 39 -3.49 -2.18 0.69
C TYR A 39 -3.94 -0.72 0.54
N LYS A 40 -5.21 -0.57 0.15
CA LYS A 40 -6.00 0.66 0.11
C LYS A 40 -7.37 0.29 0.68
N LYS A 41 -7.67 0.75 1.89
CA LYS A 41 -8.79 0.23 2.70
C LYS A 41 -9.52 1.32 3.50
N THR A 42 -10.84 1.17 3.67
CA THR A 42 -11.72 2.18 4.29
C THR A 42 -12.94 1.54 4.94
N TRP A 43 -13.32 2.00 6.13
CA TRP A 43 -14.59 1.65 6.79
C TRP A 43 -15.08 2.77 7.72
N ARG A 44 -16.14 2.50 8.48
CA ARG A 44 -16.73 3.45 9.44
C ARG A 44 -16.66 2.97 10.88
N ASP A 45 -16.08 3.77 11.75
CA ASP A 45 -15.71 3.39 13.13
C ASP A 45 -16.13 4.49 14.12
N HIS A 46 -15.58 4.51 15.34
CA HIS A 46 -15.99 5.41 16.44
C HIS A 46 -16.10 6.89 16.04
N ARG A 47 -14.99 7.49 15.60
CA ARG A 47 -14.91 8.92 15.23
C ARG A 47 -15.62 9.28 13.92
N GLY A 48 -15.61 8.37 12.95
CA GLY A 48 -16.13 8.58 11.60
C GLY A 48 -15.59 7.56 10.58
N THR A 49 -15.55 7.95 9.31
CA THR A 49 -14.84 7.23 8.24
C THR A 49 -13.33 7.41 8.46
N ILE A 50 -12.59 6.31 8.48
CA ILE A 50 -11.12 6.29 8.66
C ILE A 50 -10.44 5.77 7.39
N ILE A 51 -9.20 6.20 7.11
CA ILE A 51 -8.43 5.73 5.95
C ILE A 51 -7.24 4.89 6.37
N GLU A 52 -7.21 3.65 5.88
CA GLU A 52 -6.26 2.64 6.29
C GLU A 52 -5.47 2.00 5.15
N ARG A 53 -4.29 1.54 5.52
CA ARG A 53 -3.25 1.11 4.60
C ARG A 53 -2.19 0.27 5.33
N GLY A 54 -1.71 -0.78 4.69
CA GLY A 54 -0.61 -1.60 5.19
C GLY A 54 0.07 -2.41 4.10
N CYS A 55 1.34 -2.76 4.31
CA CYS A 55 2.12 -3.64 3.43
C CYS A 55 1.90 -5.13 3.76
N GLY A 56 1.73 -5.94 2.72
CA GLY A 56 1.27 -7.32 2.80
C GLY A 56 -0.26 -7.36 2.77
N CYS A 57 -0.83 -8.31 2.02
CA CYS A 57 -2.25 -8.29 1.68
C CYS A 57 -3.09 -9.52 2.11
N PRO A 58 -3.34 -9.73 3.42
CA PRO A 58 -4.25 -10.75 3.98
C PRO A 58 -5.73 -10.31 4.08
N LYS A 59 -6.67 -11.22 4.37
CA LYS A 59 -8.12 -10.96 4.46
C LYS A 59 -8.58 -10.17 5.69
N VAL A 60 -9.77 -9.54 5.62
CA VAL A 60 -10.42 -8.73 6.67
C VAL A 60 -11.94 -8.97 6.78
N LYS A 61 -12.62 -8.24 7.68
CA LYS A 61 -14.08 -8.31 7.89
C LYS A 61 -14.90 -7.81 6.68
N PRO A 62 -16.14 -8.30 6.48
CA PRO A 62 -17.09 -7.72 5.54
C PRO A 62 -17.52 -6.29 5.97
N GLY A 63 -18.04 -5.52 5.03
CA GLY A 63 -18.33 -4.08 5.15
C GLY A 63 -17.12 -3.18 4.91
N ILE A 64 -15.90 -3.63 5.24
CA ILE A 64 -14.68 -2.90 4.92
C ILE A 64 -14.53 -2.86 3.39
N LYS A 65 -14.34 -1.65 2.84
CA LYS A 65 -13.97 -1.43 1.43
C LYS A 65 -12.46 -1.64 1.28
N LEU A 66 -12.04 -2.36 0.24
CA LEU A 66 -10.65 -2.82 0.11
C LEU A 66 -10.20 -3.13 -1.32
N HIS A 67 -8.92 -2.89 -1.57
CA HIS A 67 -8.18 -3.33 -2.76
C HIS A 67 -6.69 -3.49 -2.43
N CYS A 68 -6.00 -4.38 -3.15
CA CYS A 68 -4.55 -4.53 -3.13
C CYS A 68 -4.03 -4.80 -4.56
N CYS A 69 -3.28 -3.85 -5.12
CA CYS A 69 -2.68 -3.92 -6.46
C CYS A 69 -1.49 -4.93 -6.54
N ARG A 70 -0.84 -5.06 -7.71
CA ARG A 70 0.32 -5.94 -7.97
C ARG A 70 1.48 -5.72 -6.99
N THR A 71 2.00 -4.48 -6.88
CA THR A 71 3.25 -4.17 -6.15
C THR A 71 3.36 -2.72 -5.64
N ASP A 72 4.24 -2.51 -4.65
CA ASP A 72 4.73 -1.22 -4.15
C ASP A 72 3.66 -0.11 -3.98
N LYS A 73 3.71 0.95 -4.80
CA LYS A 73 2.81 2.10 -4.89
C LYS A 73 1.66 1.89 -5.89
N CYS A 74 1.54 0.79 -6.65
CA CYS A 74 0.60 0.74 -7.77
C CYS A 74 -0.90 0.92 -7.41
N ASN A 75 -1.29 0.81 -6.13
CA ASN A 75 -2.63 1.09 -5.61
C ASN A 75 -2.89 2.59 -5.28
N ASN A 76 -1.85 3.43 -5.23
CA ASN A 76 -1.87 4.80 -4.70
C ASN A 76 -2.95 5.73 -5.30
N MET A 1 26.01 -22.84 -23.28
CA MET A 1 24.66 -22.77 -23.88
C MET A 1 24.57 -21.60 -24.85
N ARG A 2 23.82 -21.78 -25.96
CA ARG A 2 23.79 -20.85 -27.11
C ARG A 2 23.31 -19.45 -26.77
N GLY A 3 22.42 -19.32 -25.79
CA GLY A 3 21.76 -18.06 -25.44
C GLY A 3 22.63 -17.04 -24.69
N SER A 4 22.08 -15.84 -24.53
CA SER A 4 22.63 -14.72 -23.77
C SER A 4 22.98 -15.09 -22.31
N HIS A 5 23.92 -14.35 -21.72
CA HIS A 5 24.34 -14.45 -20.32
C HIS A 5 23.21 -14.02 -19.36
N HIS A 6 23.16 -14.57 -18.14
CA HIS A 6 22.07 -14.35 -17.18
C HIS A 6 22.23 -13.10 -16.30
N HIS A 7 23.44 -12.55 -16.19
CA HIS A 7 23.77 -11.50 -15.21
C HIS A 7 23.48 -10.05 -15.66
N HIS A 8 23.13 -9.85 -16.93
CA HIS A 8 22.90 -8.52 -17.51
C HIS A 8 21.90 -8.56 -18.68
N HIS A 9 21.53 -7.40 -19.24
CA HIS A 9 20.45 -7.23 -20.23
C HIS A 9 19.06 -7.70 -19.73
N HIS A 10 18.69 -7.30 -18.52
CA HIS A 10 17.39 -7.62 -17.89
C HIS A 10 16.95 -6.56 -16.86
N GLY A 11 15.67 -6.50 -16.52
CA GLY A 11 15.12 -5.55 -15.53
C GLY A 11 15.54 -5.86 -14.09
N SER A 12 16.22 -4.91 -13.44
CA SER A 12 16.81 -5.03 -12.09
C SER A 12 15.77 -4.85 -10.97
N ILE A 13 14.81 -5.77 -10.87
CA ILE A 13 13.68 -5.70 -9.90
C ILE A 13 14.07 -5.90 -8.42
N GLU A 14 15.24 -6.49 -8.13
CA GLU A 14 15.69 -6.86 -6.78
C GLU A 14 15.59 -5.69 -5.78
N GLY A 15 14.76 -5.83 -4.73
CA GLY A 15 14.58 -4.81 -3.70
C GLY A 15 13.21 -4.87 -3.01
N ARG A 16 12.95 -3.89 -2.14
CA ARG A 16 11.72 -3.73 -1.34
C ARG A 16 10.68 -2.82 -1.96
N MET A 17 9.41 -3.22 -1.88
CA MET A 17 8.23 -2.39 -2.21
C MET A 17 8.07 -1.25 -1.21
N ILE A 18 7.38 -0.16 -1.59
CA ILE A 18 7.16 1.01 -0.73
C ILE A 18 5.68 1.42 -0.62
N CYS A 19 5.18 1.54 0.60
CA CYS A 19 3.85 2.08 0.88
C CYS A 19 3.90 3.61 1.04
N TYR A 20 2.86 4.27 0.54
CA TYR A 20 2.61 5.72 0.66
C TYR A 20 2.22 6.17 2.07
N ASN A 21 1.74 5.25 2.91
CA ASN A 21 1.44 5.39 4.35
C ASN A 21 0.46 6.51 4.78
N GLN A 22 -0.04 7.30 3.83
CA GLN A 22 -0.78 8.54 4.09
C GLN A 22 -2.15 8.33 4.75
N GLN A 23 -2.45 9.15 5.75
CA GLN A 23 -3.82 9.28 6.29
C GLN A 23 -4.66 10.26 5.44
N SER A 24 -5.97 10.38 5.70
CA SER A 24 -6.92 11.07 4.80
C SER A 24 -6.53 12.48 4.37
N SER A 25 -5.96 13.29 5.28
CA SER A 25 -5.65 14.72 5.06
C SER A 25 -4.13 14.99 4.91
N GLN A 26 -3.30 14.03 5.32
CA GLN A 26 -1.84 14.06 5.23
C GLN A 26 -1.31 14.10 3.77
N PRO A 27 -0.05 14.53 3.54
CA PRO A 27 0.62 14.37 2.25
C PRO A 27 0.94 12.88 1.97
N PRO A 28 1.29 12.51 0.72
CA PRO A 28 1.80 11.18 0.41
C PRO A 28 3.17 10.94 1.08
N THR A 29 3.18 10.26 2.23
CA THR A 29 4.43 9.85 2.92
C THR A 29 5.09 8.64 2.22
N THR A 30 6.17 8.06 2.77
CA THR A 30 6.73 6.78 2.27
C THR A 30 7.31 5.88 3.38
N LYS A 31 7.32 4.56 3.16
CA LYS A 31 8.01 3.54 3.99
C LYS A 31 8.22 2.24 3.22
N THR A 32 9.24 1.46 3.57
CA THR A 32 9.55 0.17 2.94
C THR A 32 8.83 -1.02 3.59
N CYS A 33 8.39 -1.95 2.74
CA CYS A 33 7.82 -3.25 3.09
C CYS A 33 8.71 -4.44 2.65
N SER A 34 8.52 -5.61 3.26
CA SER A 34 9.10 -6.88 2.78
C SER A 34 8.12 -7.64 1.86
N GLU A 35 6.82 -7.35 1.96
CA GLU A 35 5.74 -7.88 1.11
C GLU A 35 5.84 -7.45 -0.37
N THR A 36 5.07 -8.10 -1.24
CA THR A 36 5.04 -7.86 -2.68
C THR A 36 4.14 -6.72 -3.14
N SER A 37 3.23 -6.21 -2.29
CA SER A 37 2.44 -5.00 -2.59
C SER A 37 2.01 -4.22 -1.34
N CYS A 38 1.44 -3.03 -1.55
CA CYS A 38 0.76 -2.22 -0.54
C CYS A 38 -0.76 -2.53 -0.55
N TYR A 39 -1.49 -1.96 0.41
CA TYR A 39 -2.94 -2.15 0.58
C TYR A 39 -3.61 -0.78 0.70
N LYS A 40 -4.79 -0.69 0.10
CA LYS A 40 -5.78 0.40 0.27
C LYS A 40 -6.97 -0.17 1.03
N LYS A 41 -7.39 0.49 2.12
CA LYS A 41 -8.44 -0.01 3.01
C LYS A 41 -9.21 1.11 3.72
N THR A 42 -10.53 0.96 3.88
CA THR A 42 -11.42 2.05 4.34
C THR A 42 -12.74 1.47 4.90
N TRP A 43 -13.22 2.00 6.04
CA TRP A 43 -14.49 1.61 6.67
C TRP A 43 -15.05 2.69 7.60
N ARG A 44 -16.29 2.49 8.08
CA ARG A 44 -16.97 3.38 9.04
C ARG A 44 -16.78 2.90 10.48
N ASP A 45 -16.24 3.76 11.33
CA ASP A 45 -15.93 3.49 12.74
C ASP A 45 -16.18 4.73 13.61
N HIS A 46 -15.85 4.69 14.91
CA HIS A 46 -16.13 5.80 15.84
C HIS A 46 -15.53 7.13 15.36
N ARG A 47 -14.26 7.14 14.93
CA ARG A 47 -13.57 8.29 14.31
C ARG A 47 -14.22 8.84 13.03
N GLY A 48 -15.06 8.07 12.35
CA GLY A 48 -15.68 8.39 11.05
C GLY A 48 -15.35 7.36 9.96
N THR A 49 -15.28 7.79 8.70
CA THR A 49 -14.86 6.97 7.56
C THR A 49 -13.34 7.04 7.48
N ILE A 50 -12.67 6.13 8.22
CA ILE A 50 -11.22 6.16 8.48
C ILE A 50 -10.40 5.59 7.30
N ILE A 51 -9.15 6.03 7.16
CA ILE A 51 -8.20 5.47 6.19
C ILE A 51 -7.21 4.50 6.82
N GLU A 52 -6.98 3.39 6.12
CA GLU A 52 -5.92 2.43 6.40
C GLU A 52 -5.15 2.02 5.15
N ARG A 53 -3.91 1.60 5.38
CA ARG A 53 -2.90 1.30 4.36
C ARG A 53 -1.74 0.56 5.02
N GLY A 54 -1.25 -0.50 4.38
CA GLY A 54 -0.09 -1.23 4.90
C GLY A 54 0.48 -2.26 3.93
N CYS A 55 1.55 -2.93 4.36
CA CYS A 55 2.23 -3.95 3.57
C CYS A 55 1.41 -5.26 3.52
N GLY A 56 1.38 -5.93 2.35
CA GLY A 56 0.71 -7.23 2.20
C GLY A 56 -0.79 -7.12 1.96
N CYS A 57 -1.47 -8.25 1.74
CA CYS A 57 -2.90 -8.31 1.45
C CYS A 57 -3.67 -9.40 2.22
N PRO A 58 -3.67 -9.40 3.58
CA PRO A 58 -4.51 -10.31 4.37
C PRO A 58 -6.01 -10.00 4.23
N LYS A 59 -6.87 -11.00 4.43
CA LYS A 59 -8.35 -10.90 4.39
C LYS A 59 -8.93 -10.15 5.61
N VAL A 60 -10.11 -9.54 5.47
CA VAL A 60 -10.73 -8.65 6.46
C VAL A 60 -12.26 -8.80 6.57
N LYS A 61 -12.86 -8.22 7.62
CA LYS A 61 -14.31 -8.28 7.90
C LYS A 61 -15.16 -7.70 6.74
N PRO A 62 -16.31 -8.31 6.39
CA PRO A 62 -17.07 -8.02 5.16
C PRO A 62 -17.72 -6.63 5.04
N GLY A 63 -17.73 -5.80 6.09
CA GLY A 63 -18.15 -4.39 5.98
C GLY A 63 -17.08 -3.44 5.43
N ILE A 64 -15.79 -3.85 5.43
CA ILE A 64 -14.64 -3.02 5.03
C ILE A 64 -14.41 -3.07 3.51
N LYS A 65 -14.06 -1.94 2.88
CA LYS A 65 -13.64 -1.87 1.46
C LYS A 65 -12.13 -2.06 1.34
N LEU A 66 -11.67 -2.84 0.36
CA LEU A 66 -10.27 -3.29 0.25
C LEU A 66 -9.74 -3.34 -1.19
N HIS A 67 -8.43 -3.08 -1.41
CA HIS A 67 -7.77 -3.20 -2.72
C HIS A 67 -6.25 -3.35 -2.60
N CYS A 68 -5.68 -4.37 -3.25
CA CYS A 68 -4.26 -4.71 -3.19
C CYS A 68 -3.71 -5.09 -4.59
N CYS A 69 -3.59 -4.09 -5.46
CA CYS A 69 -3.05 -4.14 -6.83
C CYS A 69 -1.69 -4.85 -6.91
N ARG A 70 -1.34 -5.30 -8.12
CA ARG A 70 -0.11 -6.08 -8.43
C ARG A 70 1.20 -5.35 -8.11
N THR A 71 1.17 -4.02 -8.00
CA THR A 71 2.31 -3.20 -7.58
C THR A 71 1.92 -2.23 -6.45
N ASP A 72 2.92 -1.76 -5.70
CA ASP A 72 2.78 -1.01 -4.44
C ASP A 72 1.98 0.31 -4.50
N LYS A 73 2.56 1.37 -5.06
CA LYS A 73 2.02 2.70 -5.27
C LYS A 73 0.80 2.70 -6.21
N CYS A 74 0.52 1.62 -6.96
CA CYS A 74 -0.74 1.49 -7.71
C CYS A 74 -2.00 1.65 -6.81
N ASN A 75 -1.94 1.20 -5.55
CA ASN A 75 -3.09 1.14 -4.62
C ASN A 75 -3.61 2.49 -4.14
N ASN A 76 -2.71 3.48 -4.12
CA ASN A 76 -2.84 4.80 -3.51
C ASN A 76 -4.23 5.48 -3.70
N MET A 1 48.40 -18.98 7.50
CA MET A 1 47.36 -19.83 8.10
C MET A 1 46.01 -19.11 8.12
N ARG A 2 45.93 -17.90 8.69
CA ARG A 2 44.69 -17.13 8.90
C ARG A 2 44.00 -16.74 7.60
N GLY A 3 42.66 -16.76 7.59
CA GLY A 3 41.84 -16.50 6.41
C GLY A 3 41.87 -15.04 5.93
N SER A 4 41.38 -14.79 4.72
CA SER A 4 41.21 -13.44 4.16
C SER A 4 40.09 -12.66 4.87
N HIS A 5 40.06 -11.33 4.69
CA HIS A 5 39.18 -10.41 5.42
C HIS A 5 38.09 -9.78 4.55
N HIS A 6 37.33 -8.86 5.18
CA HIS A 6 36.38 -7.92 4.59
C HIS A 6 36.49 -6.57 5.30
N HIS A 7 36.27 -5.45 4.62
CA HIS A 7 36.24 -4.13 5.28
C HIS A 7 35.02 -3.99 6.21
N HIS A 8 35.11 -3.09 7.19
CA HIS A 8 34.13 -2.98 8.30
C HIS A 8 32.75 -2.44 7.86
N HIS A 9 32.68 -1.61 6.83
CA HIS A 9 31.40 -1.12 6.26
C HIS A 9 30.62 -2.24 5.53
N HIS A 10 29.36 -2.45 5.93
CA HIS A 10 28.44 -3.40 5.28
C HIS A 10 27.80 -2.79 4.02
N GLY A 11 27.42 -3.63 3.05
CA GLY A 11 26.66 -3.21 1.87
C GLY A 11 25.18 -2.92 2.17
N SER A 12 24.45 -2.45 1.16
CA SER A 12 22.99 -2.27 1.15
C SER A 12 22.38 -2.87 -0.13
N ILE A 13 21.05 -2.94 -0.22
CA ILE A 13 20.33 -3.37 -1.44
C ILE A 13 18.94 -2.77 -1.53
N GLU A 14 18.62 -2.20 -2.69
CA GLU A 14 17.27 -1.77 -3.10
C GLU A 14 16.56 -2.95 -3.78
N GLY A 15 15.40 -3.35 -3.24
CA GLY A 15 14.59 -4.45 -3.77
C GLY A 15 13.25 -4.64 -3.08
N ARG A 16 13.19 -4.42 -1.75
CA ARG A 16 11.94 -4.39 -0.96
C ARG A 16 11.00 -3.26 -1.44
N MET A 17 9.71 -3.57 -1.47
CA MET A 17 8.60 -2.64 -1.74
C MET A 17 8.57 -1.46 -0.76
N ILE A 18 8.15 -0.29 -1.25
CA ILE A 18 7.86 0.88 -0.41
C ILE A 18 6.40 1.33 -0.55
N CYS A 19 5.60 1.04 0.48
CA CYS A 19 4.23 1.54 0.54
C CYS A 19 4.19 3.01 0.99
N TYR A 20 3.10 3.69 0.65
CA TYR A 20 2.91 5.11 0.90
C TYR A 20 2.47 5.37 2.35
N ASN A 21 1.45 4.65 2.80
CA ASN A 21 0.87 4.72 4.16
C ASN A 21 0.28 6.10 4.54
N GLN A 22 0.01 6.98 3.57
CA GLN A 22 -0.56 8.33 3.78
C GLN A 22 -2.00 8.26 4.32
N GLN A 23 -2.33 9.01 5.37
CA GLN A 23 -3.70 9.09 5.92
C GLN A 23 -4.62 10.02 5.07
N SER A 24 -5.94 10.00 5.29
CA SER A 24 -7.00 10.57 4.42
C SER A 24 -6.85 12.02 3.90
N SER A 25 -6.02 12.87 4.54
CA SER A 25 -5.81 14.29 4.18
C SER A 25 -4.34 14.69 4.06
N GLN A 26 -3.49 14.21 4.97
CA GLN A 26 -2.07 14.57 5.10
C GLN A 26 -1.24 14.31 3.83
N PRO A 27 -0.07 14.97 3.65
CA PRO A 27 0.78 14.73 2.48
C PRO A 27 1.27 13.27 2.34
N PRO A 28 1.55 12.81 1.11
CA PRO A 28 2.04 11.47 0.80
C PRO A 28 3.28 11.05 1.60
N THR A 29 3.16 10.03 2.45
CA THR A 29 4.29 9.46 3.20
C THR A 29 4.92 8.27 2.46
N THR A 30 5.93 7.60 3.03
CA THR A 30 6.46 6.30 2.56
C THR A 30 7.01 5.44 3.72
N LYS A 31 7.18 4.13 3.49
CA LYS A 31 7.56 3.09 4.47
C LYS A 31 7.98 1.83 3.74
N THR A 32 8.85 1.03 4.34
CA THR A 32 9.35 -0.22 3.74
C THR A 32 8.59 -1.46 4.21
N CYS A 33 8.33 -2.40 3.30
CA CYS A 33 7.58 -3.64 3.57
C CYS A 33 8.32 -4.92 3.11
N SER A 34 8.13 -6.03 3.83
CA SER A 34 8.58 -7.38 3.44
C SER A 34 7.73 -8.00 2.31
N GLU A 35 6.47 -7.57 2.20
CA GLU A 35 5.45 -8.04 1.27
C GLU A 35 5.68 -7.60 -0.18
N THR A 36 5.03 -8.27 -1.14
CA THR A 36 5.20 -8.00 -2.59
C THR A 36 4.28 -6.88 -3.16
N SER A 37 3.30 -6.41 -2.39
CA SER A 37 2.31 -5.40 -2.83
C SER A 37 1.95 -4.41 -1.71
N CYS A 38 1.09 -3.44 -2.01
CA CYS A 38 0.56 -2.46 -1.06
C CYS A 38 -0.98 -2.41 -1.06
N TYR A 39 -1.54 -1.97 0.07
CA TYR A 39 -2.97 -1.97 0.36
C TYR A 39 -3.57 -0.56 0.52
N LYS A 40 -4.89 -0.48 0.32
CA LYS A 40 -5.79 0.65 0.58
C LYS A 40 -7.13 0.05 1.04
N LYS A 41 -7.65 0.46 2.20
CA LYS A 41 -8.92 -0.03 2.77
C LYS A 41 -9.71 1.07 3.52
N THR A 42 -10.99 0.86 3.81
CA THR A 42 -11.91 1.88 4.37
C THR A 42 -13.11 1.28 5.06
N TRP A 43 -13.53 1.86 6.18
CA TRP A 43 -14.79 1.54 6.85
C TRP A 43 -15.38 2.73 7.62
N ARG A 44 -16.44 2.47 8.37
CA ARG A 44 -17.15 3.43 9.22
C ARG A 44 -17.18 2.97 10.69
N ASP A 45 -16.75 3.82 11.60
CA ASP A 45 -16.58 3.54 13.04
C ASP A 45 -17.16 4.69 13.90
N HIS A 46 -16.96 4.67 15.22
CA HIS A 46 -17.50 5.72 16.12
C HIS A 46 -16.94 7.12 15.84
N ARG A 47 -15.69 7.24 15.37
CA ARG A 47 -15.12 8.49 14.85
C ARG A 47 -15.63 8.87 13.45
N GLY A 48 -16.53 8.10 12.84
CA GLY A 48 -17.00 8.28 11.45
C GLY A 48 -16.24 7.43 10.44
N THR A 49 -16.18 7.87 9.18
CA THR A 49 -15.46 7.21 8.10
C THR A 49 -13.95 7.40 8.25
N ILE A 50 -13.18 6.33 8.14
CA ILE A 50 -11.71 6.31 8.32
C ILE A 50 -11.04 5.57 7.16
N ILE A 51 -9.79 5.91 6.88
CA ILE A 51 -8.93 5.16 5.94
C ILE A 51 -7.88 4.33 6.68
N GLU A 52 -7.54 3.19 6.10
CA GLU A 52 -6.40 2.37 6.51
C GLU A 52 -5.60 1.94 5.27
N ARG A 53 -4.28 1.83 5.44
CA ARG A 53 -3.34 1.68 4.33
C ARG A 53 -2.00 1.13 4.84
N GLY A 54 -1.61 -0.05 4.36
CA GLY A 54 -0.35 -0.68 4.77
C GLY A 54 0.28 -1.59 3.72
N CYS A 55 1.16 -2.47 4.19
CA CYS A 55 1.85 -3.48 3.38
C CYS A 55 0.94 -4.65 2.97
N GLY A 56 1.27 -5.28 1.84
CA GLY A 56 0.69 -6.54 1.37
C GLY A 56 -0.79 -6.51 1.03
N CYS A 57 -1.41 -7.69 1.14
CA CYS A 57 -2.85 -7.90 0.86
C CYS A 57 -3.54 -8.93 1.80
N PRO A 58 -3.39 -8.86 3.14
CA PRO A 58 -4.04 -9.79 4.07
C PRO A 58 -5.57 -9.69 4.11
N LYS A 59 -6.22 -10.69 4.75
CA LYS A 59 -7.68 -10.75 4.97
C LYS A 59 -8.20 -9.57 5.80
N VAL A 60 -9.47 -9.19 5.67
CA VAL A 60 -10.08 -8.05 6.38
C VAL A 60 -11.28 -8.42 7.25
N LYS A 61 -11.63 -7.54 8.19
CA LYS A 61 -12.88 -7.60 8.99
C LYS A 61 -14.12 -7.28 8.13
N PRO A 62 -15.32 -7.80 8.45
CA PRO A 62 -16.56 -7.50 7.70
C PRO A 62 -16.97 -6.02 7.77
N GLY A 63 -17.46 -5.52 6.63
CA GLY A 63 -17.80 -4.11 6.39
C GLY A 63 -16.64 -3.26 5.84
N ILE A 64 -15.39 -3.73 5.90
CA ILE A 64 -14.25 -3.00 5.34
C ILE A 64 -14.17 -3.19 3.82
N LYS A 65 -14.16 -2.09 3.07
CA LYS A 65 -13.87 -2.01 1.63
C LYS A 65 -12.34 -2.05 1.44
N LEU A 66 -11.83 -2.73 0.42
CA LEU A 66 -10.38 -2.96 0.27
C LEU A 66 -9.93 -3.03 -1.21
N HIS A 67 -8.65 -2.76 -1.48
CA HIS A 67 -8.01 -2.93 -2.79
C HIS A 67 -6.48 -3.01 -2.68
N CYS A 68 -5.88 -4.05 -3.26
CA CYS A 68 -4.42 -4.24 -3.32
C CYS A 68 -3.92 -4.51 -4.76
N CYS A 69 -2.76 -3.94 -5.12
CA CYS A 69 -2.19 -4.00 -6.47
C CYS A 69 -1.14 -5.12 -6.61
N ARG A 70 -0.42 -5.20 -7.74
CA ARG A 70 0.64 -6.19 -7.99
C ARG A 70 1.99 -5.76 -7.42
N THR A 71 2.42 -4.52 -7.67
CA THR A 71 3.59 -3.89 -7.04
C THR A 71 3.15 -2.90 -5.95
N ASP A 72 4.06 -2.02 -5.52
CA ASP A 72 3.84 -1.09 -4.41
C ASP A 72 3.01 0.17 -4.80
N LYS A 73 3.65 1.23 -5.29
CA LYS A 73 3.02 2.51 -5.59
C LYS A 73 1.93 2.41 -6.69
N CYS A 74 1.86 1.31 -7.43
CA CYS A 74 0.76 1.03 -8.35
C CYS A 74 -0.62 0.97 -7.65
N ASN A 75 -0.68 0.71 -6.33
CA ASN A 75 -1.93 0.78 -5.54
C ASN A 75 -2.42 2.20 -5.24
N ASN A 76 -1.52 3.20 -5.28
CA ASN A 76 -1.76 4.55 -4.77
C ASN A 76 -2.76 5.35 -5.60
N MET A 1 36.79 -22.84 -6.41
CA MET A 1 36.57 -24.29 -6.54
C MET A 1 36.75 -24.73 -7.98
N ARG A 2 37.22 -25.96 -8.23
CA ARG A 2 37.26 -26.56 -9.57
C ARG A 2 35.89 -27.12 -9.99
N GLY A 3 35.60 -27.11 -11.29
CA GLY A 3 34.37 -27.68 -11.86
C GLY A 3 33.05 -26.97 -11.53
N SER A 4 33.03 -25.98 -10.63
CA SER A 4 31.80 -25.28 -10.23
C SER A 4 31.24 -24.38 -11.34
N HIS A 5 29.93 -24.49 -11.57
CA HIS A 5 29.18 -23.59 -12.46
C HIS A 5 28.99 -22.21 -11.82
N HIS A 6 28.93 -21.16 -12.65
CA HIS A 6 28.63 -19.79 -12.24
C HIS A 6 27.65 -19.11 -13.21
N HIS A 7 26.59 -18.51 -12.67
CA HIS A 7 25.45 -17.95 -13.40
C HIS A 7 25.33 -16.44 -13.21
N HIS A 8 25.20 -15.69 -14.30
CA HIS A 8 24.86 -14.27 -14.30
C HIS A 8 23.34 -14.05 -14.35
N HIS A 9 22.88 -12.83 -14.06
CA HIS A 9 21.46 -12.48 -13.89
C HIS A 9 21.13 -11.10 -14.49
N HIS A 10 19.90 -10.96 -15.00
CA HIS A 10 19.41 -9.76 -15.71
C HIS A 10 18.22 -9.09 -15.01
N GLY A 11 17.72 -7.98 -15.57
CA GLY A 11 16.51 -7.27 -15.11
C GLY A 11 16.73 -6.40 -13.85
N SER A 12 15.62 -5.92 -13.26
CA SER A 12 15.65 -4.98 -12.12
C SER A 12 16.31 -5.56 -10.87
N ILE A 13 17.03 -4.70 -10.13
CA ILE A 13 17.84 -5.03 -8.95
C ILE A 13 17.21 -4.63 -7.60
N GLU A 14 16.10 -3.86 -7.63
CA GLU A 14 15.43 -3.31 -6.44
C GLU A 14 15.07 -4.39 -5.40
N GLY A 15 15.58 -4.24 -4.18
CA GLY A 15 15.36 -5.21 -3.10
C GLY A 15 13.98 -5.16 -2.43
N ARG A 16 13.31 -3.99 -2.39
CA ARG A 16 12.10 -3.80 -1.57
C ARG A 16 11.03 -2.84 -2.12
N MET A 17 9.77 -3.19 -1.84
CA MET A 17 8.61 -2.32 -1.96
C MET A 17 8.66 -1.18 -0.94
N ILE A 18 8.26 0.03 -1.35
CA ILE A 18 8.07 1.18 -0.46
C ILE A 18 6.58 1.57 -0.41
N CYS A 19 5.84 1.03 0.55
CA CYS A 19 4.42 1.34 0.68
C CYS A 19 4.22 2.68 1.40
N TYR A 20 3.13 3.36 1.07
CA TYR A 20 2.86 4.75 1.46
C TYR A 20 2.38 4.86 2.92
N ASN A 21 1.37 4.08 3.30
CA ASN A 21 0.89 3.87 4.68
C ASN A 21 0.48 5.17 5.40
N GLN A 22 -0.04 6.12 4.63
CA GLN A 22 -0.69 7.35 5.07
C GLN A 22 -2.13 7.09 5.57
N GLN A 23 -2.86 8.16 5.89
CA GLN A 23 -4.26 8.11 6.36
C GLN A 23 -5.01 9.39 5.94
N SER A 24 -6.35 9.37 5.78
CA SER A 24 -7.14 10.50 5.24
C SER A 24 -6.96 11.89 5.89
N SER A 25 -6.48 11.97 7.14
CA SER A 25 -6.13 13.24 7.81
C SER A 25 -4.63 13.56 7.69
N GLN A 26 -3.78 12.54 7.62
CA GLN A 26 -2.33 12.62 7.55
C GLN A 26 -1.82 12.94 6.12
N PRO A 27 -0.68 13.64 5.99
CA PRO A 27 0.00 13.80 4.72
C PRO A 27 0.53 12.46 4.15
N PRO A 28 0.82 12.40 2.83
CA PRO A 28 1.51 11.27 2.20
C PRO A 28 2.84 10.90 2.87
N THR A 29 2.98 9.63 3.23
CA THR A 29 4.25 9.03 3.69
C THR A 29 4.76 7.93 2.74
N THR A 30 5.97 7.41 2.98
CA THR A 30 6.54 6.21 2.34
C THR A 30 7.48 5.46 3.30
N LYS A 31 7.55 4.13 3.19
CA LYS A 31 8.40 3.25 4.01
C LYS A 31 8.56 1.87 3.38
N THR A 32 9.70 1.23 3.64
CA THR A 32 10.00 -0.14 3.20
C THR A 32 9.16 -1.23 3.89
N CYS A 33 8.74 -2.22 3.10
CA CYS A 33 8.10 -3.46 3.55
C CYS A 33 8.68 -4.70 2.83
N SER A 34 8.74 -5.84 3.54
CA SER A 34 9.14 -7.16 3.04
C SER A 34 7.99 -7.91 2.34
N GLU A 35 6.79 -7.34 2.26
CA GLU A 35 5.68 -7.81 1.42
C GLU A 35 5.77 -7.25 0.00
N THR A 36 5.38 -8.04 -1.01
CA THR A 36 5.51 -7.69 -2.44
C THR A 36 4.38 -6.80 -2.98
N SER A 37 3.35 -6.53 -2.16
CA SER A 37 2.09 -5.88 -2.56
C SER A 37 1.73 -4.67 -1.66
N CYS A 38 0.78 -3.83 -2.10
CA CYS A 38 0.22 -2.70 -1.35
C CYS A 38 -1.32 -2.69 -1.39
N TYR A 39 -1.95 -2.10 -0.38
CA TYR A 39 -3.40 -2.22 -0.11
C TYR A 39 -4.15 -0.88 0.05
N LYS A 40 -5.48 -0.99 0.11
CA LYS A 40 -6.49 0.08 0.29
C LYS A 40 -7.61 -0.47 1.17
N LYS A 41 -7.97 0.27 2.22
CA LYS A 41 -9.09 -0.03 3.12
C LYS A 41 -9.93 1.21 3.38
N THR A 42 -11.23 1.02 3.60
CA THR A 42 -12.19 2.07 3.99
C THR A 42 -13.34 1.50 4.83
N TRP A 43 -13.69 2.22 5.90
CA TRP A 43 -14.79 1.88 6.81
C TRP A 43 -15.23 3.13 7.62
N ARG A 44 -16.16 2.94 8.55
CA ARG A 44 -16.56 3.93 9.56
C ARG A 44 -16.04 3.50 10.93
N ASP A 45 -15.02 4.19 11.43
CA ASP A 45 -14.42 3.98 12.75
C ASP A 45 -15.29 4.62 13.86
N HIS A 46 -14.81 4.68 15.10
CA HIS A 46 -15.58 5.24 16.24
C HIS A 46 -15.97 6.71 16.03
N ARG A 47 -15.05 7.57 15.57
CA ARG A 47 -15.30 9.00 15.33
C ARG A 47 -15.83 9.36 13.93
N GLY A 48 -15.55 8.57 12.89
CA GLY A 48 -16.09 8.81 11.54
C GLY A 48 -15.51 7.91 10.43
N THR A 49 -15.78 8.27 9.18
CA THR A 49 -15.21 7.65 7.96
C THR A 49 -13.73 8.01 7.79
N ILE A 50 -12.95 7.01 7.35
CA ILE A 50 -11.49 7.09 7.24
C ILE A 50 -10.96 6.38 5.98
N ILE A 51 -9.77 6.75 5.49
CA ILE A 51 -9.06 6.04 4.42
C ILE A 51 -7.77 5.44 4.95
N GLU A 52 -7.55 4.18 4.60
CA GLU A 52 -6.48 3.33 5.13
C GLU A 52 -5.76 2.49 4.08
N ARG A 53 -4.58 1.99 4.48
CA ARG A 53 -3.60 1.35 3.61
C ARG A 53 -2.52 0.62 4.41
N GLY A 54 -2.10 -0.54 3.93
CA GLY A 54 -0.96 -1.29 4.46
C GLY A 54 -0.21 -2.09 3.39
N CYS A 55 0.88 -2.75 3.80
CA CYS A 55 1.67 -3.67 2.98
C CYS A 55 1.01 -5.06 2.90
N GLY A 56 1.27 -5.81 1.83
CA GLY A 56 0.74 -7.17 1.60
C GLY A 56 -0.61 -7.22 0.88
N CYS A 57 -1.22 -8.40 0.81
CA CYS A 57 -2.61 -8.57 0.34
C CYS A 57 -3.44 -9.65 1.12
N PRO A 58 -3.51 -9.61 2.46
CA PRO A 58 -4.38 -10.49 3.26
C PRO A 58 -5.87 -10.11 3.17
N LYS A 59 -6.75 -10.92 3.78
CA LYS A 59 -8.17 -10.61 3.96
C LYS A 59 -8.42 -9.48 4.99
N VAL A 60 -9.66 -8.95 5.03
CA VAL A 60 -10.11 -7.97 6.06
C VAL A 60 -11.38 -8.44 6.79
N LYS A 61 -11.65 -7.87 7.96
CA LYS A 61 -12.85 -8.19 8.76
C LYS A 61 -14.16 -7.79 8.03
N PRO A 62 -15.30 -8.49 8.27
CA PRO A 62 -16.58 -8.18 7.63
C PRO A 62 -17.07 -6.75 7.91
N GLY A 63 -17.33 -5.98 6.85
CA GLY A 63 -17.79 -4.57 6.92
C GLY A 63 -16.72 -3.53 6.61
N ILE A 64 -15.46 -3.94 6.41
CA ILE A 64 -14.40 -3.07 5.86
C ILE A 64 -14.26 -3.34 4.34
N LYS A 65 -14.19 -2.28 3.53
CA LYS A 65 -13.94 -2.31 2.08
C LYS A 65 -12.44 -2.53 1.78
N LEU A 66 -12.12 -3.18 0.65
CA LEU A 66 -10.76 -3.66 0.36
C LEU A 66 -10.35 -3.62 -1.12
N HIS A 67 -9.05 -3.41 -1.38
CA HIS A 67 -8.41 -3.59 -2.70
C HIS A 67 -6.87 -3.67 -2.56
N CYS A 68 -6.18 -4.32 -3.52
CA CYS A 68 -4.71 -4.41 -3.54
C CYS A 68 -4.09 -4.47 -4.95
N CYS A 69 -2.79 -4.15 -5.04
CA CYS A 69 -1.96 -4.26 -6.24
C CYS A 69 -0.55 -4.81 -5.94
N ARG A 70 0.08 -5.40 -6.96
CA ARG A 70 1.36 -6.17 -6.87
C ARG A 70 2.64 -5.37 -7.13
N THR A 71 2.56 -4.04 -7.14
CA THR A 71 3.69 -3.10 -7.11
C THR A 71 3.32 -1.96 -6.15
N ASP A 72 4.30 -1.37 -5.48
CA ASP A 72 4.07 -0.47 -4.34
C ASP A 72 3.17 0.75 -4.62
N LYS A 73 3.64 1.73 -5.39
CA LYS A 73 2.93 2.99 -5.63
C LYS A 73 1.80 2.86 -6.68
N CYS A 74 1.42 1.64 -7.06
CA CYS A 74 0.27 1.34 -7.92
C CYS A 74 -1.09 1.70 -7.28
N ASN A 75 -1.19 1.60 -5.95
CA ASN A 75 -2.47 1.66 -5.22
C ASN A 75 -2.59 2.86 -4.25
N ASN A 76 -1.69 3.84 -4.37
CA ASN A 76 -1.52 4.93 -3.39
C ASN A 76 -2.70 5.91 -3.28
N MET A 1 10.31 32.66 -12.10
CA MET A 1 9.41 31.59 -12.56
C MET A 1 9.99 30.23 -12.18
N ARG A 2 9.19 29.38 -11.52
CA ARG A 2 9.51 27.99 -11.16
C ARG A 2 9.66 27.07 -12.39
N GLY A 3 10.44 26.01 -12.26
CA GLY A 3 10.72 25.06 -13.36
C GLY A 3 9.48 24.26 -13.79
N SER A 4 9.20 24.22 -15.09
CA SER A 4 7.94 23.69 -15.67
C SER A 4 7.92 22.17 -15.89
N HIS A 5 8.99 21.46 -15.51
CA HIS A 5 9.02 20.00 -15.45
C HIS A 5 8.08 19.47 -14.35
N HIS A 6 7.46 18.31 -14.60
CA HIS A 6 6.50 17.67 -13.70
C HIS A 6 7.15 16.58 -12.83
N HIS A 7 6.42 16.06 -11.85
CA HIS A 7 6.78 14.87 -11.07
C HIS A 7 7.05 13.64 -11.96
N HIS A 8 7.72 12.62 -11.41
CA HIS A 8 8.26 11.49 -12.18
C HIS A 8 8.06 10.11 -11.52
N HIS A 9 8.38 9.06 -12.28
CA HIS A 9 8.26 7.64 -11.88
C HIS A 9 9.30 6.77 -12.59
N HIS A 10 9.60 5.60 -12.02
CA HIS A 10 10.40 4.52 -12.63
C HIS A 10 9.57 3.23 -12.79
N GLY A 11 10.02 2.33 -13.68
CA GLY A 11 9.42 1.02 -13.91
C GLY A 11 9.70 -0.01 -12.81
N SER A 12 9.46 -1.28 -13.12
CA SER A 12 9.75 -2.42 -12.24
C SER A 12 11.26 -2.57 -11.97
N ILE A 13 11.64 -2.71 -10.70
CA ILE A 13 13.04 -2.86 -10.26
C ILE A 13 13.18 -3.82 -9.07
N GLU A 14 14.26 -4.60 -9.01
CA GLU A 14 14.54 -5.54 -7.91
C GLU A 14 15.03 -4.82 -6.63
N GLY A 15 14.07 -4.32 -5.86
CA GLY A 15 14.23 -3.76 -4.52
C GLY A 15 13.00 -4.01 -3.62
N ARG A 16 12.96 -3.36 -2.46
CA ARG A 16 11.74 -3.31 -1.62
C ARG A 16 10.69 -2.36 -2.21
N MET A 17 9.42 -2.75 -2.08
CA MET A 17 8.25 -1.92 -2.36
C MET A 17 8.18 -0.72 -1.39
N ILE A 18 7.74 0.45 -1.88
CA ILE A 18 7.54 1.65 -1.06
C ILE A 18 6.04 2.01 -0.98
N CYS A 19 5.41 1.66 0.14
CA CYS A 19 3.98 1.86 0.36
C CYS A 19 3.69 3.18 1.09
N TYR A 20 2.60 3.85 0.72
CA TYR A 20 2.29 5.24 1.13
C TYR A 20 2.02 5.41 2.62
N ASN A 21 1.50 4.39 3.29
CA ASN A 21 1.25 4.30 4.74
C ASN A 21 0.40 5.44 5.37
N GLN A 22 -0.30 6.24 4.56
CA GLN A 22 -1.01 7.45 4.95
C GLN A 22 -2.21 7.21 5.89
N GLN A 23 -2.71 8.28 6.51
CA GLN A 23 -3.88 8.26 7.43
C GLN A 23 -4.92 9.34 7.05
N SER A 24 -6.19 9.18 7.45
CA SER A 24 -7.33 9.98 6.94
C SER A 24 -7.24 11.50 7.07
N SER A 25 -6.68 12.05 8.15
CA SER A 25 -6.48 13.51 8.29
C SER A 25 -5.07 13.97 7.88
N GLN A 26 -4.14 13.05 7.74
CA GLN A 26 -2.70 13.30 7.60
C GLN A 26 -2.27 13.42 6.11
N PRO A 27 -1.25 14.23 5.76
CA PRO A 27 -0.70 14.28 4.40
C PRO A 27 -0.06 12.95 3.97
N PRO A 28 -0.05 12.61 2.65
CA PRO A 28 0.49 11.36 2.13
C PRO A 28 1.98 11.16 2.46
N THR A 29 2.34 9.92 2.80
CA THR A 29 3.71 9.52 3.17
C THR A 29 4.25 8.42 2.23
N THR A 30 5.43 7.88 2.53
CA THR A 30 6.03 6.67 1.92
C THR A 30 6.86 5.89 2.95
N LYS A 31 6.97 4.57 2.82
CA LYS A 31 7.67 3.65 3.74
C LYS A 31 8.07 2.37 3.02
N THR A 32 9.21 1.81 3.39
CA THR A 32 9.80 0.62 2.74
C THR A 32 9.35 -0.67 3.45
N CYS A 33 8.82 -1.65 2.72
CA CYS A 33 8.40 -2.96 3.26
C CYS A 33 9.00 -4.14 2.47
N SER A 34 9.34 -5.24 3.17
CA SER A 34 9.84 -6.50 2.62
C SER A 34 8.74 -7.39 1.99
N GLU A 35 7.47 -7.02 2.14
CA GLU A 35 6.35 -7.71 1.49
C GLU A 35 6.27 -7.42 -0.01
N THR A 36 5.72 -8.39 -0.73
CA THR A 36 5.51 -8.39 -2.19
C THR A 36 4.16 -7.79 -2.63
N SER A 37 3.39 -7.23 -1.69
CA SER A 37 2.06 -6.63 -1.91
C SER A 37 1.74 -5.61 -0.81
N CYS A 38 0.69 -4.82 -1.01
CA CYS A 38 0.18 -3.83 -0.05
C CYS A 38 -1.36 -3.77 -0.11
N TYR A 39 -1.95 -2.85 0.67
CA TYR A 39 -3.39 -2.64 0.79
C TYR A 39 -3.79 -1.16 0.78
N LYS A 40 -5.09 -0.93 0.51
CA LYS A 40 -5.87 0.29 0.66
C LYS A 40 -7.26 -0.21 1.08
N LYS A 41 -7.70 0.15 2.29
CA LYS A 41 -8.87 -0.42 2.94
C LYS A 41 -9.51 0.67 3.82
N THR A 42 -10.81 0.92 3.68
CA THR A 42 -11.46 2.13 4.27
C THR A 42 -12.88 1.87 4.75
N TRP A 43 -13.20 2.43 5.92
CA TRP A 43 -14.53 2.47 6.54
C TRP A 43 -14.63 3.62 7.56
N ARG A 44 -15.72 3.69 8.33
CA ARG A 44 -16.00 4.70 9.36
C ARG A 44 -15.93 4.13 10.78
N ASP A 45 -14.98 4.60 11.60
CA ASP A 45 -14.96 4.37 13.05
C ASP A 45 -15.83 5.43 13.79
N HIS A 46 -15.99 5.32 15.11
CA HIS A 46 -16.93 6.15 15.90
C HIS A 46 -16.77 7.67 15.69
N ARG A 47 -15.55 8.19 15.76
CA ARG A 47 -15.21 9.61 15.51
C ARG A 47 -15.29 10.02 14.03
N GLY A 48 -14.99 9.11 13.10
CA GLY A 48 -14.90 9.37 11.66
C GLY A 48 -14.14 8.29 10.89
N THR A 49 -14.04 8.46 9.58
CA THR A 49 -13.30 7.57 8.67
C THR A 49 -11.80 7.52 8.93
N ILE A 50 -11.23 6.36 8.63
CA ILE A 50 -9.85 5.95 8.90
C ILE A 50 -9.29 5.27 7.64
N ILE A 51 -7.96 5.24 7.49
CA ILE A 51 -7.33 4.52 6.38
C ILE A 51 -6.52 3.35 6.90
N GLU A 52 -6.80 2.18 6.35
CA GLU A 52 -5.97 0.98 6.48
C GLU A 52 -5.20 0.79 5.17
N ARG A 53 -3.92 0.47 5.29
CA ARG A 53 -2.94 0.56 4.20
C ARG A 53 -1.68 -0.25 4.43
N GLY A 54 -1.90 -1.51 4.77
CA GLY A 54 -0.88 -2.41 5.31
C GLY A 54 0.07 -3.00 4.26
N CYS A 55 1.26 -3.40 4.70
CA CYS A 55 2.19 -4.21 3.90
C CYS A 55 1.73 -5.68 3.97
N GLY A 56 1.72 -6.35 2.81
CA GLY A 56 1.09 -7.67 2.62
C GLY A 56 -0.40 -7.55 2.26
N CYS A 57 -0.99 -8.63 1.75
CA CYS A 57 -2.38 -8.67 1.24
C CYS A 57 -3.19 -9.87 1.79
N PRO A 58 -3.38 -9.96 3.13
CA PRO A 58 -4.17 -11.01 3.82
C PRO A 58 -5.70 -10.83 3.67
N LYS A 59 -6.46 -11.70 4.34
CA LYS A 59 -7.93 -11.58 4.52
C LYS A 59 -8.40 -10.29 5.25
N VAL A 60 -9.70 -10.02 5.16
CA VAL A 60 -10.39 -8.79 5.60
C VAL A 60 -11.72 -9.12 6.31
N LYS A 61 -12.37 -8.10 6.85
CA LYS A 61 -13.69 -8.18 7.52
C LYS A 61 -14.76 -7.56 6.59
N PRO A 62 -16.03 -8.03 6.62
CA PRO A 62 -17.07 -7.67 5.64
C PRO A 62 -17.61 -6.24 5.76
N GLY A 63 -18.13 -5.72 4.65
CA GLY A 63 -18.72 -4.37 4.54
C GLY A 63 -17.71 -3.22 4.35
N ILE A 64 -16.44 -3.45 4.67
CA ILE A 64 -15.33 -2.51 4.43
C ILE A 64 -15.02 -2.42 2.93
N LYS A 65 -14.57 -1.26 2.44
CA LYS A 65 -14.17 -1.02 1.04
C LYS A 65 -12.67 -1.27 0.87
N LEU A 66 -12.23 -1.79 -0.29
CA LEU A 66 -10.84 -2.27 -0.45
C LEU A 66 -10.26 -2.37 -1.88
N HIS A 67 -8.93 -2.29 -1.94
CA HIS A 67 -8.08 -2.60 -3.10
C HIS A 67 -6.68 -3.04 -2.65
N CYS A 68 -6.16 -4.09 -3.28
CA CYS A 68 -4.79 -4.60 -3.15
C CYS A 68 -4.13 -4.65 -4.54
N CYS A 69 -2.84 -4.33 -4.65
CA CYS A 69 -2.08 -4.44 -5.91
C CYS A 69 -0.69 -5.03 -5.71
N ARG A 70 -0.16 -5.63 -6.79
CA ARG A 70 1.12 -6.36 -6.86
C ARG A 70 2.34 -5.50 -7.21
N THR A 71 2.17 -4.17 -7.35
CA THR A 71 3.23 -3.15 -7.41
C THR A 71 2.82 -2.03 -6.44
N ASP A 72 3.77 -1.25 -5.93
CA ASP A 72 3.54 -0.34 -4.80
C ASP A 72 2.51 0.79 -5.06
N LYS A 73 2.89 1.88 -5.72
CA LYS A 73 2.00 3.04 -5.96
C LYS A 73 0.81 2.69 -6.87
N CYS A 74 0.74 1.49 -7.45
CA CYS A 74 -0.48 0.99 -8.09
C CYS A 74 -1.64 0.93 -7.08
N ASN A 75 -1.34 0.64 -5.80
CA ASN A 75 -2.35 0.46 -4.77
C ASN A 75 -2.99 1.78 -4.28
N ASN A 76 -2.32 2.92 -4.42
CA ASN A 76 -2.70 4.19 -3.76
C ASN A 76 -4.06 4.79 -4.17
N MET A 1 -20.24 -16.17 -17.56
CA MET A 1 -18.96 -15.94 -16.85
C MET A 1 -18.86 -14.51 -16.30
N ARG A 2 -18.11 -14.33 -15.21
CA ARG A 2 -17.77 -13.04 -14.60
C ARG A 2 -16.82 -12.19 -15.46
N GLY A 3 -15.99 -12.82 -16.28
CA GLY A 3 -15.06 -12.12 -17.20
C GLY A 3 -13.70 -11.73 -16.59
N SER A 4 -13.33 -12.29 -15.43
CA SER A 4 -12.14 -11.90 -14.67
C SER A 4 -10.82 -12.26 -15.39
N HIS A 5 -9.80 -11.41 -15.24
CA HIS A 5 -8.53 -11.53 -15.98
C HIS A 5 -7.52 -12.52 -15.39
N HIS A 6 -6.67 -13.10 -16.25
CA HIS A 6 -5.49 -13.89 -15.85
C HIS A 6 -4.31 -12.92 -15.64
N HIS A 7 -4.24 -12.32 -14.44
CA HIS A 7 -3.36 -11.17 -14.11
C HIS A 7 -1.86 -11.31 -14.42
N HIS A 8 -1.28 -12.51 -14.49
CA HIS A 8 0.11 -12.72 -14.96
C HIS A 8 0.36 -12.17 -16.37
N HIS A 9 -0.65 -12.08 -17.23
CA HIS A 9 -0.53 -11.43 -18.55
C HIS A 9 -0.48 -9.90 -18.47
N HIS A 10 -1.00 -9.27 -17.42
CA HIS A 10 -0.91 -7.82 -17.24
C HIS A 10 0.47 -7.40 -16.69
N GLY A 11 0.99 -8.15 -15.72
CA GLY A 11 2.33 -7.91 -15.15
C GLY A 11 2.66 -8.83 -13.96
N SER A 12 3.89 -8.72 -13.45
CA SER A 12 4.50 -9.61 -12.47
C SER A 12 5.24 -8.89 -11.33
N ILE A 13 5.57 -9.64 -10.27
CA ILE A 13 6.16 -9.21 -8.99
C ILE A 13 7.39 -8.28 -9.13
N GLU A 14 7.57 -7.35 -8.19
CA GLU A 14 8.63 -6.33 -8.13
C GLU A 14 9.42 -6.37 -6.81
N GLY A 15 9.47 -7.54 -6.16
CA GLY A 15 10.07 -7.70 -4.84
C GLY A 15 9.37 -6.90 -3.73
N ARG A 16 10.14 -6.35 -2.79
CA ARG A 16 9.67 -5.61 -1.61
C ARG A 16 9.06 -4.23 -1.92
N MET A 17 7.95 -3.93 -1.26
CA MET A 17 7.21 -2.66 -1.38
C MET A 17 7.85 -1.46 -0.66
N ILE A 18 7.70 -0.28 -1.27
CA ILE A 18 7.89 1.03 -0.62
C ILE A 18 6.48 1.62 -0.42
N CYS A 19 5.73 1.07 0.54
CA CYS A 19 4.34 1.46 0.74
C CYS A 19 4.23 2.88 1.29
N TYR A 20 3.14 3.55 0.89
CA TYR A 20 2.90 4.96 1.12
C TYR A 20 2.30 5.27 2.52
N ASN A 21 1.71 4.27 3.18
CA ASN A 21 1.29 4.23 4.59
C ASN A 21 0.42 5.40 5.11
N GLN A 22 -0.10 6.25 4.22
CA GLN A 22 -0.74 7.50 4.59
C GLN A 22 -2.13 7.32 5.26
N GLN A 23 -2.67 8.40 5.83
CA GLN A 23 -3.95 8.38 6.56
C GLN A 23 -4.80 9.64 6.29
N SER A 24 -6.15 9.55 6.31
CA SER A 24 -7.08 10.63 5.92
C SER A 24 -7.00 11.96 6.69
N SER A 25 -6.13 12.10 7.69
CA SER A 25 -5.86 13.36 8.41
C SER A 25 -4.48 13.98 8.13
N GLN A 26 -3.69 13.41 7.22
CA GLN A 26 -2.27 13.79 7.00
C GLN A 26 -1.84 13.73 5.52
N PRO A 27 -0.74 14.43 5.13
CA PRO A 27 -0.11 14.27 3.81
C PRO A 27 0.61 12.90 3.63
N PRO A 28 0.94 12.50 2.38
CA PRO A 28 1.47 11.18 2.05
C PRO A 28 2.85 10.84 2.64
N THR A 29 3.06 9.58 3.05
CA THR A 29 4.36 9.06 3.51
C THR A 29 4.98 8.01 2.55
N THR A 30 6.15 7.46 2.88
CA THR A 30 6.80 6.30 2.23
C THR A 30 7.72 5.51 3.19
N LYS A 31 7.74 4.17 3.07
CA LYS A 31 8.60 3.24 3.85
C LYS A 31 8.72 1.87 3.19
N THR A 32 9.84 1.19 3.39
CA THR A 32 10.07 -0.21 2.99
C THR A 32 9.42 -1.24 3.91
N CYS A 33 9.00 -2.36 3.33
CA CYS A 33 8.47 -3.54 4.01
C CYS A 33 8.98 -4.86 3.40
N SER A 34 8.99 -5.94 4.18
CA SER A 34 9.24 -7.33 3.71
C SER A 34 8.12 -7.86 2.80
N GLU A 35 6.89 -7.35 2.96
CA GLU A 35 5.75 -7.73 2.13
C GLU A 35 5.93 -7.29 0.66
N THR A 36 5.39 -8.08 -0.26
CA THR A 36 5.53 -7.90 -1.71
C THR A 36 4.27 -7.35 -2.38
N SER A 37 3.19 -7.13 -1.63
CA SER A 37 1.94 -6.46 -2.04
C SER A 37 1.67 -5.24 -1.15
N CYS A 38 0.91 -4.25 -1.64
CA CYS A 38 0.39 -3.14 -0.83
C CYS A 38 -1.15 -3.12 -0.84
N TYR A 39 -1.75 -2.22 -0.05
CA TYR A 39 -3.19 -2.18 0.24
C TYR A 39 -3.79 -0.76 0.23
N LYS A 40 -5.12 -0.72 0.14
CA LYS A 40 -6.06 0.39 0.36
C LYS A 40 -7.30 -0.23 1.01
N LYS A 41 -7.79 0.38 2.10
CA LYS A 41 -8.97 -0.03 2.87
C LYS A 41 -9.80 1.17 3.35
N THR A 42 -11.08 0.97 3.66
CA THR A 42 -11.99 2.00 4.20
C THR A 42 -13.18 1.38 4.94
N TRP A 43 -13.52 1.94 6.10
CA TRP A 43 -14.66 1.53 6.93
C TRP A 43 -15.13 2.65 7.86
N ARG A 44 -16.13 2.34 8.70
CA ARG A 44 -16.71 3.26 9.71
C ARG A 44 -16.28 2.91 11.14
N ASP A 45 -16.00 3.94 11.93
CA ASP A 45 -15.68 3.85 13.36
C ASP A 45 -16.56 4.82 14.20
N HIS A 46 -16.24 5.01 15.48
CA HIS A 46 -17.06 5.70 16.49
C HIS A 46 -17.77 7.01 16.09
N ARG A 47 -17.19 7.88 15.25
CA ARG A 47 -17.76 9.19 14.86
C ARG A 47 -17.86 9.42 13.36
N GLY A 48 -17.16 8.64 12.54
CA GLY A 48 -17.11 8.79 11.08
C GLY A 48 -16.35 7.65 10.40
N THR A 49 -15.99 7.83 9.12
CA THR A 49 -15.16 6.91 8.35
C THR A 49 -13.68 7.31 8.40
N ILE A 50 -12.83 6.35 8.07
CA ILE A 50 -11.34 6.45 8.07
C ILE A 50 -10.76 5.86 6.77
N ILE A 51 -9.65 6.40 6.25
CA ILE A 51 -9.01 5.91 5.01
C ILE A 51 -7.62 5.35 5.27
N GLU A 52 -7.47 4.07 4.94
CA GLU A 52 -6.31 3.24 5.31
C GLU A 52 -5.58 2.56 4.15
N ARG A 53 -4.32 2.21 4.40
CA ARG A 53 -3.35 1.62 3.45
C ARG A 53 -2.11 1.11 4.19
N GLY A 54 -1.56 -0.04 3.81
CA GLY A 54 -0.34 -0.60 4.43
C GLY A 54 0.27 -1.78 3.67
N CYS A 55 1.30 -2.40 4.25
CA CYS A 55 2.07 -3.50 3.65
C CYS A 55 1.37 -4.87 3.78
N GLY A 56 1.36 -5.64 2.69
CA GLY A 56 0.69 -6.94 2.55
C GLY A 56 -0.75 -6.83 2.01
N CYS A 57 -1.40 -7.98 1.84
CA CYS A 57 -2.81 -8.09 1.42
C CYS A 57 -3.66 -9.07 2.30
N PRO A 58 -3.54 -9.08 3.66
CA PRO A 58 -4.31 -10.00 4.51
C PRO A 58 -5.81 -9.63 4.63
N LYS A 59 -6.69 -10.64 4.57
CA LYS A 59 -8.16 -10.48 4.63
C LYS A 59 -8.70 -9.95 5.98
N VAL A 60 -9.86 -9.29 5.93
CA VAL A 60 -10.48 -8.51 7.03
C VAL A 60 -12.01 -8.70 7.05
N LYS A 61 -12.70 -8.02 7.99
CA LYS A 61 -14.16 -8.09 8.16
C LYS A 61 -14.94 -7.71 6.87
N PRO A 62 -16.12 -8.30 6.60
CA PRO A 62 -16.84 -8.14 5.34
C PRO A 62 -17.43 -6.73 5.11
N GLY A 63 -17.63 -5.94 6.16
CA GLY A 63 -18.07 -4.54 6.05
C GLY A 63 -16.96 -3.54 5.73
N ILE A 64 -15.69 -3.98 5.68
CA ILE A 64 -14.55 -3.14 5.28
C ILE A 64 -14.32 -3.25 3.76
N LYS A 65 -14.18 -2.11 3.08
CA LYS A 65 -13.84 -1.98 1.66
C LYS A 65 -12.34 -2.17 1.47
N LEU A 66 -11.92 -2.72 0.33
CA LEU A 66 -10.53 -3.10 0.09
C LEU A 66 -10.09 -3.14 -1.40
N HIS A 67 -8.81 -2.85 -1.66
CA HIS A 67 -8.11 -2.90 -2.95
C HIS A 67 -6.62 -3.18 -2.72
N CYS A 68 -6.09 -4.31 -3.22
CA CYS A 68 -4.64 -4.62 -3.22
C CYS A 68 -4.00 -4.39 -4.60
N CYS A 69 -2.67 -4.26 -4.65
CA CYS A 69 -1.87 -4.28 -5.89
C CYS A 69 -0.65 -5.19 -5.78
N ARG A 70 -0.18 -5.67 -6.95
CA ARG A 70 1.06 -6.45 -7.12
C ARG A 70 2.33 -5.62 -6.88
N THR A 71 2.27 -4.30 -7.00
CA THR A 71 3.36 -3.32 -6.77
C THR A 71 2.88 -2.17 -5.87
N ASP A 72 3.82 -1.42 -5.31
CA ASP A 72 3.55 -0.44 -4.25
C ASP A 72 2.69 0.76 -4.69
N LYS A 73 3.27 1.68 -5.47
CA LYS A 73 2.63 2.92 -5.93
C LYS A 73 1.56 2.69 -7.03
N CYS A 74 1.18 1.43 -7.31
CA CYS A 74 -0.01 1.10 -8.10
C CYS A 74 -1.29 1.40 -7.29
N ASN A 75 -1.22 1.16 -5.98
CA ASN A 75 -2.38 1.14 -5.10
C ASN A 75 -2.79 2.51 -4.54
N ASN A 76 -1.84 3.45 -4.56
CA ASN A 76 -1.92 4.74 -3.88
C ASN A 76 -3.10 5.64 -4.28
N MET A 1 28.78 20.79 5.62
CA MET A 1 27.58 19.97 5.34
C MET A 1 26.56 20.82 4.58
N ARG A 2 26.04 20.34 3.46
CA ARG A 2 25.11 21.09 2.58
C ARG A 2 23.68 21.09 3.10
N GLY A 3 22.89 22.12 2.76
CA GLY A 3 21.56 22.36 3.30
C GLY A 3 20.50 21.31 2.93
N SER A 4 20.47 20.84 1.67
CA SER A 4 19.65 19.69 1.27
C SER A 4 20.31 18.37 1.66
N HIS A 5 19.56 17.51 2.37
CA HIS A 5 20.02 16.23 2.90
C HIS A 5 20.49 15.27 1.81
N HIS A 6 21.41 14.36 2.14
CA HIS A 6 21.94 13.31 1.26
C HIS A 6 20.96 12.13 1.07
N HIS A 7 19.65 12.40 1.11
CA HIS A 7 18.57 11.44 0.91
C HIS A 7 18.28 11.22 -0.58
N HIS A 8 18.06 9.98 -1.00
CA HIS A 8 17.76 9.64 -2.40
C HIS A 8 16.40 10.21 -2.86
N HIS A 9 16.29 10.51 -4.16
CA HIS A 9 15.13 11.15 -4.78
C HIS A 9 13.93 10.20 -4.87
N HIS A 10 12.71 10.73 -4.73
CA HIS A 10 11.48 9.95 -4.92
C HIS A 10 11.35 9.52 -6.39
N GLY A 11 11.16 8.22 -6.63
CA GLY A 11 11.09 7.64 -7.97
C GLY A 11 11.05 6.10 -7.97
N SER A 12 10.88 5.53 -9.15
CA SER A 12 10.67 4.08 -9.36
C SER A 12 11.91 3.23 -9.00
N ILE A 13 11.69 1.97 -8.63
CA ILE A 13 12.76 1.01 -8.31
C ILE A 13 12.34 -0.46 -8.55
N GLU A 14 13.18 -1.20 -9.27
CA GLU A 14 13.04 -2.65 -9.49
C GLU A 14 13.59 -3.43 -8.27
N GLY A 15 12.85 -3.42 -7.17
CA GLY A 15 13.24 -3.96 -5.86
C GLY A 15 12.05 -4.18 -4.91
N ARG A 16 12.27 -4.19 -3.59
CA ARG A 16 11.16 -4.30 -2.61
C ARG A 16 10.18 -3.13 -2.74
N MET A 17 8.90 -3.38 -2.47
CA MET A 17 7.83 -2.40 -2.57
C MET A 17 8.08 -1.18 -1.66
N ILE A 18 7.85 0.02 -2.19
CA ILE A 18 7.81 1.25 -1.39
C ILE A 18 6.35 1.70 -1.22
N CYS A 19 5.67 1.18 -0.21
CA CYS A 19 4.26 1.50 0.04
C CYS A 19 4.17 2.87 0.70
N TYR A 20 3.42 3.79 0.11
CA TYR A 20 3.37 5.20 0.52
C TYR A 20 2.68 5.35 1.90
N ASN A 21 1.73 4.47 2.18
CA ASN A 21 1.09 4.24 3.47
C ASN A 21 0.32 5.46 4.03
N GLN A 22 -0.02 6.43 3.18
CA GLN A 22 -0.68 7.67 3.56
C GLN A 22 -2.06 7.45 4.20
N GLN A 23 -2.36 8.22 5.24
CA GLN A 23 -3.50 8.05 6.15
C GLN A 23 -4.35 9.33 6.26
N SER A 24 -5.66 9.18 6.46
CA SER A 24 -6.68 10.25 6.38
C SER A 24 -6.68 11.27 7.53
N SER A 25 -5.68 11.27 8.41
CA SER A 25 -5.51 12.21 9.53
C SER A 25 -4.21 13.04 9.44
N GLN A 26 -3.37 12.80 8.43
CA GLN A 26 -2.01 13.36 8.33
C GLN A 26 -1.54 13.48 6.85
N PRO A 27 -0.60 14.40 6.53
CA PRO A 27 0.00 14.52 5.19
C PRO A 27 0.78 13.25 4.75
N PRO A 28 0.98 13.03 3.42
CA PRO A 28 1.50 11.80 2.82
C PRO A 28 2.84 11.27 3.34
N THR A 29 3.13 10.00 3.05
CA THR A 29 4.34 9.31 3.55
C THR A 29 4.97 8.40 2.47
N THR A 30 6.14 7.81 2.77
CA THR A 30 6.81 6.74 2.01
C THR A 30 7.60 5.80 2.92
N LYS A 31 7.75 4.50 2.56
CA LYS A 31 8.47 3.47 3.32
C LYS A 31 8.65 2.20 2.51
N THR A 32 9.71 1.45 2.77
CA THR A 32 9.95 0.10 2.25
C THR A 32 9.20 -0.99 3.02
N CYS A 33 8.81 -2.04 2.30
CA CYS A 33 8.29 -3.29 2.86
C CYS A 33 8.81 -4.51 2.09
N SER A 34 9.20 -5.55 2.82
CA SER A 34 9.58 -6.86 2.28
C SER A 34 8.38 -7.64 1.68
N GLU A 35 7.16 -7.29 2.06
CA GLU A 35 5.94 -7.99 1.67
C GLU A 35 5.61 -7.88 0.17
N THR A 36 4.88 -8.85 -0.37
CA THR A 36 4.56 -9.01 -1.80
C THR A 36 3.65 -7.92 -2.40
N SER A 37 2.95 -7.12 -1.60
CA SER A 37 1.99 -6.09 -2.06
C SER A 37 1.70 -5.05 -0.98
N CYS A 38 1.18 -3.88 -1.39
CA CYS A 38 0.62 -2.86 -0.50
C CYS A 38 -0.88 -3.15 -0.24
N TYR A 39 -1.55 -2.32 0.57
CA TYR A 39 -3.01 -2.41 0.80
C TYR A 39 -3.66 -1.02 0.96
N LYS A 40 -4.95 -0.95 0.65
CA LYS A 40 -5.84 0.21 0.80
C LYS A 40 -7.21 -0.28 1.28
N LYS A 41 -7.56 0.07 2.52
CA LYS A 41 -8.84 -0.22 3.17
C LYS A 41 -9.59 1.05 3.57
N THR A 42 -10.91 0.96 3.65
CA THR A 42 -11.79 2.12 3.96
C THR A 42 -13.08 1.65 4.65
N TRP A 43 -13.47 2.31 5.74
CA TRP A 43 -14.74 2.08 6.46
C TRP A 43 -15.15 3.27 7.33
N ARG A 44 -16.26 3.13 8.08
CA ARG A 44 -16.76 4.08 9.09
C ARG A 44 -16.78 3.46 10.50
N ASP A 45 -16.30 4.19 11.51
CA ASP A 45 -16.47 3.84 12.93
C ASP A 45 -17.51 4.73 13.64
N HIS A 46 -17.55 4.62 14.97
CA HIS A 46 -18.45 5.35 15.89
C HIS A 46 -18.46 6.87 15.72
N ARG A 47 -17.38 7.47 15.19
CA ARG A 47 -17.29 8.90 14.89
C ARG A 47 -17.42 9.21 13.40
N GLY A 48 -16.79 8.43 12.53
CA GLY A 48 -16.76 8.70 11.08
C GLY A 48 -15.84 7.82 10.23
N THR A 49 -15.72 8.18 8.96
CA THR A 49 -14.94 7.48 7.92
C THR A 49 -13.43 7.70 8.04
N ILE A 50 -12.68 6.62 7.78
CA ILE A 50 -11.21 6.58 7.90
C ILE A 50 -10.59 5.89 6.67
N ILE A 51 -9.27 6.00 6.53
CA ILE A 51 -8.46 5.26 5.56
C ILE A 51 -7.42 4.40 6.29
N GLU A 52 -7.32 3.15 5.85
CA GLU A 52 -6.33 2.18 6.36
C GLU A 52 -5.45 1.61 5.25
N ARG A 53 -4.24 1.22 5.63
CA ARG A 53 -3.18 0.81 4.72
C ARG A 53 -2.05 0.11 5.47
N GLY A 54 -1.57 -0.99 4.92
CA GLY A 54 -0.42 -1.74 5.43
C GLY A 54 0.32 -2.47 4.31
N CYS A 55 1.37 -3.23 4.67
CA CYS A 55 2.06 -4.12 3.74
C CYS A 55 1.55 -5.57 3.91
N GLY A 56 1.39 -6.29 2.80
CA GLY A 56 0.68 -7.57 2.73
C GLY A 56 -0.84 -7.40 2.61
N CYS A 57 -1.55 -8.39 2.06
CA CYS A 57 -2.98 -8.33 1.71
C CYS A 57 -3.84 -9.40 2.43
N PRO A 58 -3.98 -9.37 3.77
CA PRO A 58 -4.78 -10.33 4.54
C PRO A 58 -6.30 -10.11 4.44
N LYS A 59 -7.06 -11.11 4.91
CA LYS A 59 -8.52 -11.13 5.01
C LYS A 59 -9.05 -10.16 6.09
N VAL A 60 -10.33 -9.79 6.00
CA VAL A 60 -10.94 -8.68 6.77
C VAL A 60 -12.39 -8.96 7.23
N LYS A 61 -12.89 -8.09 8.12
CA LYS A 61 -14.32 -8.03 8.53
C LYS A 61 -15.22 -7.68 7.33
N PRO A 62 -16.49 -8.14 7.29
CA PRO A 62 -17.47 -7.67 6.31
C PRO A 62 -17.73 -6.16 6.47
N GLY A 63 -18.23 -5.52 5.41
CA GLY A 63 -18.55 -4.08 5.40
C GLY A 63 -17.34 -3.13 5.32
N ILE A 64 -16.11 -3.65 5.34
CA ILE A 64 -14.89 -2.88 5.04
C ILE A 64 -14.54 -3.01 3.56
N LYS A 65 -14.24 -1.89 2.90
CA LYS A 65 -13.80 -1.82 1.48
C LYS A 65 -12.29 -2.06 1.41
N LEU A 66 -11.80 -2.71 0.35
CA LEU A 66 -10.41 -3.20 0.26
C LEU A 66 -9.87 -3.34 -1.18
N HIS A 67 -8.56 -3.06 -1.37
CA HIS A 67 -7.84 -3.38 -2.61
C HIS A 67 -6.32 -3.42 -2.39
N CYS A 68 -5.66 -4.46 -2.90
CA CYS A 68 -4.20 -4.58 -2.96
C CYS A 68 -3.72 -4.74 -4.41
N CYS A 69 -2.60 -4.10 -4.77
CA CYS A 69 -1.98 -4.20 -6.09
C CYS A 69 -0.59 -4.83 -6.06
N ARG A 70 -0.22 -5.47 -7.17
CA ARG A 70 1.04 -6.18 -7.39
C ARG A 70 2.27 -5.26 -7.46
N THR A 71 2.08 -3.97 -7.74
CA THR A 71 3.13 -2.93 -7.68
C THR A 71 2.73 -1.83 -6.69
N ASP A 72 3.72 -1.09 -6.17
CA ASP A 72 3.52 -0.20 -5.02
C ASP A 72 2.63 1.03 -5.28
N LYS A 73 3.10 2.02 -6.05
CA LYS A 73 2.33 3.23 -6.39
C LYS A 73 1.11 2.94 -7.29
N CYS A 74 0.91 1.71 -7.76
CA CYS A 74 -0.36 1.29 -8.37
C CYS A 74 -1.51 1.38 -7.36
N ASN A 75 -1.25 1.04 -6.09
CA ASN A 75 -2.29 1.01 -5.06
C ASN A 75 -2.82 2.41 -4.67
N ASN A 76 -2.15 3.48 -5.12
CA ASN A 76 -2.39 4.87 -4.72
C ASN A 76 -3.82 5.37 -4.97
#